data_2Q2F
# 
_entry.id   2Q2F 
# 
_audit_conform.dict_name       mmcif_pdbx.dic 
_audit_conform.dict_version    5.397 
_audit_conform.dict_location   http://mmcif.pdb.org/dictionaries/ascii/mmcif_pdbx.dic 
# 
loop_
_database_2.database_id 
_database_2.database_code 
_database_2.pdbx_database_accession 
_database_2.pdbx_DOI 
PDB   2Q2F         pdb_00002q2f 10.2210/pdb2q2f/pdb 
RCSB  RCSB043063   ?            ?                   
WWPDB D_1000043063 ?            ?                   
# 
loop_
_pdbx_audit_revision_history.ordinal 
_pdbx_audit_revision_history.data_content_type 
_pdbx_audit_revision_history.major_revision 
_pdbx_audit_revision_history.minor_revision 
_pdbx_audit_revision_history.revision_date 
1 'Structure model' 1 0 2007-06-05 
2 'Structure model' 1 1 2008-05-01 
3 'Structure model' 1 2 2011-07-13 
4 'Structure model' 1 3 2024-10-16 
# 
_pdbx_audit_revision_details.ordinal             1 
_pdbx_audit_revision_details.revision_ordinal    1 
_pdbx_audit_revision_details.data_content_type   'Structure model' 
_pdbx_audit_revision_details.provider            repository 
_pdbx_audit_revision_details.type                'Initial release' 
_pdbx_audit_revision_details.description         ? 
_pdbx_audit_revision_details.details             ? 
# 
loop_
_pdbx_audit_revision_group.ordinal 
_pdbx_audit_revision_group.revision_ordinal 
_pdbx_audit_revision_group.data_content_type 
_pdbx_audit_revision_group.group 
1 2 'Structure model' 'Version format compliance' 
2 3 'Structure model' 'Derived calculations'      
3 3 'Structure model' 'Version format compliance' 
4 4 'Structure model' 'Data collection'           
5 4 'Structure model' 'Database references'       
6 4 'Structure model' 'Derived calculations'      
7 4 'Structure model' 'Structure summary'         
# 
loop_
_pdbx_audit_revision_category.ordinal 
_pdbx_audit_revision_category.revision_ordinal 
_pdbx_audit_revision_category.data_content_type 
_pdbx_audit_revision_category.category 
1 4 'Structure model' chem_comp_atom            
2 4 'Structure model' chem_comp_bond            
3 4 'Structure model' database_2                
4 4 'Structure model' pdbx_entry_details        
5 4 'Structure model' pdbx_modification_feature 
6 4 'Structure model' struct_conn               
7 4 'Structure model' struct_ref_seq_dif        
8 4 'Structure model' struct_site               
# 
loop_
_pdbx_audit_revision_item.ordinal 
_pdbx_audit_revision_item.revision_ordinal 
_pdbx_audit_revision_item.data_content_type 
_pdbx_audit_revision_item.item 
1 4 'Structure model' '_database_2.pdbx_DOI'                
2 4 'Structure model' '_database_2.pdbx_database_accession' 
3 4 'Structure model' '_struct_conn.pdbx_leaving_atom_flag' 
4 4 'Structure model' '_struct_ref_seq_dif.details'         
5 4 'Structure model' '_struct_site.pdbx_auth_asym_id'      
6 4 'Structure model' '_struct_site.pdbx_auth_comp_id'      
7 4 'Structure model' '_struct_site.pdbx_auth_seq_id'       
# 
_pdbx_database_status.status_code                     REL 
_pdbx_database_status.entry_id                        2Q2F 
_pdbx_database_status.recvd_initial_deposition_date   2007-05-28 
_pdbx_database_status.deposit_site                    RCSB 
_pdbx_database_status.process_site                    RCSB 
_pdbx_database_status.status_code_sf                  REL 
_pdbx_database_status.status_code_mr                  ? 
_pdbx_database_status.SG_entry                        Y 
_pdbx_database_status.pdb_format_compatible           Y 
_pdbx_database_status.status_code_cs                  ? 
_pdbx_database_status.status_code_nmr_data            ? 
_pdbx_database_status.methods_development_category    ? 
# 
loop_
_audit_author.name 
_audit_author.pdbx_ordinal 
'Walker, J.R.'                         1  
'Paramanathan, R.'                     2  
'Butler-Cole, C.'                      3  
'Weigelt, J.'                          4  
'Sundstrom, M.'                        5  
'Arrowsmith, C.H.'                     6  
'Edwards, A.M.'                        7  
'Bochkarev, A.'                        8  
'Dhe-Paganon, S.'                      9  
'Structural Genomics Consortium (SGC)' 10 
# 
_citation.id                        primary 
_citation.title                     'Human Selenoprotein S (VCP-interacting membrane protein).' 
_citation.journal_abbrev            'To be Published' 
_citation.journal_volume            ? 
_citation.page_first                ? 
_citation.page_last                 ? 
_citation.year                      ? 
_citation.journal_id_ASTM           ? 
_citation.country                   ? 
_citation.journal_id_ISSN           ? 
_citation.journal_id_CSD            0353 
_citation.book_publisher            ? 
_citation.pdbx_database_id_PubMed   ? 
_citation.pdbx_database_id_DOI      ? 
# 
loop_
_citation_author.citation_id 
_citation_author.name 
_citation_author.ordinal 
_citation_author.identifier_ORCID 
primary 'Walker, J.R.'     1 ? 
primary 'Paramanathan, R.' 2 ? 
primary 'Butler-Cole, C.'  3 ? 
primary 'Weigelt, J.'      4 ? 
primary 'Sundstrom, M.'    5 ? 
primary 'Arrowsmith, C.H.' 6 ? 
primary 'Edwards, A.M.'    7 ? 
primary 'Bochkarev, A.'    8 ? 
primary 'Dhe-Paganon, S.'  9 ? 
# 
loop_
_entity.id 
_entity.type 
_entity.src_method 
_entity.pdbx_description 
_entity.formula_weight 
_entity.pdbx_number_of_molecules 
_entity.pdbx_ec 
_entity.pdbx_mutation 
_entity.pdbx_fragment 
_entity.details 
1 polymer     man 'Selenoprotein S' 10786.705 1  ? ? 'Coiled-coil Domain, Residues 52-122' ? 
2 non-polymer syn 'CHLORIDE ION'    35.453    2  ? ? ?                                     ? 
3 non-polymer syn GLYCEROL          92.094    1  ? ? ?                                     ? 
4 water       nat water             18.015    68 ? ? ?                                     ? 
# 
_entity_name_com.entity_id   1 
_entity_name_com.name        'VCP-interacting membrane protein' 
# 
_entity_poly.entity_id                      1 
_entity_poly.type                           'polypeptide(L)' 
_entity_poly.nstd_linkage                   no 
_entity_poly.nstd_monomer                   yes 
_entity_poly.pdbx_seq_one_letter_code       
;(MSE)HHHHHHSSGRENLYFQGSARLRALRQRQLDRAAAAVEPDVVVKRQEALAAARLK(MSE)QEELNAQVEKHKEKLK
QLEEEKRRQKIE(MSE)WDS(MSE)
;
_entity_poly.pdbx_seq_one_letter_code_can   
;MHHHHHHSSGRENLYFQGSARLRALRQRQLDRAAAAVEPDVVVKRQEALAAARLKMQEELNAQVEKHKEKLKQLEEEKRR
QKIEMWDSM
;
_entity_poly.pdbx_strand_id                 A 
_entity_poly.pdbx_target_identifier         ? 
# 
loop_
_pdbx_entity_nonpoly.entity_id 
_pdbx_entity_nonpoly.name 
_pdbx_entity_nonpoly.comp_id 
2 'CHLORIDE ION' CL  
3 GLYCEROL       GOL 
4 water          HOH 
# 
loop_
_entity_poly_seq.entity_id 
_entity_poly_seq.num 
_entity_poly_seq.mon_id 
_entity_poly_seq.hetero 
1 1  MSE n 
1 2  HIS n 
1 3  HIS n 
1 4  HIS n 
1 5  HIS n 
1 6  HIS n 
1 7  HIS n 
1 8  SER n 
1 9  SER n 
1 10 GLY n 
1 11 ARG n 
1 12 GLU n 
1 13 ASN n 
1 14 LEU n 
1 15 TYR n 
1 16 PHE n 
1 17 GLN n 
1 18 GLY n 
1 19 SER n 
1 20 ALA n 
1 21 ARG n 
1 22 LEU n 
1 23 ARG n 
1 24 ALA n 
1 25 LEU n 
1 26 ARG n 
1 27 GLN n 
1 28 ARG n 
1 29 GLN n 
1 30 LEU n 
1 31 ASP n 
1 32 ARG n 
1 33 ALA n 
1 34 ALA n 
1 35 ALA n 
1 36 ALA n 
1 37 VAL n 
1 38 GLU n 
1 39 PRO n 
1 40 ASP n 
1 41 VAL n 
1 42 VAL n 
1 43 VAL n 
1 44 LYS n 
1 45 ARG n 
1 46 GLN n 
1 47 GLU n 
1 48 ALA n 
1 49 LEU n 
1 50 ALA n 
1 51 ALA n 
1 52 ALA n 
1 53 ARG n 
1 54 LEU n 
1 55 LYS n 
1 56 MSE n 
1 57 GLN n 
1 58 GLU n 
1 59 GLU n 
1 60 LEU n 
1 61 ASN n 
1 62 ALA n 
1 63 GLN n 
1 64 VAL n 
1 65 GLU n 
1 66 LYS n 
1 67 HIS n 
1 68 LYS n 
1 69 GLU n 
1 70 LYS n 
1 71 LEU n 
1 72 LYS n 
1 73 GLN n 
1 74 LEU n 
1 75 GLU n 
1 76 GLU n 
1 77 GLU n 
1 78 LYS n 
1 79 ARG n 
1 80 ARG n 
1 81 GLN n 
1 82 LYS n 
1 83 ILE n 
1 84 GLU n 
1 85 MSE n 
1 86 TRP n 
1 87 ASP n 
1 88 SER n 
1 89 MSE n 
# 
_entity_src_gen.entity_id                          1 
_entity_src_gen.pdbx_src_id                        1 
_entity_src_gen.pdbx_alt_source_flag               sample 
_entity_src_gen.pdbx_seq_type                      ? 
_entity_src_gen.pdbx_beg_seq_num                   ? 
_entity_src_gen.pdbx_end_seq_num                   ? 
_entity_src_gen.gene_src_common_name               human 
_entity_src_gen.gene_src_genus                     Homo 
_entity_src_gen.pdbx_gene_src_gene                 'SELS, VIMP, AD-015, SBBI8' 
_entity_src_gen.gene_src_species                   ? 
_entity_src_gen.gene_src_strain                    ? 
_entity_src_gen.gene_src_tissue                    ? 
_entity_src_gen.gene_src_tissue_fraction           ? 
_entity_src_gen.gene_src_details                   ? 
_entity_src_gen.pdbx_gene_src_fragment             ? 
_entity_src_gen.pdbx_gene_src_scientific_name      'Homo sapiens' 
_entity_src_gen.pdbx_gene_src_ncbi_taxonomy_id     9606 
_entity_src_gen.pdbx_gene_src_variant              ? 
_entity_src_gen.pdbx_gene_src_cell_line            ? 
_entity_src_gen.pdbx_gene_src_atcc                 ? 
_entity_src_gen.pdbx_gene_src_organ                ? 
_entity_src_gen.pdbx_gene_src_organelle            ? 
_entity_src_gen.pdbx_gene_src_cell                 ? 
_entity_src_gen.pdbx_gene_src_cellular_location    ? 
_entity_src_gen.host_org_common_name               ? 
_entity_src_gen.pdbx_host_org_scientific_name      'Escherichia coli BL21(DE3)' 
_entity_src_gen.pdbx_host_org_ncbi_taxonomy_id     469008 
_entity_src_gen.host_org_genus                     Escherichia 
_entity_src_gen.pdbx_host_org_gene                 ? 
_entity_src_gen.pdbx_host_org_organ                ? 
_entity_src_gen.host_org_species                   'Escherichia coli' 
_entity_src_gen.pdbx_host_org_tissue               ? 
_entity_src_gen.pdbx_host_org_tissue_fraction      ? 
_entity_src_gen.pdbx_host_org_strain               'BL21(DE3)' 
_entity_src_gen.pdbx_host_org_variant              ? 
_entity_src_gen.pdbx_host_org_cell_line            ? 
_entity_src_gen.pdbx_host_org_atcc                 ? 
_entity_src_gen.pdbx_host_org_culture_collection   ? 
_entity_src_gen.pdbx_host_org_cell                 ? 
_entity_src_gen.pdbx_host_org_organelle            ? 
_entity_src_gen.pdbx_host_org_cellular_location    ? 
_entity_src_gen.pdbx_host_org_vector_type          Plasmid 
_entity_src_gen.pdbx_host_org_vector               ? 
_entity_src_gen.host_org_details                   ? 
_entity_src_gen.expression_system_id               ? 
_entity_src_gen.plasmid_name                       pET28-LIC 
_entity_src_gen.plasmid_details                    ? 
_entity_src_gen.pdbx_description                   ? 
# 
loop_
_chem_comp.id 
_chem_comp.type 
_chem_comp.mon_nstd_flag 
_chem_comp.name 
_chem_comp.pdbx_synonyms 
_chem_comp.formula 
_chem_comp.formula_weight 
ALA 'L-peptide linking' y ALANINE          ?                               'C3 H7 N O2'     89.093  
ARG 'L-peptide linking' y ARGININE         ?                               'C6 H15 N4 O2 1' 175.209 
ASN 'L-peptide linking' y ASPARAGINE       ?                               'C4 H8 N2 O3'    132.118 
ASP 'L-peptide linking' y 'ASPARTIC ACID'  ?                               'C4 H7 N O4'     133.103 
CL  non-polymer         . 'CHLORIDE ION'   ?                               'Cl -1'          35.453  
GLN 'L-peptide linking' y GLUTAMINE        ?                               'C5 H10 N2 O3'   146.144 
GLU 'L-peptide linking' y 'GLUTAMIC ACID'  ?                               'C5 H9 N O4'     147.129 
GLY 'peptide linking'   y GLYCINE          ?                               'C2 H5 N O2'     75.067  
GOL non-polymer         . GLYCEROL         'GLYCERIN; PROPANE-1,2,3-TRIOL' 'C3 H8 O3'       92.094  
HIS 'L-peptide linking' y HISTIDINE        ?                               'C6 H10 N3 O2 1' 156.162 
HOH non-polymer         . WATER            ?                               'H2 O'           18.015  
ILE 'L-peptide linking' y ISOLEUCINE       ?                               'C6 H13 N O2'    131.173 
LEU 'L-peptide linking' y LEUCINE          ?                               'C6 H13 N O2'    131.173 
LYS 'L-peptide linking' y LYSINE           ?                               'C6 H15 N2 O2 1' 147.195 
MET 'L-peptide linking' y METHIONINE       ?                               'C5 H11 N O2 S'  149.211 
MSE 'L-peptide linking' n SELENOMETHIONINE ?                               'C5 H11 N O2 Se' 196.106 
PHE 'L-peptide linking' y PHENYLALANINE    ?                               'C9 H11 N O2'    165.189 
PRO 'L-peptide linking' y PROLINE          ?                               'C5 H9 N O2'     115.130 
SER 'L-peptide linking' y SERINE           ?                               'C3 H7 N O3'     105.093 
TRP 'L-peptide linking' y TRYPTOPHAN       ?                               'C11 H12 N2 O2'  204.225 
TYR 'L-peptide linking' y TYROSINE         ?                               'C9 H11 N O3'    181.189 
VAL 'L-peptide linking' y VALINE           ?                               'C5 H11 N O2'    117.146 
# 
loop_
_pdbx_poly_seq_scheme.asym_id 
_pdbx_poly_seq_scheme.entity_id 
_pdbx_poly_seq_scheme.seq_id 
_pdbx_poly_seq_scheme.mon_id 
_pdbx_poly_seq_scheme.ndb_seq_num 
_pdbx_poly_seq_scheme.pdb_seq_num 
_pdbx_poly_seq_scheme.auth_seq_num 
_pdbx_poly_seq_scheme.pdb_mon_id 
_pdbx_poly_seq_scheme.auth_mon_id 
_pdbx_poly_seq_scheme.pdb_strand_id 
_pdbx_poly_seq_scheme.pdb_ins_code 
_pdbx_poly_seq_scheme.hetero 
A 1 1  MSE 1  34  ?   ?   ?   A . n 
A 1 2  HIS 2  35  ?   ?   ?   A . n 
A 1 3  HIS 3  36  ?   ?   ?   A . n 
A 1 4  HIS 4  37  ?   ?   ?   A . n 
A 1 5  HIS 5  38  ?   ?   ?   A . n 
A 1 6  HIS 6  39  ?   ?   ?   A . n 
A 1 7  HIS 7  40  ?   ?   ?   A . n 
A 1 8  SER 8  41  ?   ?   ?   A . n 
A 1 9  SER 9  42  ?   ?   ?   A . n 
A 1 10 GLY 10 43  ?   ?   ?   A . n 
A 1 11 ARG 11 44  ?   ?   ?   A . n 
A 1 12 GLU 12 45  ?   ?   ?   A . n 
A 1 13 ASN 13 46  ?   ?   ?   A . n 
A 1 14 LEU 14 47  ?   ?   ?   A . n 
A 1 15 TYR 15 48  ?   ?   ?   A . n 
A 1 16 PHE 16 49  ?   ?   ?   A . n 
A 1 17 GLN 17 50  ?   ?   ?   A . n 
A 1 18 GLY 18 51  51  GLY GLY A . n 
A 1 19 SER 19 52  52  SER SER A . n 
A 1 20 ALA 20 53  53  ALA ALA A . n 
A 1 21 ARG 21 54  54  ARG ARG A . n 
A 1 22 LEU 22 55  55  LEU LEU A . n 
A 1 23 ARG 23 56  56  ARG ARG A . n 
A 1 24 ALA 24 57  57  ALA ALA A . n 
A 1 25 LEU 25 58  58  LEU LEU A . n 
A 1 26 ARG 26 59  59  ARG ARG A . n 
A 1 27 GLN 27 60  60  GLN GLN A . n 
A 1 28 ARG 28 61  61  ARG ARG A . n 
A 1 29 GLN 29 62  62  GLN GLN A . n 
A 1 30 LEU 30 63  63  LEU LEU A . n 
A 1 31 ASP 31 64  64  ASP ASP A . n 
A 1 32 ARG 32 65  65  ARG ARG A . n 
A 1 33 ALA 33 66  66  ALA ALA A . n 
A 1 34 ALA 34 67  67  ALA ALA A . n 
A 1 35 ALA 35 68  68  ALA ALA A . n 
A 1 36 ALA 36 69  69  ALA ALA A . n 
A 1 37 VAL 37 70  70  VAL VAL A . n 
A 1 38 GLU 38 71  71  GLU GLU A . n 
A 1 39 PRO 39 72  72  PRO PRO A . n 
A 1 40 ASP 40 73  73  ASP ASP A . n 
A 1 41 VAL 41 74  74  VAL VAL A . n 
A 1 42 VAL 42 75  75  VAL VAL A . n 
A 1 43 VAL 43 76  76  VAL VAL A . n 
A 1 44 LYS 44 77  77  LYS LYS A . n 
A 1 45 ARG 45 78  78  ARG ARG A . n 
A 1 46 GLN 46 79  79  GLN GLN A . n 
A 1 47 GLU 47 80  80  GLU GLU A . n 
A 1 48 ALA 48 81  81  ALA ALA A . n 
A 1 49 LEU 49 82  82  LEU LEU A . n 
A 1 50 ALA 50 83  83  ALA ALA A . n 
A 1 51 ALA 51 84  84  ALA ALA A . n 
A 1 52 ALA 52 85  85  ALA ALA A . n 
A 1 53 ARG 53 86  86  ARG ARG A . n 
A 1 54 LEU 54 87  87  LEU LEU A . n 
A 1 55 LYS 55 88  88  LYS LYS A . n 
A 1 56 MSE 56 89  89  MSE MSE A . n 
A 1 57 GLN 57 90  90  GLN GLN A . n 
A 1 58 GLU 58 91  91  GLU GLU A . n 
A 1 59 GLU 59 92  92  GLU GLU A . n 
A 1 60 LEU 60 93  93  LEU LEU A . n 
A 1 61 ASN 61 94  94  ASN ASN A . n 
A 1 62 ALA 62 95  95  ALA ALA A . n 
A 1 63 GLN 63 96  96  GLN GLN A . n 
A 1 64 VAL 64 97  97  VAL VAL A . n 
A 1 65 GLU 65 98  98  GLU GLU A . n 
A 1 66 LYS 66 99  99  LYS LYS A . n 
A 1 67 HIS 67 100 100 HIS HIS A . n 
A 1 68 LYS 68 101 101 LYS LYS A . n 
A 1 69 GLU 69 102 102 GLU GLU A . n 
A 1 70 LYS 70 103 103 LYS LYS A . n 
A 1 71 LEU 71 104 104 LEU LEU A . n 
A 1 72 LYS 72 105 105 LYS LYS A . n 
A 1 73 GLN 73 106 106 GLN GLN A . n 
A 1 74 LEU 74 107 107 LEU LEU A . n 
A 1 75 GLU 75 108 108 GLU GLU A . n 
A 1 76 GLU 76 109 109 GLU GLU A . n 
A 1 77 GLU 77 110 110 GLU GLU A . n 
A 1 78 LYS 78 111 111 LYS LYS A . n 
A 1 79 ARG 79 112 112 ARG ARG A . n 
A 1 80 ARG 80 113 113 ARG ARG A . n 
A 1 81 GLN 81 114 114 GLN GLN A . n 
A 1 82 LYS 82 115 115 LYS LYS A . n 
A 1 83 ILE 83 116 116 ILE ILE A . n 
A 1 84 GLU 84 117 117 GLU GLU A . n 
A 1 85 MSE 85 118 118 MSE MSE A . n 
A 1 86 TRP 86 119 119 TRP TRP A . n 
A 1 87 ASP 87 120 120 ASP ASP A . n 
A 1 88 SER 88 121 121 SER SER A . n 
A 1 89 MSE 89 122 122 MSE MSE A . n 
# 
loop_
_pdbx_nonpoly_scheme.asym_id 
_pdbx_nonpoly_scheme.entity_id 
_pdbx_nonpoly_scheme.mon_id 
_pdbx_nonpoly_scheme.ndb_seq_num 
_pdbx_nonpoly_scheme.pdb_seq_num 
_pdbx_nonpoly_scheme.auth_seq_num 
_pdbx_nonpoly_scheme.pdb_mon_id 
_pdbx_nonpoly_scheme.auth_mon_id 
_pdbx_nonpoly_scheme.pdb_strand_id 
_pdbx_nonpoly_scheme.pdb_ins_code 
B 2 CL  1  1   1  CL  CL  A . 
C 2 CL  1  2   2  CL  CL  A . 
D 3 GOL 1  3   3  GOL GOL A . 
E 4 HOH 1  123 4  HOH HOH A . 
E 4 HOH 2  124 5  HOH HOH A . 
E 4 HOH 3  125 6  HOH HOH A . 
E 4 HOH 4  126 7  HOH HOH A . 
E 4 HOH 5  127 8  HOH HOH A . 
E 4 HOH 6  128 9  HOH HOH A . 
E 4 HOH 7  129 10 HOH HOH A . 
E 4 HOH 8  130 11 HOH HOH A . 
E 4 HOH 9  131 12 HOH HOH A . 
E 4 HOH 10 132 13 HOH HOH A . 
E 4 HOH 11 133 14 HOH HOH A . 
E 4 HOH 12 134 15 HOH HOH A . 
E 4 HOH 13 135 16 HOH HOH A . 
E 4 HOH 14 136 17 HOH HOH A . 
E 4 HOH 15 137 18 HOH HOH A . 
E 4 HOH 16 138 19 HOH HOH A . 
E 4 HOH 17 139 20 HOH HOH A . 
E 4 HOH 18 140 21 HOH HOH A . 
E 4 HOH 19 141 22 HOH HOH A . 
E 4 HOH 20 142 23 HOH HOH A . 
E 4 HOH 21 143 24 HOH HOH A . 
E 4 HOH 22 144 25 HOH HOH A . 
E 4 HOH 23 145 26 HOH HOH A . 
E 4 HOH 24 146 27 HOH HOH A . 
E 4 HOH 25 147 28 HOH HOH A . 
E 4 HOH 26 148 29 HOH HOH A . 
E 4 HOH 27 149 30 HOH HOH A . 
E 4 HOH 28 150 31 HOH HOH A . 
E 4 HOH 29 151 32 HOH HOH A . 
E 4 HOH 30 152 33 HOH HOH A . 
E 4 HOH 31 153 34 HOH HOH A . 
E 4 HOH 32 154 35 HOH HOH A . 
E 4 HOH 33 155 36 HOH HOH A . 
E 4 HOH 34 156 37 HOH HOH A . 
E 4 HOH 35 157 38 HOH HOH A . 
E 4 HOH 36 158 39 HOH HOH A . 
E 4 HOH 37 159 40 HOH HOH A . 
E 4 HOH 38 160 41 HOH HOH A . 
E 4 HOH 39 161 42 HOH HOH A . 
E 4 HOH 40 162 43 HOH HOH A . 
E 4 HOH 41 163 44 HOH HOH A . 
E 4 HOH 42 164 45 HOH HOH A . 
E 4 HOH 43 165 46 HOH HOH A . 
E 4 HOH 44 166 47 HOH HOH A . 
E 4 HOH 45 167 48 HOH HOH A . 
E 4 HOH 46 168 49 HOH HOH A . 
E 4 HOH 47 169 50 HOH HOH A . 
E 4 HOH 48 170 51 HOH HOH A . 
E 4 HOH 49 171 52 HOH HOH A . 
E 4 HOH 50 172 53 HOH HOH A . 
E 4 HOH 51 173 54 HOH HOH A . 
E 4 HOH 52 174 55 HOH HOH A . 
E 4 HOH 53 175 56 HOH HOH A . 
E 4 HOH 54 176 57 HOH HOH A . 
E 4 HOH 55 177 58 HOH HOH A . 
E 4 HOH 56 178 59 HOH HOH A . 
E 4 HOH 57 179 60 HOH HOH A . 
E 4 HOH 58 180 61 HOH HOH A . 
E 4 HOH 59 181 62 HOH HOH A . 
E 4 HOH 60 182 63 HOH HOH A . 
E 4 HOH 61 183 64 HOH HOH A . 
E 4 HOH 62 184 65 HOH HOH A . 
E 4 HOH 63 185 66 HOH HOH A . 
E 4 HOH 64 186 67 HOH HOH A . 
E 4 HOH 65 187 68 HOH HOH A . 
E 4 HOH 66 188 69 HOH HOH A . 
E 4 HOH 67 189 70 HOH HOH A . 
E 4 HOH 68 190 71 HOH HOH A . 
# 
loop_
_pdbx_unobs_or_zero_occ_atoms.id 
_pdbx_unobs_or_zero_occ_atoms.PDB_model_num 
_pdbx_unobs_or_zero_occ_atoms.polymer_flag 
_pdbx_unobs_or_zero_occ_atoms.occupancy_flag 
_pdbx_unobs_or_zero_occ_atoms.auth_asym_id 
_pdbx_unobs_or_zero_occ_atoms.auth_comp_id 
_pdbx_unobs_or_zero_occ_atoms.auth_seq_id 
_pdbx_unobs_or_zero_occ_atoms.PDB_ins_code 
_pdbx_unobs_or_zero_occ_atoms.auth_atom_id 
_pdbx_unobs_or_zero_occ_atoms.label_alt_id 
_pdbx_unobs_or_zero_occ_atoms.label_asym_id 
_pdbx_unobs_or_zero_occ_atoms.label_comp_id 
_pdbx_unobs_or_zero_occ_atoms.label_seq_id 
_pdbx_unobs_or_zero_occ_atoms.label_atom_id 
1  1 Y 0 A ARG 59  ? N   A A ARG 26 N   
2  1 Y 0 A ARG 59  ? CA  A A ARG 26 CA  
3  1 Y 0 A ARG 59  ? C   A A ARG 26 C   
4  1 Y 0 A ARG 59  ? O   A A ARG 26 O   
5  1 Y 0 A ARG 59  ? CB  A A ARG 26 CB  
6  1 Y 0 A ARG 59  ? CG  A A ARG 26 CG  
7  1 Y 0 A ARG 59  ? CD  A A ARG 26 CD  
8  1 Y 0 A ARG 59  ? NE  A A ARG 26 NE  
9  1 Y 0 A ARG 59  ? CZ  A A ARG 26 CZ  
10 1 Y 0 A ARG 59  ? NH1 A A ARG 26 NH1 
11 1 Y 0 A ARG 59  ? NH2 A A ARG 26 NH2 
12 1 Y 1 A LYS 99  ? CE  ? A LYS 66 CE  
13 1 Y 1 A LYS 99  ? NZ  ? A LYS 66 NZ  
14 1 Y 1 A GLU 102 ? CD  ? A GLU 69 CD  
15 1 Y 1 A GLU 102 ? OE1 ? A GLU 69 OE1 
16 1 Y 1 A GLU 102 ? OE2 ? A GLU 69 OE2 
17 1 Y 1 A LYS 105 ? CE  ? A LYS 72 CE  
18 1 Y 1 A LYS 105 ? NZ  ? A LYS 72 NZ  
19 1 Y 1 A GLU 109 ? CD  ? A GLU 76 CD  
20 1 Y 1 A GLU 109 ? OE1 ? A GLU 76 OE1 
21 1 Y 1 A GLU 109 ? OE2 ? A GLU 76 OE2 
22 1 Y 1 A GLU 110 ? CD  ? A GLU 77 CD  
23 1 Y 1 A GLU 110 ? OE1 ? A GLU 77 OE1 
24 1 Y 1 A GLU 110 ? OE2 ? A GLU 77 OE2 
# 
loop_
_software.name 
_software.classification 
_software.version 
_software.citation_id 
_software.pdbx_ordinal 
REFMAC   refinement        5.2.0019 ? 1 
HKL-2000 'data collection' .        ? 2 
HKL-2000 'data reduction'  .        ? 3 
HKL-2000 'data scaling'    .        ? 4 
SOLVE    phasing           .        ? 5 
# 
_cell.entry_id           2Q2F 
_cell.length_a           119.666 
_cell.length_b           18.705 
_cell.length_c           37.992 
_cell.angle_alpha        90.00 
_cell.angle_beta         93.36 
_cell.angle_gamma        90.00 
_cell.Z_PDB              4 
_cell.pdbx_unique_axis   ? 
_cell.length_a_esd       ? 
_cell.length_b_esd       ? 
_cell.length_c_esd       ? 
_cell.angle_alpha_esd    ? 
_cell.angle_beta_esd     ? 
_cell.angle_gamma_esd    ? 
# 
_symmetry.entry_id                         2Q2F 
_symmetry.space_group_name_H-M             'C 1 2 1' 
_symmetry.pdbx_full_space_group_name_H-M   ? 
_symmetry.cell_setting                     ? 
_symmetry.Int_Tables_number                5 
_symmetry.space_group_name_Hall            ? 
# 
_exptl.entry_id          2Q2F 
_exptl.method            'X-RAY DIFFRACTION' 
_exptl.crystals_number   1 
# 
_exptl_crystal.id                    1 
_exptl_crystal.density_meas          ? 
_exptl_crystal.density_Matthews      1.97 
_exptl_crystal.density_percent_sol   37.48 
_exptl_crystal.description           ? 
_exptl_crystal.F_000                 ? 
_exptl_crystal.preparation           ? 
# 
_exptl_crystal_grow.crystal_id      1 
_exptl_crystal_grow.method          'VAPOR DIFFUSION, HANGING DROP' 
_exptl_crystal_grow.temp            298.0 
_exptl_crystal_grow.temp_details    ? 
_exptl_crystal_grow.pH              4.6 
_exptl_crystal_grow.pdbx_details    
;Protein buffer: 100mM NaCl, 50mM Tris-HCl pH 8.0, 1mM EDTA, 2mM CaCl2, 5mM Beta-mercaptoethanol. Crystallization buffer: 13% PEG2000 MME, 0.1M Sodium acetate pH 4.6, 0.1M KSCN. Cryo: 30% Glycerol, VAPOR DIFFUSION, HANGING DROP, temperature 298.0K
;
_exptl_crystal_grow.pdbx_pH_range   . 
# 
_diffrn.id                     1 
_diffrn.ambient_temp           100 
_diffrn.ambient_temp_details   ? 
_diffrn.crystal_id             1 
# 
_diffrn_detector.diffrn_id              1 
_diffrn_detector.detector               CCD 
_diffrn_detector.type                   'MARMOSAIC 300 mm CCD' 
_diffrn_detector.pdbx_collection_date   2007-04-15 
_diffrn_detector.details                ? 
# 
_diffrn_radiation.diffrn_id                        1 
_diffrn_radiation.wavelength_id                    1 
_diffrn_radiation.pdbx_monochromatic_or_laue_m_l   M 
_diffrn_radiation.monochromator                    'double crystal and K-B pair of biomorph mirrors' 
_diffrn_radiation.pdbx_diffrn_protocol             'SINGLE WAVELENGTH' 
_diffrn_radiation.pdbx_scattering_type             x-ray 
# 
_diffrn_radiation_wavelength.id           1 
_diffrn_radiation_wavelength.wavelength   0.97927 
_diffrn_radiation_wavelength.wt           1.0 
# 
_diffrn_source.diffrn_id                   1 
_diffrn_source.source                      SYNCHROTRON 
_diffrn_source.type                        'APS BEAMLINE 23-ID-D' 
_diffrn_source.pdbx_synchrotron_site       APS 
_diffrn_source.pdbx_synchrotron_beamline   23-ID-D 
_diffrn_source.pdbx_wavelength             ? 
_diffrn_source.pdbx_wavelength_list        0.97927 
# 
_reflns.entry_id                     2Q2F 
_reflns.observed_criterion_sigma_F   0 
_reflns.observed_criterion_sigma_I   -3 
_reflns.d_resolution_high            1.5 
_reflns.d_resolution_low             31.2 
_reflns.number_all                   13654 
_reflns.number_obs                   13654 
_reflns.percent_possible_obs         98.1 
_reflns.pdbx_Rmerge_I_obs            ? 
_reflns.pdbx_Rsym_value              0.085 
_reflns.pdbx_netI_over_sigmaI        25.08 
_reflns.B_iso_Wilson_estimate        19.86 
_reflns.pdbx_redundancy              7.0 
_reflns.R_free_details               ? 
_reflns.limit_h_max                  ? 
_reflns.limit_h_min                  ? 
_reflns.limit_k_max                  ? 
_reflns.limit_k_min                  ? 
_reflns.limit_l_max                  ? 
_reflns.limit_l_min                  ? 
_reflns.observed_criterion_F_max     ? 
_reflns.observed_criterion_F_min     ? 
_reflns.pdbx_chi_squared             ? 
_reflns.pdbx_scaling_rejects         ? 
_reflns.pdbx_ordinal                 1 
_reflns.pdbx_diffrn_id               1 
# 
_reflns_shell.d_res_high             1.50 
_reflns_shell.d_res_low              1.55 
_reflns_shell.percent_possible_all   88.0 
_reflns_shell.Rmerge_I_obs           ? 
_reflns_shell.pdbx_Rsym_value        0.325 
_reflns_shell.meanI_over_sigI_obs    4.2 
_reflns_shell.pdbx_redundancy        5.8 
_reflns_shell.percent_possible_obs   ? 
_reflns_shell.number_unique_all      1216 
_reflns_shell.number_measured_all    ? 
_reflns_shell.number_measured_obs    ? 
_reflns_shell.number_unique_obs      ? 
_reflns_shell.pdbx_chi_squared       ? 
_reflns_shell.pdbx_ordinal           1 
_reflns_shell.pdbx_diffrn_id         1 
# 
_refine.entry_id                                 2Q2F 
_refine.ls_number_reflns_obs                     12947 
_refine.ls_number_reflns_all                     ? 
_refine.pdbx_ls_sigma_I                          ? 
_refine.pdbx_ls_sigma_F                          ? 
_refine.pdbx_data_cutoff_high_absF               ? 
_refine.pdbx_data_cutoff_low_absF                ? 
_refine.pdbx_data_cutoff_high_rms_absF           ? 
_refine.ls_d_res_low                             31.20 
_refine.ls_d_res_high                            1.50 
_refine.ls_percent_reflns_obs                    97.90 
_refine.ls_R_factor_obs                          0.18291 
_refine.ls_R_factor_all                          0.18291 
_refine.ls_R_factor_R_work                       0.18135 
_refine.ls_R_factor_R_free                       0.21434 
_refine.ls_R_factor_R_free_error                 ? 
_refine.ls_R_factor_R_free_error_details         ? 
_refine.ls_percent_reflns_R_free                 4.9 
_refine.ls_number_reflns_R_free                  668 
_refine.ls_number_parameters                     ? 
_refine.ls_number_restraints                     ? 
_refine.occupancy_min                            ? 
_refine.occupancy_max                            ? 
_refine.correlation_coeff_Fo_to_Fc               0.963 
_refine.correlation_coeff_Fo_to_Fc_free          0.950 
_refine.B_iso_mean                               21.637 
_refine.aniso_B[1][1]                            0.43 
_refine.aniso_B[2][2]                            -0.46 
_refine.aniso_B[3][3]                            0.29 
_refine.aniso_B[1][2]                            0.00 
_refine.aniso_B[1][3]                            2.12 
_refine.aniso_B[2][3]                            0.00 
_refine.solvent_model_details                    'BABINET MODEL WITH MASK' 
_refine.solvent_model_param_ksol                 ? 
_refine.solvent_model_param_bsol                 ? 
_refine.pdbx_solvent_vdw_probe_radii             1.40 
_refine.pdbx_solvent_ion_probe_radii             0.80 
_refine.pdbx_solvent_shrinkage_radii             0.80 
_refine.pdbx_ls_cross_valid_method               THROUGHOUT 
_refine.details                                  
;HYDROGENS HAVE BEEN ADDED IN THE RIDING POSITIONS. ATOM RECORD CONTAINS SUM OF TLS AND RESIDUAL B FACTORS. ANISOU RECORD CONTAINS SUM OF TLS AND RESIDUAL U FACTORS.
;
_refine.pdbx_starting_model                      ? 
_refine.pdbx_method_to_determine_struct          SAD 
_refine.pdbx_isotropic_thermal_model             ? 
_refine.pdbx_stereochemistry_target_values       'MAXIMUM LIKELIHOOD' 
_refine.pdbx_stereochem_target_val_spec_case     ? 
_refine.pdbx_R_Free_selection_details            RANDOM 
_refine.pdbx_overall_ESU_R                       0.074 
_refine.pdbx_overall_ESU_R_Free                  0.077 
_refine.overall_SU_ML                            0.050 
_refine.overall_SU_B                             2.658 
_refine.ls_redundancy_reflns_obs                 ? 
_refine.B_iso_min                                ? 
_refine.B_iso_max                                ? 
_refine.overall_SU_R_Cruickshank_DPI             ? 
_refine.overall_SU_R_free                        ? 
_refine.ls_wR_factor_R_free                      ? 
_refine.ls_wR_factor_R_work                      ? 
_refine.overall_FOM_free_R_set                   ? 
_refine.overall_FOM_work_R_set                   ? 
_refine.pdbx_refine_id                           'X-RAY DIFFRACTION' 
_refine.pdbx_diffrn_id                           1 
_refine.pdbx_TLS_residual_ADP_flag               ? 
_refine.pdbx_overall_phase_error                 ? 
_refine.pdbx_overall_SU_R_free_Cruickshank_DPI   ? 
_refine.pdbx_overall_SU_R_Blow_DPI               ? 
_refine.pdbx_overall_SU_R_free_Blow_DPI          ? 
# 
_refine_hist.pdbx_refine_id                   'X-RAY DIFFRACTION' 
_refine_hist.cycle_id                         LAST 
_refine_hist.pdbx_number_atoms_protein        577 
_refine_hist.pdbx_number_atoms_nucleic_acid   0 
_refine_hist.pdbx_number_atoms_ligand         8 
_refine_hist.number_atoms_solvent             68 
_refine_hist.number_atoms_total               653 
_refine_hist.d_res_high                       1.50 
_refine_hist.d_res_low                        31.20 
# 
loop_
_refine_ls_restr.type 
_refine_ls_restr.dev_ideal 
_refine_ls_restr.dev_ideal_target 
_refine_ls_restr.weight 
_refine_ls_restr.number 
_refine_ls_restr.pdbx_refine_id 
_refine_ls_restr.pdbx_restraint_function 
r_bond_refined_d         0.016  0.022  ? 641 'X-RAY DIFFRACTION' ? 
r_angle_refined_deg      1.498  1.984  ? 858 'X-RAY DIFFRACTION' ? 
r_dihedral_angle_1_deg   3.675  5.000  ? 82  'X-RAY DIFFRACTION' ? 
r_dihedral_angle_2_deg   30.990 22.667 ? 30  'X-RAY DIFFRACTION' ? 
r_dihedral_angle_3_deg   14.956 15.000 ? 142 'X-RAY DIFFRACTION' ? 
r_dihedral_angle_4_deg   15.702 15.000 ? 10  'X-RAY DIFFRACTION' ? 
r_chiral_restr           0.099  0.200  ? 92  'X-RAY DIFFRACTION' ? 
r_gen_planes_refined     0.007  0.020  ? 478 'X-RAY DIFFRACTION' ? 
r_nbd_refined            0.217  0.200  ? 292 'X-RAY DIFFRACTION' ? 
r_nbtor_refined          0.286  0.200  ? 464 'X-RAY DIFFRACTION' ? 
r_xyhbond_nbd_refined    0.121  0.200  ? 37  'X-RAY DIFFRACTION' ? 
r_symmetry_vdw_refined   0.244  0.200  ? 75  'X-RAY DIFFRACTION' ? 
r_symmetry_hbond_refined 0.189  0.200  ? 19  'X-RAY DIFFRACTION' ? 
r_mcbond_it              1.856  3.000  ? 411 'X-RAY DIFFRACTION' ? 
r_mcangle_it             2.356  4.000  ? 636 'X-RAY DIFFRACTION' ? 
r_scbond_it              4.771  5.000  ? 255 'X-RAY DIFFRACTION' ? 
r_scangle_it             6.453  7.000  ? 222 'X-RAY DIFFRACTION' ? 
# 
_refine_ls_shell.pdbx_total_number_of_bins_used   20 
_refine_ls_shell.d_res_high                       1.50 
_refine_ls_shell.d_res_low                        1.54 
_refine_ls_shell.number_reflns_R_work             816 
_refine_ls_shell.R_factor_R_work                  0.18 
_refine_ls_shell.percent_reflns_obs               84.40 
_refine_ls_shell.R_factor_R_free                  0.183 
_refine_ls_shell.R_factor_R_free_error            ? 
_refine_ls_shell.percent_reflns_R_free            ? 
_refine_ls_shell.number_reflns_R_free             39 
_refine_ls_shell.number_reflns_all                ? 
_refine_ls_shell.R_factor_all                     ? 
_refine_ls_shell.number_reflns_obs                ? 
_refine_ls_shell.redundancy_reflns_obs            ? 
_refine_ls_shell.pdbx_refine_id                   'X-RAY DIFFRACTION' 
# 
_struct.entry_id                  2Q2F 
_struct.title                     'Structure of the human Selenoprotein S (VCP-interacting membrane protein)' 
_struct.pdbx_model_details        ? 
_struct.pdbx_CASP_flag            N 
_struct.pdbx_model_type_details   ? 
# 
_struct_keywords.entry_id        2Q2F 
_struct_keywords.pdbx_keywords   'MEMBRANE PROTEIN' 
_struct_keywords.text            
;Anti-parallel coiled-coil, Endoplasmic reticulum, Membrane, Selenium, Selenocysteine, Transmembrane, Structural Genomics, Structural Genomics Consortium, SGC, MEMBRANE PROTEIN
;
# 
loop_
_struct_asym.id 
_struct_asym.pdbx_blank_PDB_chainid_flag 
_struct_asym.pdbx_modified 
_struct_asym.entity_id 
_struct_asym.details 
A N N 1 ? 
B N N 2 ? 
C N N 2 ? 
D N N 3 ? 
E N N 4 ? 
# 
_struct_ref.id                         1 
_struct_ref.db_name                    UNP 
_struct_ref.db_code                    SELS_HUMAN 
_struct_ref.pdbx_db_accession          Q9BQE4 
_struct_ref.entity_id                  1 
_struct_ref.pdbx_seq_one_letter_code   SARLRALRQRQLDRAAAAVEPDVVVKRQEALAAARLKMQEELNAQVEKHKEKLKQLEEEKRRQKIEMWDSM 
_struct_ref.pdbx_align_begin           52 
_struct_ref.pdbx_db_isoform            ? 
# 
_struct_ref_seq.align_id                      1 
_struct_ref_seq.ref_id                        1 
_struct_ref_seq.pdbx_PDB_id_code              2Q2F 
_struct_ref_seq.pdbx_strand_id                A 
_struct_ref_seq.seq_align_beg                 19 
_struct_ref_seq.pdbx_seq_align_beg_ins_code   ? 
_struct_ref_seq.seq_align_end                 89 
_struct_ref_seq.pdbx_seq_align_end_ins_code   ? 
_struct_ref_seq.pdbx_db_accession             Q9BQE4 
_struct_ref_seq.db_align_beg                  52 
_struct_ref_seq.pdbx_db_align_beg_ins_code    ? 
_struct_ref_seq.db_align_end                  122 
_struct_ref_seq.pdbx_db_align_end_ins_code    ? 
_struct_ref_seq.pdbx_auth_seq_align_beg       52 
_struct_ref_seq.pdbx_auth_seq_align_end       122 
# 
loop_
_struct_ref_seq_dif.align_id 
_struct_ref_seq_dif.pdbx_pdb_id_code 
_struct_ref_seq_dif.mon_id 
_struct_ref_seq_dif.pdbx_pdb_strand_id 
_struct_ref_seq_dif.seq_num 
_struct_ref_seq_dif.pdbx_pdb_ins_code 
_struct_ref_seq_dif.pdbx_seq_db_name 
_struct_ref_seq_dif.pdbx_seq_db_accession_code 
_struct_ref_seq_dif.db_mon_id 
_struct_ref_seq_dif.pdbx_seq_db_seq_num 
_struct_ref_seq_dif.details 
_struct_ref_seq_dif.pdbx_auth_seq_num 
_struct_ref_seq_dif.pdbx_ordinal 
1 2Q2F MSE A 1  ? UNP Q9BQE4 ?   ?   'cloning artifact' 34  1  
1 2Q2F HIS A 2  ? UNP Q9BQE4 ?   ?   'cloning artifact' 35  2  
1 2Q2F HIS A 3  ? UNP Q9BQE4 ?   ?   'cloning artifact' 36  3  
1 2Q2F HIS A 4  ? UNP Q9BQE4 ?   ?   'cloning artifact' 37  4  
1 2Q2F HIS A 5  ? UNP Q9BQE4 ?   ?   'cloning artifact' 38  5  
1 2Q2F HIS A 6  ? UNP Q9BQE4 ?   ?   'cloning artifact' 39  6  
1 2Q2F HIS A 7  ? UNP Q9BQE4 ?   ?   'cloning artifact' 40  7  
1 2Q2F SER A 8  ? UNP Q9BQE4 ?   ?   'cloning artifact' 41  8  
1 2Q2F SER A 9  ? UNP Q9BQE4 ?   ?   'cloning artifact' 42  9  
1 2Q2F GLY A 10 ? UNP Q9BQE4 ?   ?   'cloning artifact' 43  10 
1 2Q2F ARG A 11 ? UNP Q9BQE4 ?   ?   'cloning artifact' 44  11 
1 2Q2F GLU A 12 ? UNP Q9BQE4 ?   ?   'cloning artifact' 45  12 
1 2Q2F ASN A 13 ? UNP Q9BQE4 ?   ?   'cloning artifact' 46  13 
1 2Q2F LEU A 14 ? UNP Q9BQE4 ?   ?   'cloning artifact' 47  14 
1 2Q2F TYR A 15 ? UNP Q9BQE4 ?   ?   'cloning artifact' 48  15 
1 2Q2F PHE A 16 ? UNP Q9BQE4 ?   ?   'cloning artifact' 49  16 
1 2Q2F GLN A 17 ? UNP Q9BQE4 ?   ?   'cloning artifact' 50  17 
1 2Q2F GLY A 18 ? UNP Q9BQE4 ?   ?   'cloning artifact' 51  18 
1 2Q2F MSE A 56 ? UNP Q9BQE4 MET 89  'modified residue' 89  19 
1 2Q2F MSE A 85 ? UNP Q9BQE4 MET 118 'modified residue' 118 20 
1 2Q2F MSE A 89 ? UNP Q9BQE4 MET 122 'modified residue' 122 21 
# 
_pdbx_struct_assembly.id                   1 
_pdbx_struct_assembly.details              author_and_software_defined_assembly 
_pdbx_struct_assembly.method_details       PISA,PQS 
_pdbx_struct_assembly.oligomeric_details   dimeric 
_pdbx_struct_assembly.oligomeric_count     2 
# 
loop_
_pdbx_struct_assembly_prop.biol_id 
_pdbx_struct_assembly_prop.type 
_pdbx_struct_assembly_prop.value 
_pdbx_struct_assembly_prop.details 
1 'ABSA (A^2)' 2740  ? 
1 MORE         -55   ? 
1 'SSA (A^2)'  12270 ? 
# 
_pdbx_struct_assembly_gen.assembly_id       1 
_pdbx_struct_assembly_gen.oper_expression   1,2 
_pdbx_struct_assembly_gen.asym_id_list      A,B,C,D,E 
# 
loop_
_pdbx_struct_oper_list.id 
_pdbx_struct_oper_list.type 
_pdbx_struct_oper_list.name 
_pdbx_struct_oper_list.symmetry_operation 
_pdbx_struct_oper_list.matrix[1][1] 
_pdbx_struct_oper_list.matrix[1][2] 
_pdbx_struct_oper_list.matrix[1][3] 
_pdbx_struct_oper_list.vector[1] 
_pdbx_struct_oper_list.matrix[2][1] 
_pdbx_struct_oper_list.matrix[2][2] 
_pdbx_struct_oper_list.matrix[2][3] 
_pdbx_struct_oper_list.vector[2] 
_pdbx_struct_oper_list.matrix[3][1] 
_pdbx_struct_oper_list.matrix[3][2] 
_pdbx_struct_oper_list.matrix[3][3] 
_pdbx_struct_oper_list.vector[3] 
1 'identity operation'         1_555 x,y,z     1.0000000000  0.0000000000 0.0000000000  0.0000000000  0.0000000000 1.0000000000 0.0000000000  0.0000000000   0.0000000000  0.0000000000  1.0000000000  0.0000000000  
2 'crystal symmetry operation' 2_558 -x,y,-z+3 -0.4626100446 0.7716270178 -0.4365589216 29.9007817804 0.7716270178 0.1079631255 -0.6268458415 -21.6131953015 -0.4365589216 -0.6268458415 -0.6453530809 -1.3948761956 
# 
_struct_biol.id        1 
_struct_biol.details   
;The second part of the biological assembly is generated 
by the two fold axis:  -x+1/2, y+1/2, -z.
;
# 
loop_
_struct_conf.conf_type_id 
_struct_conf.id 
_struct_conf.pdbx_PDB_helix_id 
_struct_conf.beg_label_comp_id 
_struct_conf.beg_label_asym_id 
_struct_conf.beg_label_seq_id 
_struct_conf.pdbx_beg_PDB_ins_code 
_struct_conf.end_label_comp_id 
_struct_conf.end_label_asym_id 
_struct_conf.end_label_seq_id 
_struct_conf.pdbx_end_PDB_ins_code 
_struct_conf.beg_auth_comp_id 
_struct_conf.beg_auth_asym_id 
_struct_conf.beg_auth_seq_id 
_struct_conf.end_auth_comp_id 
_struct_conf.end_auth_asym_id 
_struct_conf.end_auth_seq_id 
_struct_conf.pdbx_PDB_helix_class 
_struct_conf.details 
_struct_conf.pdbx_PDB_helix_length 
HELX_P HELX_P1 1 SER A 19 ? ALA A 36 ? SER A 52 ALA A 69  1 ? 18 
HELX_P HELX_P2 2 GLU A 38 ? MSE A 89 ? GLU A 71 MSE A 122 1 ? 52 
# 
_struct_conf_type.id          HELX_P 
_struct_conf_type.criteria    ? 
_struct_conf_type.reference   ? 
# 
loop_
_struct_conn.id 
_struct_conn.conn_type_id 
_struct_conn.pdbx_leaving_atom_flag 
_struct_conn.pdbx_PDB_id 
_struct_conn.ptnr1_label_asym_id 
_struct_conn.ptnr1_label_comp_id 
_struct_conn.ptnr1_label_seq_id 
_struct_conn.ptnr1_label_atom_id 
_struct_conn.pdbx_ptnr1_label_alt_id 
_struct_conn.pdbx_ptnr1_PDB_ins_code 
_struct_conn.pdbx_ptnr1_standard_comp_id 
_struct_conn.ptnr1_symmetry 
_struct_conn.ptnr2_label_asym_id 
_struct_conn.ptnr2_label_comp_id 
_struct_conn.ptnr2_label_seq_id 
_struct_conn.ptnr2_label_atom_id 
_struct_conn.pdbx_ptnr2_label_alt_id 
_struct_conn.pdbx_ptnr2_PDB_ins_code 
_struct_conn.ptnr1_auth_asym_id 
_struct_conn.ptnr1_auth_comp_id 
_struct_conn.ptnr1_auth_seq_id 
_struct_conn.ptnr2_auth_asym_id 
_struct_conn.ptnr2_auth_comp_id 
_struct_conn.ptnr2_auth_seq_id 
_struct_conn.ptnr2_symmetry 
_struct_conn.pdbx_ptnr3_label_atom_id 
_struct_conn.pdbx_ptnr3_label_seq_id 
_struct_conn.pdbx_ptnr3_label_comp_id 
_struct_conn.pdbx_ptnr3_label_asym_id 
_struct_conn.pdbx_ptnr3_label_alt_id 
_struct_conn.pdbx_ptnr3_PDB_ins_code 
_struct_conn.details 
_struct_conn.pdbx_dist_value 
_struct_conn.pdbx_value_order 
_struct_conn.pdbx_role 
covale1  covale both ? A LYS 55 C ? ? ? 1_555 A MSE 56 N A ? A LYS 88  A MSE 89  1_555 ? ? ? ? ? ? ? 1.336 ? ? 
covale2  covale both ? A LYS 55 C ? ? ? 1_555 A MSE 56 N B ? A LYS 88  A MSE 89  1_555 ? ? ? ? ? ? ? 1.333 ? ? 
covale3  covale both ? A LYS 55 C ? ? ? 1_555 A MSE 56 N C ? A LYS 88  A MSE 89  1_555 ? ? ? ? ? ? ? 1.332 ? ? 
covale4  covale both ? A MSE 56 C A ? ? 1_555 A GLN 57 N ? ? A MSE 89  A GLN 90  1_555 ? ? ? ? ? ? ? 1.332 ? ? 
covale5  covale both ? A MSE 56 C B ? ? 1_555 A GLN 57 N ? ? A MSE 89  A GLN 90  1_555 ? ? ? ? ? ? ? 1.329 ? ? 
covale6  covale both ? A MSE 56 C C ? ? 1_555 A GLN 57 N ? ? A MSE 89  A GLN 90  1_555 ? ? ? ? ? ? ? 1.327 ? ? 
covale7  covale both ? A GLU 84 C ? ? ? 1_555 A MSE 85 N B ? A GLU 117 A MSE 118 1_555 ? ? ? ? ? ? ? 1.332 ? ? 
covale8  covale both ? A GLU 84 C ? ? ? 1_555 A MSE 85 N A ? A GLU 117 A MSE 118 1_555 ? ? ? ? ? ? ? 1.328 ? ? 
covale9  covale both ? A MSE 85 C B ? ? 1_555 A TRP 86 N ? ? A MSE 118 A TRP 119 1_555 ? ? ? ? ? ? ? 1.333 ? ? 
covale10 covale both ? A MSE 85 C A ? ? 1_555 A TRP 86 N ? ? A MSE 118 A TRP 119 1_555 ? ? ? ? ? ? ? 1.337 ? ? 
covale11 covale both ? A SER 88 C ? ? ? 1_555 A MSE 89 N B ? A SER 121 A MSE 122 1_555 ? ? ? ? ? ? ? 1.329 ? ? 
covale12 covale both ? A SER 88 C ? ? ? 1_555 A MSE 89 N A ? A SER 121 A MSE 122 1_555 ? ? ? ? ? ? ? 1.332 ? ? 
# 
_struct_conn_type.id          covale 
_struct_conn_type.criteria    ? 
_struct_conn_type.reference   ? 
# 
loop_
_pdbx_modification_feature.ordinal 
_pdbx_modification_feature.label_comp_id 
_pdbx_modification_feature.label_asym_id 
_pdbx_modification_feature.label_seq_id 
_pdbx_modification_feature.label_alt_id 
_pdbx_modification_feature.modified_residue_label_comp_id 
_pdbx_modification_feature.modified_residue_label_asym_id 
_pdbx_modification_feature.modified_residue_label_seq_id 
_pdbx_modification_feature.modified_residue_label_alt_id 
_pdbx_modification_feature.auth_comp_id 
_pdbx_modification_feature.auth_asym_id 
_pdbx_modification_feature.auth_seq_id 
_pdbx_modification_feature.PDB_ins_code 
_pdbx_modification_feature.symmetry 
_pdbx_modification_feature.modified_residue_auth_comp_id 
_pdbx_modification_feature.modified_residue_auth_asym_id 
_pdbx_modification_feature.modified_residue_auth_seq_id 
_pdbx_modification_feature.modified_residue_PDB_ins_code 
_pdbx_modification_feature.modified_residue_symmetry 
_pdbx_modification_feature.comp_id_linking_atom 
_pdbx_modification_feature.modified_residue_id_linking_atom 
_pdbx_modification_feature.modified_residue_id 
_pdbx_modification_feature.ref_pcm_id 
_pdbx_modification_feature.ref_comp_id 
_pdbx_modification_feature.type 
_pdbx_modification_feature.category 
1 MSE A 56 A . . . . MSE A 89  ? 1_555 . . . . . . . MET 1 MSE Selenomethionine 'Named protein modification' 
2 MSE A 56 B . . . . MSE A 89  ? 1_555 . . . . . . . MET 1 MSE Selenomethionine 'Named protein modification' 
3 MSE A 56 C . . . . MSE A 89  ? 1_555 . . . . . . . MET 1 MSE Selenomethionine 'Named protein modification' 
4 MSE A 85 A . . . . MSE A 118 ? 1_555 . . . . . . . MET 1 MSE Selenomethionine 'Named protein modification' 
5 MSE A 85 B . . . . MSE A 118 ? 1_555 . . . . . . . MET 1 MSE Selenomethionine 'Named protein modification' 
6 MSE A 89 A . . . . MSE A 122 ? 1_555 . . . . . . . MET 1 MSE Selenomethionine 'Named protein modification' 
7 MSE A 89 B . . . . MSE A 122 ? 1_555 . . . . . . . MET 1 MSE Selenomethionine 'Named protein modification' 
# 
loop_
_struct_site.id 
_struct_site.pdbx_evidence_code 
_struct_site.pdbx_auth_asym_id 
_struct_site.pdbx_auth_comp_id 
_struct_site.pdbx_auth_seq_id 
_struct_site.pdbx_auth_ins_code 
_struct_site.pdbx_num_residues 
_struct_site.details 
AC1 Software A CL  1 ? 1 'BINDING SITE FOR RESIDUE CL A 1'  
AC2 Software A CL  2 ? 2 'BINDING SITE FOR RESIDUE CL A 2'  
AC3 Software A GOL 3 ? 9 'BINDING SITE FOR RESIDUE GOL A 3' 
# 
loop_
_struct_site_gen.id 
_struct_site_gen.site_id 
_struct_site_gen.pdbx_num_res 
_struct_site_gen.label_comp_id 
_struct_site_gen.label_asym_id 
_struct_site_gen.label_seq_id 
_struct_site_gen.pdbx_auth_ins_code 
_struct_site_gen.auth_comp_id 
_struct_site_gen.auth_asym_id 
_struct_site_gen.auth_seq_id 
_struct_site_gen.label_atom_id 
_struct_site_gen.label_alt_id 
_struct_site_gen.symmetry 
_struct_site_gen.details 
1  AC1 1 LYS A 66 ? LYS A 99  . ? 1_555 ? 
2  AC2 2 ARG A 26 ? ARG A 59  . ? 4_546 ? 
3  AC2 2 HOH E .  ? HOH A 135 . ? 4_546 ? 
4  AC3 9 ARG A 32 ? ARG A 65  . ? 1_545 ? 
5  AC3 9 PRO A 39 ? PRO A 72  . ? 1_555 ? 
6  AC3 9 GLU A 47 ? GLU A 80  . ? 4_547 ? 
7  AC3 9 ALA A 48 ? ALA A 81  . ? 4_547 ? 
8  AC3 9 ALA A 51 ? ALA A 84  . ? 4_547 ? 
9  AC3 9 HOH E .  ? HOH A 128 . ? 1_545 ? 
10 AC3 9 HOH E .  ? HOH A 142 . ? 1_545 ? 
11 AC3 9 HOH E .  ? HOH A 158 . ? 1_555 ? 
12 AC3 9 HOH E .  ? HOH A 162 . ? 4_547 ? 
# 
_pdbx_entry_details.entry_id                   2Q2F 
_pdbx_entry_details.compound_details           ? 
_pdbx_entry_details.source_details             ? 
_pdbx_entry_details.nonpolymer_details         ? 
_pdbx_entry_details.sequence_details           ? 
_pdbx_entry_details.has_ligand_of_interest     ? 
_pdbx_entry_details.has_protein_modification   Y 
# 
loop_
_pdbx_validate_rmsd_angle.id 
_pdbx_validate_rmsd_angle.PDB_model_num 
_pdbx_validate_rmsd_angle.auth_atom_id_1 
_pdbx_validate_rmsd_angle.auth_asym_id_1 
_pdbx_validate_rmsd_angle.auth_comp_id_1 
_pdbx_validate_rmsd_angle.auth_seq_id_1 
_pdbx_validate_rmsd_angle.PDB_ins_code_1 
_pdbx_validate_rmsd_angle.label_alt_id_1 
_pdbx_validate_rmsd_angle.auth_atom_id_2 
_pdbx_validate_rmsd_angle.auth_asym_id_2 
_pdbx_validate_rmsd_angle.auth_comp_id_2 
_pdbx_validate_rmsd_angle.auth_seq_id_2 
_pdbx_validate_rmsd_angle.PDB_ins_code_2 
_pdbx_validate_rmsd_angle.label_alt_id_2 
_pdbx_validate_rmsd_angle.auth_atom_id_3 
_pdbx_validate_rmsd_angle.auth_asym_id_3 
_pdbx_validate_rmsd_angle.auth_comp_id_3 
_pdbx_validate_rmsd_angle.auth_seq_id_3 
_pdbx_validate_rmsd_angle.PDB_ins_code_3 
_pdbx_validate_rmsd_angle.label_alt_id_3 
_pdbx_validate_rmsd_angle.angle_value 
_pdbx_validate_rmsd_angle.angle_target_value 
_pdbx_validate_rmsd_angle.angle_deviation 
_pdbx_validate_rmsd_angle.angle_standard_deviation 
_pdbx_validate_rmsd_angle.linker_flag 
1 1 NE A ARG 59 ? C CZ A ARG 59 ? C NH1 A ARG 59 ? C 115.32 120.30 -4.98 0.50 N 
2 1 NE A ARG 59 ? C CZ A ARG 59 ? C NH2 A ARG 59 ? C 124.22 120.30 3.92  0.50 N 
# 
_pdbx_SG_project.id                    1 
_pdbx_SG_project.project_name          ? 
_pdbx_SG_project.full_name_of_center   'Structural Genomics Consortium' 
_pdbx_SG_project.initial_of_center     SGC 
# 
loop_
_pdbx_struct_mod_residue.id 
_pdbx_struct_mod_residue.label_asym_id 
_pdbx_struct_mod_residue.label_comp_id 
_pdbx_struct_mod_residue.label_seq_id 
_pdbx_struct_mod_residue.auth_asym_id 
_pdbx_struct_mod_residue.auth_comp_id 
_pdbx_struct_mod_residue.auth_seq_id 
_pdbx_struct_mod_residue.PDB_ins_code 
_pdbx_struct_mod_residue.parent_comp_id 
_pdbx_struct_mod_residue.details 
1 A MSE 56 A MSE 89  ? MET SELENOMETHIONINE 
2 A MSE 85 A MSE 118 ? MET SELENOMETHIONINE 
3 A MSE 89 A MSE 122 ? MET SELENOMETHIONINE 
# 
loop_
_pdbx_refine_tls.id 
_pdbx_refine_tls.details 
_pdbx_refine_tls.method 
_pdbx_refine_tls.origin_x 
_pdbx_refine_tls.origin_y 
_pdbx_refine_tls.origin_z 
_pdbx_refine_tls.T[1][1] 
_pdbx_refine_tls.T[2][2] 
_pdbx_refine_tls.T[3][3] 
_pdbx_refine_tls.T[1][2] 
_pdbx_refine_tls.T[1][3] 
_pdbx_refine_tls.T[2][3] 
_pdbx_refine_tls.L[1][1] 
_pdbx_refine_tls.L[2][2] 
_pdbx_refine_tls.L[3][3] 
_pdbx_refine_tls.L[1][2] 
_pdbx_refine_tls.L[1][3] 
_pdbx_refine_tls.L[2][3] 
_pdbx_refine_tls.S[1][1] 
_pdbx_refine_tls.S[1][2] 
_pdbx_refine_tls.S[1][3] 
_pdbx_refine_tls.S[2][1] 
_pdbx_refine_tls.S[2][2] 
_pdbx_refine_tls.S[2][3] 
_pdbx_refine_tls.S[3][1] 
_pdbx_refine_tls.S[3][2] 
_pdbx_refine_tls.S[3][3] 
_pdbx_refine_tls.pdbx_refine_id 
1  ? refined -43.2552 3.8843   -2.5077 0.0482  0.1589 0.0838 -0.0512 0.0083  -0.0342 2.8297  1.8084  7.1563 -1.3275  0.1567  2.0800  0.1621  -0.3320 -0.0739 0.2605  -0.2513 0.0959  0.1356  -0.4833 0.0892  'X-RAY DIFFRACTION' 
2  ? refined -35.4578 6.9244   -3.3647 0.0851  0.1346 0.0524 -0.0353 -0.0212 -0.0288 14.1245 3.5553  1.3177 6.8825   3.2900  1.2698  -0.0681 -0.2787 0.3561  0.0073  -0.1436 0.0257  0.0406  -0.1678 0.2117  'X-RAY DIFFRACTION' 
3  ? refined -28.2321 8.0438   -2.2216 0.0982  0.0936 0.0635 -0.0369 -0.0212 -0.0044 7.8434  1.3796  3.2633 -0.6681  3.1619  0.4324  0.0320  -0.1820 -0.0520 -0.0605 -0.0252 0.0994  0.0982  0.0195  -0.0068 'X-RAY DIFFRACTION' 
4  ? refined -18.5620 13.1175  0.4717  0.0781  0.1063 0.0697 -0.0216 -0.0120 0.0055  12.8783 2.5094  0.6699 -1.3270  2.6263  -0.8352 -0.1532 0.4491  0.5188  0.0384  0.1406  -0.0712 -0.0455 0.1122  0.0126  'X-RAY DIFFRACTION' 
5  ? refined -11.5463 9.0859   2.3117  0.1009  0.0890 0.0605 -0.0061 0.0101  -0.0209 4.6051  1.1672  2.1480 2.3149   -2.5420 -1.3287 -0.0085 0.2274  0.0595  0.1412  0.0006  -0.1439 0.0139  -0.1516 0.0080  'X-RAY DIFFRACTION' 
6  ? refined -2.9581  6.0403   1.4352  0.0980  0.0758 0.0854 0.0100  0.0177  0.0046  5.7365  3.7550  0.2618 -2.8587  0.0894  0.4741  0.0825  0.0318  -0.1518 -0.1793 -0.0720 0.0208  0.1723  0.0176  -0.0105 'X-RAY DIFFRACTION' 
7  ? refined 3.4619   1.3894   3.0573  0.0935  0.0551 0.0654 0.0670  0.0014  -0.0136 18.4644 19.9312 3.1453 -10.2372 -5.4086 -0.8529 -0.0510 -0.0518 -0.3389 0.0228  0.1997  0.3340  0.5005  0.4011  -0.1487 'X-RAY DIFFRACTION' 
8  ? refined 11.7445  -0.7185  1.1596  0.0760  0.0667 0.1278 0.0700  -0.0068 -0.0259 25.3896 10.4901 4.5560 -12.7598 -7.5398 6.8628  -0.0249 -0.1245 0.7705  0.0598  0.1562  -0.6610 0.1366  0.0901  -0.1313 'X-RAY DIFFRACTION' 
9  ? refined 19.0509  -5.7769  0.6777  -0.0593 0.0263 0.1585 0.1399  -0.0159 -0.0499 16.6414 13.6182 4.6432 -14.2634 -5.0166 3.1335  -0.1590 -0.4842 0.0002  0.1515  0.4018  -0.1275 0.2783  -0.1371 -0.2428 'X-RAY DIFFRACTION' 
10 ? refined 27.6261  -8.0949  0.7988  0.1416  0.1436 0.1795 0.0390  -0.0239 -0.0798 40.9794 12.6421 9.5876 -4.1540  6.4866  2.4276  -0.2449 -1.2276 1.4305  0.4714  0.1584  -0.7083 -0.6226 0.4916  0.0865  'X-RAY DIFFRACTION' 
11 ? refined 35.3996  -13.6278 -0.0166 0.0196  0.1351 0.0987 0.1229  0.0243  -0.0438 50.7058 5.0246  5.2947 -11.4657 -3.5544 2.6009  -1.1335 -1.7905 0.2947  0.2050  0.4757  0.0392  0.2008  -0.0336 0.6578  'X-RAY DIFFRACTION' 
12 ? refined 44.6614  -17.8342 -1.4138 -0.0075 0.1345 0.1490 0.0568  0.0684  -0.0105 41.3309 16.0769 5.6119 -5.7169  -1.2851 9.4068  -1.1475 -1.4806 -1.4775 -0.1331 1.5977  0.1271  0.1822  0.5991  -0.4501 'X-RAY DIFFRACTION' 
# 
loop_
_pdbx_refine_tls_group.id 
_pdbx_refine_tls_group.refine_tls_id 
_pdbx_refine_tls_group.beg_auth_asym_id 
_pdbx_refine_tls_group.beg_auth_seq_id 
_pdbx_refine_tls_group.beg_label_asym_id 
_pdbx_refine_tls_group.beg_label_seq_id 
_pdbx_refine_tls_group.end_auth_asym_id 
_pdbx_refine_tls_group.end_auth_seq_id 
_pdbx_refine_tls_group.end_label_asym_id 
_pdbx_refine_tls_group.end_label_seq_id 
_pdbx_refine_tls_group.selection 
_pdbx_refine_tls_group.pdbx_refine_id 
_pdbx_refine_tls_group.selection_details 
1  1  A 51  A 18 A 58  A 25 ? 'X-RAY DIFFRACTION' ? 
2  2  A 59  A 26 A 62  A 29 ? 'X-RAY DIFFRACTION' ? 
3  3  A 63  A 30 A 69  A 36 ? 'X-RAY DIFFRACTION' ? 
4  4  A 70  A 37 A 76  A 43 ? 'X-RAY DIFFRACTION' ? 
5  5  A 77  A 44 A 81  A 48 ? 'X-RAY DIFFRACTION' ? 
6  6  A 82  A 49 A 87  A 54 ? 'X-RAY DIFFRACTION' ? 
7  7  A 88  A 55 A 92  A 59 ? 'X-RAY DIFFRACTION' ? 
8  8  A 93  A 60 A 98  A 65 ? 'X-RAY DIFFRACTION' ? 
9  9  A 99  A 66 A 104 A 71 ? 'X-RAY DIFFRACTION' ? 
10 10 A 105 A 72 A 109 A 76 ? 'X-RAY DIFFRACTION' ? 
11 11 A 110 A 77 A 117 A 84 ? 'X-RAY DIFFRACTION' ? 
12 12 A 118 A 85 A 122 A 89 ? 'X-RAY DIFFRACTION' ? 
# 
loop_
_pdbx_unobs_or_zero_occ_residues.id 
_pdbx_unobs_or_zero_occ_residues.PDB_model_num 
_pdbx_unobs_or_zero_occ_residues.polymer_flag 
_pdbx_unobs_or_zero_occ_residues.occupancy_flag 
_pdbx_unobs_or_zero_occ_residues.auth_asym_id 
_pdbx_unobs_or_zero_occ_residues.auth_comp_id 
_pdbx_unobs_or_zero_occ_residues.auth_seq_id 
_pdbx_unobs_or_zero_occ_residues.PDB_ins_code 
_pdbx_unobs_or_zero_occ_residues.label_asym_id 
_pdbx_unobs_or_zero_occ_residues.label_comp_id 
_pdbx_unobs_or_zero_occ_residues.label_seq_id 
1  1 Y 1 A MSE 34 ? A MSE 1  
2  1 Y 1 A HIS 35 ? A HIS 2  
3  1 Y 1 A HIS 36 ? A HIS 3  
4  1 Y 1 A HIS 37 ? A HIS 4  
5  1 Y 1 A HIS 38 ? A HIS 5  
6  1 Y 1 A HIS 39 ? A HIS 6  
7  1 Y 1 A HIS 40 ? A HIS 7  
8  1 Y 1 A SER 41 ? A SER 8  
9  1 Y 1 A SER 42 ? A SER 9  
10 1 Y 1 A GLY 43 ? A GLY 10 
11 1 Y 1 A ARG 44 ? A ARG 11 
12 1 Y 1 A GLU 45 ? A GLU 12 
13 1 Y 1 A ASN 46 ? A ASN 13 
14 1 Y 1 A LEU 47 ? A LEU 14 
15 1 Y 1 A TYR 48 ? A TYR 15 
16 1 Y 1 A PHE 49 ? A PHE 16 
17 1 Y 1 A GLN 50 ? A GLN 17 
# 
loop_
_chem_comp_atom.comp_id 
_chem_comp_atom.atom_id 
_chem_comp_atom.type_symbol 
_chem_comp_atom.pdbx_aromatic_flag 
_chem_comp_atom.pdbx_stereo_config 
_chem_comp_atom.pdbx_ordinal 
ALA N    N  N N 1   
ALA CA   C  N S 2   
ALA C    C  N N 3   
ALA O    O  N N 4   
ALA CB   C  N N 5   
ALA OXT  O  N N 6   
ALA H    H  N N 7   
ALA H2   H  N N 8   
ALA HA   H  N N 9   
ALA HB1  H  N N 10  
ALA HB2  H  N N 11  
ALA HB3  H  N N 12  
ALA HXT  H  N N 13  
ARG N    N  N N 14  
ARG CA   C  N S 15  
ARG C    C  N N 16  
ARG O    O  N N 17  
ARG CB   C  N N 18  
ARG CG   C  N N 19  
ARG CD   C  N N 20  
ARG NE   N  N N 21  
ARG CZ   C  N N 22  
ARG NH1  N  N N 23  
ARG NH2  N  N N 24  
ARG OXT  O  N N 25  
ARG H    H  N N 26  
ARG H2   H  N N 27  
ARG HA   H  N N 28  
ARG HB2  H  N N 29  
ARG HB3  H  N N 30  
ARG HG2  H  N N 31  
ARG HG3  H  N N 32  
ARG HD2  H  N N 33  
ARG HD3  H  N N 34  
ARG HE   H  N N 35  
ARG HH11 H  N N 36  
ARG HH12 H  N N 37  
ARG HH21 H  N N 38  
ARG HH22 H  N N 39  
ARG HXT  H  N N 40  
ASN N    N  N N 41  
ASN CA   C  N S 42  
ASN C    C  N N 43  
ASN O    O  N N 44  
ASN CB   C  N N 45  
ASN CG   C  N N 46  
ASN OD1  O  N N 47  
ASN ND2  N  N N 48  
ASN OXT  O  N N 49  
ASN H    H  N N 50  
ASN H2   H  N N 51  
ASN HA   H  N N 52  
ASN HB2  H  N N 53  
ASN HB3  H  N N 54  
ASN HD21 H  N N 55  
ASN HD22 H  N N 56  
ASN HXT  H  N N 57  
ASP N    N  N N 58  
ASP CA   C  N S 59  
ASP C    C  N N 60  
ASP O    O  N N 61  
ASP CB   C  N N 62  
ASP CG   C  N N 63  
ASP OD1  O  N N 64  
ASP OD2  O  N N 65  
ASP OXT  O  N N 66  
ASP H    H  N N 67  
ASP H2   H  N N 68  
ASP HA   H  N N 69  
ASP HB2  H  N N 70  
ASP HB3  H  N N 71  
ASP HD2  H  N N 72  
ASP HXT  H  N N 73  
CL  CL   CL N N 74  
GLN N    N  N N 75  
GLN CA   C  N S 76  
GLN C    C  N N 77  
GLN O    O  N N 78  
GLN CB   C  N N 79  
GLN CG   C  N N 80  
GLN CD   C  N N 81  
GLN OE1  O  N N 82  
GLN NE2  N  N N 83  
GLN OXT  O  N N 84  
GLN H    H  N N 85  
GLN H2   H  N N 86  
GLN HA   H  N N 87  
GLN HB2  H  N N 88  
GLN HB3  H  N N 89  
GLN HG2  H  N N 90  
GLN HG3  H  N N 91  
GLN HE21 H  N N 92  
GLN HE22 H  N N 93  
GLN HXT  H  N N 94  
GLU N    N  N N 95  
GLU CA   C  N S 96  
GLU C    C  N N 97  
GLU O    O  N N 98  
GLU CB   C  N N 99  
GLU CG   C  N N 100 
GLU CD   C  N N 101 
GLU OE1  O  N N 102 
GLU OE2  O  N N 103 
GLU OXT  O  N N 104 
GLU H    H  N N 105 
GLU H2   H  N N 106 
GLU HA   H  N N 107 
GLU HB2  H  N N 108 
GLU HB3  H  N N 109 
GLU HG2  H  N N 110 
GLU HG3  H  N N 111 
GLU HE2  H  N N 112 
GLU HXT  H  N N 113 
GLY N    N  N N 114 
GLY CA   C  N N 115 
GLY C    C  N N 116 
GLY O    O  N N 117 
GLY OXT  O  N N 118 
GLY H    H  N N 119 
GLY H2   H  N N 120 
GLY HA2  H  N N 121 
GLY HA3  H  N N 122 
GLY HXT  H  N N 123 
GOL C1   C  N N 124 
GOL O1   O  N N 125 
GOL C2   C  N N 126 
GOL O2   O  N N 127 
GOL C3   C  N N 128 
GOL O3   O  N N 129 
GOL H11  H  N N 130 
GOL H12  H  N N 131 
GOL HO1  H  N N 132 
GOL H2   H  N N 133 
GOL HO2  H  N N 134 
GOL H31  H  N N 135 
GOL H32  H  N N 136 
GOL HO3  H  N N 137 
HIS N    N  N N 138 
HIS CA   C  N S 139 
HIS C    C  N N 140 
HIS O    O  N N 141 
HIS CB   C  N N 142 
HIS CG   C  Y N 143 
HIS ND1  N  Y N 144 
HIS CD2  C  Y N 145 
HIS CE1  C  Y N 146 
HIS NE2  N  Y N 147 
HIS OXT  O  N N 148 
HIS H    H  N N 149 
HIS H2   H  N N 150 
HIS HA   H  N N 151 
HIS HB2  H  N N 152 
HIS HB3  H  N N 153 
HIS HD1  H  N N 154 
HIS HD2  H  N N 155 
HIS HE1  H  N N 156 
HIS HE2  H  N N 157 
HIS HXT  H  N N 158 
HOH O    O  N N 159 
HOH H1   H  N N 160 
HOH H2   H  N N 161 
ILE N    N  N N 162 
ILE CA   C  N S 163 
ILE C    C  N N 164 
ILE O    O  N N 165 
ILE CB   C  N S 166 
ILE CG1  C  N N 167 
ILE CG2  C  N N 168 
ILE CD1  C  N N 169 
ILE OXT  O  N N 170 
ILE H    H  N N 171 
ILE H2   H  N N 172 
ILE HA   H  N N 173 
ILE HB   H  N N 174 
ILE HG12 H  N N 175 
ILE HG13 H  N N 176 
ILE HG21 H  N N 177 
ILE HG22 H  N N 178 
ILE HG23 H  N N 179 
ILE HD11 H  N N 180 
ILE HD12 H  N N 181 
ILE HD13 H  N N 182 
ILE HXT  H  N N 183 
LEU N    N  N N 184 
LEU CA   C  N S 185 
LEU C    C  N N 186 
LEU O    O  N N 187 
LEU CB   C  N N 188 
LEU CG   C  N N 189 
LEU CD1  C  N N 190 
LEU CD2  C  N N 191 
LEU OXT  O  N N 192 
LEU H    H  N N 193 
LEU H2   H  N N 194 
LEU HA   H  N N 195 
LEU HB2  H  N N 196 
LEU HB3  H  N N 197 
LEU HG   H  N N 198 
LEU HD11 H  N N 199 
LEU HD12 H  N N 200 
LEU HD13 H  N N 201 
LEU HD21 H  N N 202 
LEU HD22 H  N N 203 
LEU HD23 H  N N 204 
LEU HXT  H  N N 205 
LYS N    N  N N 206 
LYS CA   C  N S 207 
LYS C    C  N N 208 
LYS O    O  N N 209 
LYS CB   C  N N 210 
LYS CG   C  N N 211 
LYS CD   C  N N 212 
LYS CE   C  N N 213 
LYS NZ   N  N N 214 
LYS OXT  O  N N 215 
LYS H    H  N N 216 
LYS H2   H  N N 217 
LYS HA   H  N N 218 
LYS HB2  H  N N 219 
LYS HB3  H  N N 220 
LYS HG2  H  N N 221 
LYS HG3  H  N N 222 
LYS HD2  H  N N 223 
LYS HD3  H  N N 224 
LYS HE2  H  N N 225 
LYS HE3  H  N N 226 
LYS HZ1  H  N N 227 
LYS HZ2  H  N N 228 
LYS HZ3  H  N N 229 
LYS HXT  H  N N 230 
MET N    N  N N 231 
MET CA   C  N S 232 
MET C    C  N N 233 
MET O    O  N N 234 
MET CB   C  N N 235 
MET CG   C  N N 236 
MET SD   S  N N 237 
MET CE   C  N N 238 
MET OXT  O  N N 239 
MET H    H  N N 240 
MET H2   H  N N 241 
MET HA   H  N N 242 
MET HB2  H  N N 243 
MET HB3  H  N N 244 
MET HG2  H  N N 245 
MET HG3  H  N N 246 
MET HE1  H  N N 247 
MET HE2  H  N N 248 
MET HE3  H  N N 249 
MET HXT  H  N N 250 
MSE N    N  N N 251 
MSE CA   C  N S 252 
MSE C    C  N N 253 
MSE O    O  N N 254 
MSE OXT  O  N N 255 
MSE CB   C  N N 256 
MSE CG   C  N N 257 
MSE SE   SE N N 258 
MSE CE   C  N N 259 
MSE H    H  N N 260 
MSE H2   H  N N 261 
MSE HA   H  N N 262 
MSE HXT  H  N N 263 
MSE HB2  H  N N 264 
MSE HB3  H  N N 265 
MSE HG2  H  N N 266 
MSE HG3  H  N N 267 
MSE HE1  H  N N 268 
MSE HE2  H  N N 269 
MSE HE3  H  N N 270 
PHE N    N  N N 271 
PHE CA   C  N S 272 
PHE C    C  N N 273 
PHE O    O  N N 274 
PHE CB   C  N N 275 
PHE CG   C  Y N 276 
PHE CD1  C  Y N 277 
PHE CD2  C  Y N 278 
PHE CE1  C  Y N 279 
PHE CE2  C  Y N 280 
PHE CZ   C  Y N 281 
PHE OXT  O  N N 282 
PHE H    H  N N 283 
PHE H2   H  N N 284 
PHE HA   H  N N 285 
PHE HB2  H  N N 286 
PHE HB3  H  N N 287 
PHE HD1  H  N N 288 
PHE HD2  H  N N 289 
PHE HE1  H  N N 290 
PHE HE2  H  N N 291 
PHE HZ   H  N N 292 
PHE HXT  H  N N 293 
PRO N    N  N N 294 
PRO CA   C  N S 295 
PRO C    C  N N 296 
PRO O    O  N N 297 
PRO CB   C  N N 298 
PRO CG   C  N N 299 
PRO CD   C  N N 300 
PRO OXT  O  N N 301 
PRO H    H  N N 302 
PRO HA   H  N N 303 
PRO HB2  H  N N 304 
PRO HB3  H  N N 305 
PRO HG2  H  N N 306 
PRO HG3  H  N N 307 
PRO HD2  H  N N 308 
PRO HD3  H  N N 309 
PRO HXT  H  N N 310 
SER N    N  N N 311 
SER CA   C  N S 312 
SER C    C  N N 313 
SER O    O  N N 314 
SER CB   C  N N 315 
SER OG   O  N N 316 
SER OXT  O  N N 317 
SER H    H  N N 318 
SER H2   H  N N 319 
SER HA   H  N N 320 
SER HB2  H  N N 321 
SER HB3  H  N N 322 
SER HG   H  N N 323 
SER HXT  H  N N 324 
TRP N    N  N N 325 
TRP CA   C  N S 326 
TRP C    C  N N 327 
TRP O    O  N N 328 
TRP CB   C  N N 329 
TRP CG   C  Y N 330 
TRP CD1  C  Y N 331 
TRP CD2  C  Y N 332 
TRP NE1  N  Y N 333 
TRP CE2  C  Y N 334 
TRP CE3  C  Y N 335 
TRP CZ2  C  Y N 336 
TRP CZ3  C  Y N 337 
TRP CH2  C  Y N 338 
TRP OXT  O  N N 339 
TRP H    H  N N 340 
TRP H2   H  N N 341 
TRP HA   H  N N 342 
TRP HB2  H  N N 343 
TRP HB3  H  N N 344 
TRP HD1  H  N N 345 
TRP HE1  H  N N 346 
TRP HE3  H  N N 347 
TRP HZ2  H  N N 348 
TRP HZ3  H  N N 349 
TRP HH2  H  N N 350 
TRP HXT  H  N N 351 
TYR N    N  N N 352 
TYR CA   C  N S 353 
TYR C    C  N N 354 
TYR O    O  N N 355 
TYR CB   C  N N 356 
TYR CG   C  Y N 357 
TYR CD1  C  Y N 358 
TYR CD2  C  Y N 359 
TYR CE1  C  Y N 360 
TYR CE2  C  Y N 361 
TYR CZ   C  Y N 362 
TYR OH   O  N N 363 
TYR OXT  O  N N 364 
TYR H    H  N N 365 
TYR H2   H  N N 366 
TYR HA   H  N N 367 
TYR HB2  H  N N 368 
TYR HB3  H  N N 369 
TYR HD1  H  N N 370 
TYR HD2  H  N N 371 
TYR HE1  H  N N 372 
TYR HE2  H  N N 373 
TYR HH   H  N N 374 
TYR HXT  H  N N 375 
VAL N    N  N N 376 
VAL CA   C  N S 377 
VAL C    C  N N 378 
VAL O    O  N N 379 
VAL CB   C  N N 380 
VAL CG1  C  N N 381 
VAL CG2  C  N N 382 
VAL OXT  O  N N 383 
VAL H    H  N N 384 
VAL H2   H  N N 385 
VAL HA   H  N N 386 
VAL HB   H  N N 387 
VAL HG11 H  N N 388 
VAL HG12 H  N N 389 
VAL HG13 H  N N 390 
VAL HG21 H  N N 391 
VAL HG22 H  N N 392 
VAL HG23 H  N N 393 
VAL HXT  H  N N 394 
# 
loop_
_chem_comp_bond.comp_id 
_chem_comp_bond.atom_id_1 
_chem_comp_bond.atom_id_2 
_chem_comp_bond.value_order 
_chem_comp_bond.pdbx_aromatic_flag 
_chem_comp_bond.pdbx_stereo_config 
_chem_comp_bond.pdbx_ordinal 
ALA N   CA   sing N N 1   
ALA N   H    sing N N 2   
ALA N   H2   sing N N 3   
ALA CA  C    sing N N 4   
ALA CA  CB   sing N N 5   
ALA CA  HA   sing N N 6   
ALA C   O    doub N N 7   
ALA C   OXT  sing N N 8   
ALA CB  HB1  sing N N 9   
ALA CB  HB2  sing N N 10  
ALA CB  HB3  sing N N 11  
ALA OXT HXT  sing N N 12  
ARG N   CA   sing N N 13  
ARG N   H    sing N N 14  
ARG N   H2   sing N N 15  
ARG CA  C    sing N N 16  
ARG CA  CB   sing N N 17  
ARG CA  HA   sing N N 18  
ARG C   O    doub N N 19  
ARG C   OXT  sing N N 20  
ARG CB  CG   sing N N 21  
ARG CB  HB2  sing N N 22  
ARG CB  HB3  sing N N 23  
ARG CG  CD   sing N N 24  
ARG CG  HG2  sing N N 25  
ARG CG  HG3  sing N N 26  
ARG CD  NE   sing N N 27  
ARG CD  HD2  sing N N 28  
ARG CD  HD3  sing N N 29  
ARG NE  CZ   sing N N 30  
ARG NE  HE   sing N N 31  
ARG CZ  NH1  sing N N 32  
ARG CZ  NH2  doub N N 33  
ARG NH1 HH11 sing N N 34  
ARG NH1 HH12 sing N N 35  
ARG NH2 HH21 sing N N 36  
ARG NH2 HH22 sing N N 37  
ARG OXT HXT  sing N N 38  
ASN N   CA   sing N N 39  
ASN N   H    sing N N 40  
ASN N   H2   sing N N 41  
ASN CA  C    sing N N 42  
ASN CA  CB   sing N N 43  
ASN CA  HA   sing N N 44  
ASN C   O    doub N N 45  
ASN C   OXT  sing N N 46  
ASN CB  CG   sing N N 47  
ASN CB  HB2  sing N N 48  
ASN CB  HB3  sing N N 49  
ASN CG  OD1  doub N N 50  
ASN CG  ND2  sing N N 51  
ASN ND2 HD21 sing N N 52  
ASN ND2 HD22 sing N N 53  
ASN OXT HXT  sing N N 54  
ASP N   CA   sing N N 55  
ASP N   H    sing N N 56  
ASP N   H2   sing N N 57  
ASP CA  C    sing N N 58  
ASP CA  CB   sing N N 59  
ASP CA  HA   sing N N 60  
ASP C   O    doub N N 61  
ASP C   OXT  sing N N 62  
ASP CB  CG   sing N N 63  
ASP CB  HB2  sing N N 64  
ASP CB  HB3  sing N N 65  
ASP CG  OD1  doub N N 66  
ASP CG  OD2  sing N N 67  
ASP OD2 HD2  sing N N 68  
ASP OXT HXT  sing N N 69  
GLN N   CA   sing N N 70  
GLN N   H    sing N N 71  
GLN N   H2   sing N N 72  
GLN CA  C    sing N N 73  
GLN CA  CB   sing N N 74  
GLN CA  HA   sing N N 75  
GLN C   O    doub N N 76  
GLN C   OXT  sing N N 77  
GLN CB  CG   sing N N 78  
GLN CB  HB2  sing N N 79  
GLN CB  HB3  sing N N 80  
GLN CG  CD   sing N N 81  
GLN CG  HG2  sing N N 82  
GLN CG  HG3  sing N N 83  
GLN CD  OE1  doub N N 84  
GLN CD  NE2  sing N N 85  
GLN NE2 HE21 sing N N 86  
GLN NE2 HE22 sing N N 87  
GLN OXT HXT  sing N N 88  
GLU N   CA   sing N N 89  
GLU N   H    sing N N 90  
GLU N   H2   sing N N 91  
GLU CA  C    sing N N 92  
GLU CA  CB   sing N N 93  
GLU CA  HA   sing N N 94  
GLU C   O    doub N N 95  
GLU C   OXT  sing N N 96  
GLU CB  CG   sing N N 97  
GLU CB  HB2  sing N N 98  
GLU CB  HB3  sing N N 99  
GLU CG  CD   sing N N 100 
GLU CG  HG2  sing N N 101 
GLU CG  HG3  sing N N 102 
GLU CD  OE1  doub N N 103 
GLU CD  OE2  sing N N 104 
GLU OE2 HE2  sing N N 105 
GLU OXT HXT  sing N N 106 
GLY N   CA   sing N N 107 
GLY N   H    sing N N 108 
GLY N   H2   sing N N 109 
GLY CA  C    sing N N 110 
GLY CA  HA2  sing N N 111 
GLY CA  HA3  sing N N 112 
GLY C   O    doub N N 113 
GLY C   OXT  sing N N 114 
GLY OXT HXT  sing N N 115 
GOL C1  O1   sing N N 116 
GOL C1  C2   sing N N 117 
GOL C1  H11  sing N N 118 
GOL C1  H12  sing N N 119 
GOL O1  HO1  sing N N 120 
GOL C2  O2   sing N N 121 
GOL C2  C3   sing N N 122 
GOL C2  H2   sing N N 123 
GOL O2  HO2  sing N N 124 
GOL C3  O3   sing N N 125 
GOL C3  H31  sing N N 126 
GOL C3  H32  sing N N 127 
GOL O3  HO3  sing N N 128 
HIS N   CA   sing N N 129 
HIS N   H    sing N N 130 
HIS N   H2   sing N N 131 
HIS CA  C    sing N N 132 
HIS CA  CB   sing N N 133 
HIS CA  HA   sing N N 134 
HIS C   O    doub N N 135 
HIS C   OXT  sing N N 136 
HIS CB  CG   sing N N 137 
HIS CB  HB2  sing N N 138 
HIS CB  HB3  sing N N 139 
HIS CG  ND1  sing Y N 140 
HIS CG  CD2  doub Y N 141 
HIS ND1 CE1  doub Y N 142 
HIS ND1 HD1  sing N N 143 
HIS CD2 NE2  sing Y N 144 
HIS CD2 HD2  sing N N 145 
HIS CE1 NE2  sing Y N 146 
HIS CE1 HE1  sing N N 147 
HIS NE2 HE2  sing N N 148 
HIS OXT HXT  sing N N 149 
HOH O   H1   sing N N 150 
HOH O   H2   sing N N 151 
ILE N   CA   sing N N 152 
ILE N   H    sing N N 153 
ILE N   H2   sing N N 154 
ILE CA  C    sing N N 155 
ILE CA  CB   sing N N 156 
ILE CA  HA   sing N N 157 
ILE C   O    doub N N 158 
ILE C   OXT  sing N N 159 
ILE CB  CG1  sing N N 160 
ILE CB  CG2  sing N N 161 
ILE CB  HB   sing N N 162 
ILE CG1 CD1  sing N N 163 
ILE CG1 HG12 sing N N 164 
ILE CG1 HG13 sing N N 165 
ILE CG2 HG21 sing N N 166 
ILE CG2 HG22 sing N N 167 
ILE CG2 HG23 sing N N 168 
ILE CD1 HD11 sing N N 169 
ILE CD1 HD12 sing N N 170 
ILE CD1 HD13 sing N N 171 
ILE OXT HXT  sing N N 172 
LEU N   CA   sing N N 173 
LEU N   H    sing N N 174 
LEU N   H2   sing N N 175 
LEU CA  C    sing N N 176 
LEU CA  CB   sing N N 177 
LEU CA  HA   sing N N 178 
LEU C   O    doub N N 179 
LEU C   OXT  sing N N 180 
LEU CB  CG   sing N N 181 
LEU CB  HB2  sing N N 182 
LEU CB  HB3  sing N N 183 
LEU CG  CD1  sing N N 184 
LEU CG  CD2  sing N N 185 
LEU CG  HG   sing N N 186 
LEU CD1 HD11 sing N N 187 
LEU CD1 HD12 sing N N 188 
LEU CD1 HD13 sing N N 189 
LEU CD2 HD21 sing N N 190 
LEU CD2 HD22 sing N N 191 
LEU CD2 HD23 sing N N 192 
LEU OXT HXT  sing N N 193 
LYS N   CA   sing N N 194 
LYS N   H    sing N N 195 
LYS N   H2   sing N N 196 
LYS CA  C    sing N N 197 
LYS CA  CB   sing N N 198 
LYS CA  HA   sing N N 199 
LYS C   O    doub N N 200 
LYS C   OXT  sing N N 201 
LYS CB  CG   sing N N 202 
LYS CB  HB2  sing N N 203 
LYS CB  HB3  sing N N 204 
LYS CG  CD   sing N N 205 
LYS CG  HG2  sing N N 206 
LYS CG  HG3  sing N N 207 
LYS CD  CE   sing N N 208 
LYS CD  HD2  sing N N 209 
LYS CD  HD3  sing N N 210 
LYS CE  NZ   sing N N 211 
LYS CE  HE2  sing N N 212 
LYS CE  HE3  sing N N 213 
LYS NZ  HZ1  sing N N 214 
LYS NZ  HZ2  sing N N 215 
LYS NZ  HZ3  sing N N 216 
LYS OXT HXT  sing N N 217 
MET N   CA   sing N N 218 
MET N   H    sing N N 219 
MET N   H2   sing N N 220 
MET CA  C    sing N N 221 
MET CA  CB   sing N N 222 
MET CA  HA   sing N N 223 
MET C   O    doub N N 224 
MET C   OXT  sing N N 225 
MET CB  CG   sing N N 226 
MET CB  HB2  sing N N 227 
MET CB  HB3  sing N N 228 
MET CG  SD   sing N N 229 
MET CG  HG2  sing N N 230 
MET CG  HG3  sing N N 231 
MET SD  CE   sing N N 232 
MET CE  HE1  sing N N 233 
MET CE  HE2  sing N N 234 
MET CE  HE3  sing N N 235 
MET OXT HXT  sing N N 236 
MSE N   CA   sing N N 237 
MSE N   H    sing N N 238 
MSE N   H2   sing N N 239 
MSE CA  C    sing N N 240 
MSE CA  CB   sing N N 241 
MSE CA  HA   sing N N 242 
MSE C   O    doub N N 243 
MSE C   OXT  sing N N 244 
MSE OXT HXT  sing N N 245 
MSE CB  CG   sing N N 246 
MSE CB  HB2  sing N N 247 
MSE CB  HB3  sing N N 248 
MSE CG  SE   sing N N 249 
MSE CG  HG2  sing N N 250 
MSE CG  HG3  sing N N 251 
MSE SE  CE   sing N N 252 
MSE CE  HE1  sing N N 253 
MSE CE  HE2  sing N N 254 
MSE CE  HE3  sing N N 255 
PHE N   CA   sing N N 256 
PHE N   H    sing N N 257 
PHE N   H2   sing N N 258 
PHE CA  C    sing N N 259 
PHE CA  CB   sing N N 260 
PHE CA  HA   sing N N 261 
PHE C   O    doub N N 262 
PHE C   OXT  sing N N 263 
PHE CB  CG   sing N N 264 
PHE CB  HB2  sing N N 265 
PHE CB  HB3  sing N N 266 
PHE CG  CD1  doub Y N 267 
PHE CG  CD2  sing Y N 268 
PHE CD1 CE1  sing Y N 269 
PHE CD1 HD1  sing N N 270 
PHE CD2 CE2  doub Y N 271 
PHE CD2 HD2  sing N N 272 
PHE CE1 CZ   doub Y N 273 
PHE CE1 HE1  sing N N 274 
PHE CE2 CZ   sing Y N 275 
PHE CE2 HE2  sing N N 276 
PHE CZ  HZ   sing N N 277 
PHE OXT HXT  sing N N 278 
PRO N   CA   sing N N 279 
PRO N   CD   sing N N 280 
PRO N   H    sing N N 281 
PRO CA  C    sing N N 282 
PRO CA  CB   sing N N 283 
PRO CA  HA   sing N N 284 
PRO C   O    doub N N 285 
PRO C   OXT  sing N N 286 
PRO CB  CG   sing N N 287 
PRO CB  HB2  sing N N 288 
PRO CB  HB3  sing N N 289 
PRO CG  CD   sing N N 290 
PRO CG  HG2  sing N N 291 
PRO CG  HG3  sing N N 292 
PRO CD  HD2  sing N N 293 
PRO CD  HD3  sing N N 294 
PRO OXT HXT  sing N N 295 
SER N   CA   sing N N 296 
SER N   H    sing N N 297 
SER N   H2   sing N N 298 
SER CA  C    sing N N 299 
SER CA  CB   sing N N 300 
SER CA  HA   sing N N 301 
SER C   O    doub N N 302 
SER C   OXT  sing N N 303 
SER CB  OG   sing N N 304 
SER CB  HB2  sing N N 305 
SER CB  HB3  sing N N 306 
SER OG  HG   sing N N 307 
SER OXT HXT  sing N N 308 
TRP N   CA   sing N N 309 
TRP N   H    sing N N 310 
TRP N   H2   sing N N 311 
TRP CA  C    sing N N 312 
TRP CA  CB   sing N N 313 
TRP CA  HA   sing N N 314 
TRP C   O    doub N N 315 
TRP C   OXT  sing N N 316 
TRP CB  CG   sing N N 317 
TRP CB  HB2  sing N N 318 
TRP CB  HB3  sing N N 319 
TRP CG  CD1  doub Y N 320 
TRP CG  CD2  sing Y N 321 
TRP CD1 NE1  sing Y N 322 
TRP CD1 HD1  sing N N 323 
TRP CD2 CE2  doub Y N 324 
TRP CD2 CE3  sing Y N 325 
TRP NE1 CE2  sing Y N 326 
TRP NE1 HE1  sing N N 327 
TRP CE2 CZ2  sing Y N 328 
TRP CE3 CZ3  doub Y N 329 
TRP CE3 HE3  sing N N 330 
TRP CZ2 CH2  doub Y N 331 
TRP CZ2 HZ2  sing N N 332 
TRP CZ3 CH2  sing Y N 333 
TRP CZ3 HZ3  sing N N 334 
TRP CH2 HH2  sing N N 335 
TRP OXT HXT  sing N N 336 
TYR N   CA   sing N N 337 
TYR N   H    sing N N 338 
TYR N   H2   sing N N 339 
TYR CA  C    sing N N 340 
TYR CA  CB   sing N N 341 
TYR CA  HA   sing N N 342 
TYR C   O    doub N N 343 
TYR C   OXT  sing N N 344 
TYR CB  CG   sing N N 345 
TYR CB  HB2  sing N N 346 
TYR CB  HB3  sing N N 347 
TYR CG  CD1  doub Y N 348 
TYR CG  CD2  sing Y N 349 
TYR CD1 CE1  sing Y N 350 
TYR CD1 HD1  sing N N 351 
TYR CD2 CE2  doub Y N 352 
TYR CD2 HD2  sing N N 353 
TYR CE1 CZ   doub Y N 354 
TYR CE1 HE1  sing N N 355 
TYR CE2 CZ   sing Y N 356 
TYR CE2 HE2  sing N N 357 
TYR CZ  OH   sing N N 358 
TYR OH  HH   sing N N 359 
TYR OXT HXT  sing N N 360 
VAL N   CA   sing N N 361 
VAL N   H    sing N N 362 
VAL N   H2   sing N N 363 
VAL CA  C    sing N N 364 
VAL CA  CB   sing N N 365 
VAL CA  HA   sing N N 366 
VAL C   O    doub N N 367 
VAL C   OXT  sing N N 368 
VAL CB  CG1  sing N N 369 
VAL CB  CG2  sing N N 370 
VAL CB  HB   sing N N 371 
VAL CG1 HG11 sing N N 372 
VAL CG1 HG12 sing N N 373 
VAL CG1 HG13 sing N N 374 
VAL CG2 HG21 sing N N 375 
VAL CG2 HG22 sing N N 376 
VAL CG2 HG23 sing N N 377 
VAL OXT HXT  sing N N 378 
# 
_atom_sites.entry_id                    2Q2F 
_atom_sites.fract_transf_matrix[1][1]   -0.00399071 
_atom_sites.fract_transf_matrix[1][2]   0.00552771 
_atom_sites.fract_transf_matrix[1][3]   0.00485791 
_atom_sites.fract_transf_matrix[2][1]   -0.02771245 
_atom_sites.fract_transf_matrix[2][2]   -0.03979173 
_atom_sites.fract_transf_matrix[2][3]   0.02251274 
_atom_sites.fract_transf_matrix[3][1]   0.01795031 
_atom_sites.fract_transf_matrix[3][2]   -0.00161263 
_atom_sites.fract_transf_matrix[3][3]   0.01924589 
_atom_sites.fract_transf_vector[1]      0.122807 
_atom_sites.fract_transf_vector[2]      -0.488760 
_atom_sites.fract_transf_vector[3]      1.227651 
# 
loop_
_atom_type.symbol 
C  
CL 
N  
O  
SE 
# 
loop_
_atom_site.group_PDB 
_atom_site.id 
_atom_site.type_symbol 
_atom_site.label_atom_id 
_atom_site.label_alt_id 
_atom_site.label_comp_id 
_atom_site.label_asym_id 
_atom_site.label_entity_id 
_atom_site.label_seq_id 
_atom_site.pdbx_PDB_ins_code 
_atom_site.Cartn_x 
_atom_site.Cartn_y 
_atom_site.Cartn_z 
_atom_site.occupancy 
_atom_site.B_iso_or_equiv 
_atom_site.pdbx_formal_charge 
_atom_site.auth_seq_id 
_atom_site.auth_comp_id 
_atom_site.auth_asym_id 
_atom_site.auth_atom_id 
_atom_site.pdbx_PDB_model_num 
ATOM   1   N  N   . GLY A 1 18 ? -48.217 2.186   -9.481  1.00 34.35 ? 51  GLY A N   1 
ATOM   2   C  CA  . GLY A 1 18 ? -47.251 2.590   -8.416  1.00 34.37 ? 51  GLY A CA  1 
ATOM   3   C  C   . GLY A 1 18 ? -47.973 2.718   -7.107  1.00 34.54 ? 51  GLY A C   1 
ATOM   4   O  O   . GLY A 1 18 ? -49.082 2.215   -6.964  1.00 36.23 ? 51  GLY A O   1 
ATOM   5   N  N   . SER A 1 19 ? -47.323 3.383   -6.143  1.00 31.04 ? 52  SER A N   1 
ATOM   6   C  CA  . SER A 1 19 ? -47.851 3.552   -4.783  1.00 29.66 ? 52  SER A CA  1 
ATOM   7   C  C   . SER A 1 19 ? -47.010 4.524   -3.973  1.00 29.97 ? 52  SER A C   1 
ATOM   8   O  O   . SER A 1 19 ? -45.834 4.754   -4.254  1.00 26.14 ? 52  SER A O   1 
ATOM   9   C  CB  . SER A 1 19 ? -47.865 2.206   -4.056  1.00 33.19 ? 52  SER A CB  1 
ATOM   10  O  OG  . SER A 1 19 ? -46.552 1.887   -3.596  1.00 29.92 ? 52  SER A OG  1 
ATOM   11  N  N   . ALA A 1 20 ? -47.591 5.067   -2.920  1.00 29.76 ? 53  ALA A N   1 
ATOM   12  C  CA  . ALA A 1 20 ? -46.823 5.911   -1.984  1.00 29.31 ? 53  ALA A CA  1 
ATOM   13  C  C   . ALA A 1 20 ? -45.567 5.225   -1.415  1.00 26.80 ? 53  ALA A C   1 
ATOM   14  O  O   . ALA A 1 20 ? -44.502 5.858   -1.340  1.00 24.64 ? 53  ALA A O   1 
ATOM   15  C  CB  . ALA A 1 20 ? -47.718 6.403   -0.857  1.00 33.20 ? 53  ALA A CB  1 
ATOM   16  N  N   . ARG A 1 21 ? -45.672 3.949   -1.029  1.00 27.22 ? 54  ARG A N   1 
ATOM   17  C  CA  . ARG A 1 21 ? -44.528 3.208   -0.479  1.00 24.88 ? 54  ARG A CA  1 
ATOM   18  C  C   . ARG A 1 21 ? -43.443 3.106   -1.567  1.00 20.54 ? 54  ARG A C   1 
ATOM   19  O  O   . ARG A 1 21 ? -42.263 3.303   -1.277  1.00 21.19 ? 54  ARG A O   1 
ATOM   20  C  CB  . ARG A 1 21 ? -44.935 1.781   0.016   1.00 28.15 ? 54  ARG A CB  1 
ATOM   21  C  CG  . ARG A 1 21 ? -43.742 0.956   0.611   1.00 31.32 ? 54  ARG A CG  1 
ATOM   22  C  CD  . ARG A 1 21 ? -44.108 -0.158  1.717   1.00 36.85 ? 54  ARG A CD  1 
ATOM   23  N  NE  . ARG A 1 21 ? -42.928 -0.490  2.545   1.00 38.01 ? 54  ARG A NE  1 
ATOM   24  C  CZ  . ARG A 1 21 ? -42.897 -1.242  3.641   1.00 39.79 ? 54  ARG A CZ  1 
ATOM   25  N  NH1 . ARG A 1 21 ? -44.000 -1.811  4.123   1.00 39.57 ? 54  ARG A NH1 1 
ATOM   26  N  NH2 . ARG A 1 21 ? -41.728 -1.423  4.278   1.00 32.54 ? 54  ARG A NH2 1 
ATOM   27  N  N   . LEU A 1 22 ? -43.847 2.804   -2.803  1.00 22.44 ? 55  LEU A N   1 
ATOM   28  C  CA  . LEU A 1 22 ? -42.843 2.707   -3.868  1.00 20.01 ? 55  LEU A CA  1 
ATOM   29  C  C   . LEU A 1 22 ? -42.194 4.065   -4.185  1.00 18.86 ? 55  LEU A C   1 
ATOM   30  O  O   . LEU A 1 22 ? -41.002 4.142   -4.524  1.00 19.76 ? 55  LEU A O   1 
ATOM   31  C  CB  . LEU A 1 22 ? -43.427 2.056   -5.145  1.00 21.07 ? 55  LEU A CB  1 
ATOM   32  C  CG  . LEU A 1 22 ? -43.735 0.565   -5.004  1.00 20.88 ? 55  LEU A CG  1 
ATOM   33  C  CD1 . LEU A 1 22 ? -44.534 0.141   -6.234  1.00 21.52 ? 55  LEU A CD1 1 
ATOM   34  C  CD2 . LEU A 1 22 ? -42.434 -0.193  -4.859  1.00 22.96 ? 55  LEU A CD2 1 
ATOM   35  N  N   . ARG A 1 23 ? -42.971 5.131   -4.159  1.00 22.09 ? 56  ARG A N   1 
ATOM   36  C  CA  . ARG A 1 23 ? -42.411 6.479   -4.415  1.00 21.80 ? 56  ARG A CA  1 
ATOM   37  C  C   . ARG A 1 23 ? -41.419 6.840   -3.310  1.00 23.29 ? 56  ARG A C   1 
ATOM   38  O  O   . ARG A 1 23 ? -40.358 7.394   -3.608  1.00 20.58 ? 56  ARG A O   1 
ATOM   39  C  CB  . ARG A 1 23 ? -43.546 7.513   -4.524  1.00 24.99 ? 56  ARG A CB  1 
ATOM   40  C  CG  . ARG A 1 23 ? -44.322 7.375   -5.857  1.00 27.45 ? 56  ARG A CG  1 
ATOM   41  C  CD  . ARG A 1 23 ? -45.241 8.549   -6.061  1.00 30.72 ? 56  ARG A CD  1 
ATOM   42  N  NE  . ARG A 1 23 ? -46.454 8.474   -5.262  1.00 35.94 ? 56  ARG A NE  1 
ATOM   43  C  CZ  . ARG A 1 23 ? -47.532 7.764   -5.592  1.00 35.28 ? 56  ARG A CZ  1 
ATOM   44  N  NH1 . ARG A 1 23 ? -47.538 7.018   -6.699  1.00 35.97 ? 56  ARG A NH1 1 
ATOM   45  N  NH2 . ARG A 1 23 ? -48.598 7.798   -4.792  1.00 42.43 ? 56  ARG A NH2 1 
ATOM   46  N  N   . ALA A 1 24 ? -41.745 6.516   -2.059  1.00 22.01 ? 57  ALA A N   1 
ATOM   47  C  CA  . ALA A 1 24 ? -40.819 6.726   -0.919  1.00 22.72 ? 57  ALA A CA  1 
ATOM   48  C  C   . ALA A 1 24 ? -39.556 5.876   -1.081  1.00 21.74 ? 57  ALA A C   1 
ATOM   49  O  O   . ALA A 1 24 ? -38.454 6.359   -0.856  1.00 21.70 ? 57  ALA A O   1 
ATOM   50  C  CB  . ALA A 1 24 ? -41.484 6.433   0.408   1.00 24.87 ? 57  ALA A CB  1 
ATOM   51  N  N   . LEU A 1 25 ? -39.715 4.618   -1.476  1.00 18.56 ? 58  LEU A N   1 
ATOM   52  C  CA  . LEU A 1 25 ? -38.547 3.766   -1.707  1.00 18.09 ? 58  LEU A CA  1 
ATOM   53  C  C   . LEU A 1 25 ? -37.619 4.377   -2.783  1.00 15.76 ? 58  LEU A C   1 
ATOM   54  O  O   . LEU A 1 25 ? -36.392 4.411   -2.607  1.00 18.05 ? 58  LEU A O   1 
ATOM   55  C  CB  . LEU A 1 25 ? -39.019 2.345   -2.069  1.00 18.38 ? 58  LEU A CB  1 
ATOM   56  C  CG  . LEU A 1 25 ? -37.894 1.355   -2.438  1.00 17.58 ? 58  LEU A CG  1 
ATOM   57  C  CD1 . LEU A 1 25 ? -36.833 1.211   -1.280  1.00 21.49 ? 58  LEU A CD1 1 
ATOM   58  C  CD2 . LEU A 1 25 ? -38.432 -0.027  -2.968  1.00 20.71 ? 58  LEU A CD2 1 
ATOM   59  N  N   A ARG A 1 26 ? -38.191 4.810   -3.936  0.00 27.03 ? 59  ARG A N   1 
ATOM   60  N  N   C ARG A 1 26 ? -38.183 4.791   -3.936  1.00 17.10 ? 59  ARG A N   1 
ATOM   61  C  CA  A ARG A 1 26 ? -37.343 5.449   -4.926  0.00 26.90 ? 59  ARG A CA  1 
ATOM   62  C  CA  C ARG A 1 26 ? -37.343 5.452   -4.928  1.00 15.52 ? 59  ARG A CA  1 
ATOM   63  C  C   A ARG A 1 26 ? -36.573 6.633   -4.355  0.00 27.11 ? 59  ARG A C   1 
ATOM   64  C  C   C ARG A 1 26 ? -36.581 6.637   -4.368  1.00 15.62 ? 59  ARG A C   1 
ATOM   65  O  O   A ARG A 1 26 ? -35.367 6.794   -4.620  0.00 27.01 ? 59  ARG A O   1 
ATOM   66  O  O   C ARG A 1 26 ? -35.367 6.804   -4.613  1.00 16.53 ? 59  ARG A O   1 
ATOM   67  C  CB  A ARG A 1 26 ? -38.179 5.863   -6.137  0.00 27.35 ? 59  ARG A CB  1 
ATOM   68  C  CB  C ARG A 1 26 ? -38.172 5.859   -6.152  1.00 19.34 ? 59  ARG A CB  1 
ATOM   69  C  CG  A ARG A 1 26 ? -37.305 6.476   -7.207  0.00 28.10 ? 59  ARG A CG  1 
ATOM   70  C  CG  C ARG A 1 26 ? -37.279 6.478   -7.187  1.00 20.16 ? 59  ARG A CG  1 
ATOM   71  C  CD  A ARG A 1 26 ? -37.823 6.366   -8.588  0.00 29.31 ? 59  ARG A CD  1 
ATOM   72  C  CD  C ARG A 1 26 ? -37.714 6.260   -8.579  1.00 29.41 ? 59  ARG A CD  1 
ATOM   73  N  NE  A ARG A 1 26 ? -37.019 7.329   -9.332  0.00 30.78 ? 59  ARG A NE  1 
ATOM   74  N  NE  C ARG A 1 26 ? -36.697 6.867   -9.407  1.00 38.20 ? 59  ARG A NE  1 
ATOM   75  C  CZ  A ARG A 1 26 ? -37.292 8.620   -9.425  0.00 32.04 ? 59  ARG A CZ  1 
ATOM   76  C  CZ  C ARG A 1 26 ? -35.580 6.290   -9.854  1.00 38.80 ? 59  ARG A CZ  1 
ATOM   77  N  NH1 A ARG A 1 26 ? -38.370 9.141   -8.802  0.00 32.15 ? 59  ARG A NH1 1 
ATOM   78  N  NH1 C ARG A 1 26 ? -34.845 7.032   -10.649 1.00 34.16 ? 59  ARG A NH1 1 
ATOM   79  N  NH2 A ARG A 1 26 ? -36.502 9.376   -10.169 0.00 33.87 ? 59  ARG A NH2 1 
ATOM   80  N  NH2 C ARG A 1 26 ? -35.222 5.007   -9.584  1.00 29.69 ? 59  ARG A NH2 1 
ATOM   81  N  N   . GLN A 1 27 ? -37.283 7.484   -3.610  1.00 18.55 ? 60  GLN A N   1 
ATOM   82  C  CA  . GLN A 1 27 ? -36.593 8.639   -3.043  1.00 21.50 ? 60  GLN A CA  1 
ATOM   83  C  C   . GLN A 1 27 ? -35.434 8.291   -2.084  1.00 20.16 ? 60  GLN A C   1 
ATOM   84  O  O   . GLN A 1 27 ? -34.365 8.879   -2.133  1.00 20.20 ? 60  GLN A O   1 
ATOM   85  C  CB  . GLN A 1 27 ? -37.564 9.653   -2.414  1.00 24.08 ? 60  GLN A CB  1 
ATOM   86  C  CG  . GLN A 1 27 ? -38.537 10.274  -3.459  1.00 26.62 ? 60  GLN A CG  1 
ATOM   87  C  CD  . GLN A 1 27 ? -37.870 11.041  -4.664  1.00 28.89 ? 60  GLN A CD  1 
ATOM   88  O  OE1 . GLN A 1 27 ? -38.264 10.822  -5.834  1.00 37.06 ? 60  GLN A OE1 1 
ATOM   89  N  NE2 . GLN A 1 27 ? -36.905 11.939  -4.376  1.00 33.15 ? 60  GLN A NE2 1 
ATOM   90  N  N   . ARG A 1 28 ? -35.616 7.243   -1.282  1.00 18.88 ? 61  ARG A N   1 
ATOM   91  C  CA  . ARG A 1 28 ? -34.573 6.773   -0.426  1.00 20.28 ? 61  ARG A CA  1 
ATOM   92  C  C   . ARG A 1 28 ? -33.414 6.168   -1.217  1.00 18.55 ? 61  ARG A C   1 
ATOM   93  O  O   . ARG A 1 28 ? -32.252 6.360   -0.825  1.00 20.12 ? 61  ARG A O   1 
ATOM   94  C  CB  . ARG A 1 28 ? -35.099 5.788   0.600   1.00 22.29 ? 61  ARG A CB  1 
ATOM   95  C  CG  . ARG A 1 28 ? -36.165 6.324   1.617   1.00 30.18 ? 61  ARG A CG  1 
ATOM   96  C  CD  . ARG A 1 28 ? -35.642 7.425   2.576   1.00 35.42 ? 61  ARG A CD  1 
ATOM   97  N  NE  . ARG A 1 28 ? -35.431 8.730   1.915   1.00 40.99 ? 61  ARG A NE  1 
ATOM   98  C  CZ  . ARG A 1 28 ? -36.410 9.510   1.432   1.00 40.32 ? 61  ARG A CZ  1 
ATOM   99  N  NH1 . ARG A 1 28 ? -37.691 9.110   1.490   1.00 42.50 ? 61  ARG A NH1 1 
ATOM   100 N  NH2 . ARG A 1 28 ? -36.104 10.686  0.859   1.00 38.32 ? 61  ARG A NH2 1 
ATOM   101 N  N   . GLN A 1 29 ? -33.721 5.471   -2.316  1.00 17.10 ? 62  GLN A N   1 
ATOM   102 C  CA  . GLN A 1 29 ? -32.656 4.937   -3.182  1.00 16.88 ? 62  GLN A CA  1 
ATOM   103 C  C   . GLN A 1 29 ? -31.845 6.053   -3.788  1.00 15.24 ? 62  GLN A C   1 
ATOM   104 O  O   . GLN A 1 29 ? -30.601 5.966   -3.853  1.00 16.22 ? 62  GLN A O   1 
ATOM   105 C  CB  . GLN A 1 29 ? -33.197 4.033   -4.265  1.00 18.12 ? 62  GLN A CB  1 
ATOM   106 C  CG  . GLN A 1 29 ? -33.675 2.728   -3.673  1.00 18.50 ? 62  GLN A CG  1 
ATOM   107 C  CD  . GLN A 1 29 ? -32.496 1.884   -3.168  1.00 22.46 ? 62  GLN A CD  1 
ATOM   108 O  OE1 . GLN A 1 29 ? -32.333 1.758   -2.001  1.00 27.96 ? 62  GLN A OE1 1 
ATOM   109 N  NE2 . GLN A 1 29 ? -31.727 1.303   -4.060  1.00 26.37 ? 62  GLN A NE2 1 
ATOM   110 N  N   . LEU A 1 30 ? -32.526 7.096   -4.236  1.00 16.76 ? 63  LEU A N   1 
ATOM   111 C  CA  . LEU A 1 30 ? -31.855 8.326   -4.773  1.00 16.66 ? 63  LEU A CA  1 
ATOM   112 C  C   . LEU A 1 30 ? -30.936 8.962   -3.736  1.00 18.01 ? 63  LEU A C   1 
ATOM   113 O  O   . LEU A 1 30 ? -29.788 9.331   -4.045  1.00 17.71 ? 63  LEU A O   1 
ATOM   114 C  CB  . LEU A 1 30 ? -32.903 9.279   -5.340  1.00 15.81 ? 63  LEU A CB  1 
ATOM   115 C  CG  . LEU A 1 30 ? -33.644 8.777   -6.606  1.00 17.80 ? 63  LEU A CG  1 
ATOM   116 C  CD1 . LEU A 1 30 ? -34.689 9.835   -6.868  1.00 21.00 ? 63  LEU A CD1 1 
ATOM   117 C  CD2 . LEU A 1 30 ? -32.626 8.671   -7.736  1.00 20.46 ? 63  LEU A CD2 1 
ATOM   118 N  N   . ASP A 1 31 ? -31.424 9.054   -2.524  1.00 16.48 ? 64  ASP A N   1 
ATOM   119 C  CA  . ASP A 1 31 ? -30.617 9.600   -1.358  1.00 15.46 ? 64  ASP A CA  1 
ATOM   120 C  C   . ASP A 1 31 ? -29.356 8.743   -1.145  1.00 18.57 ? 64  ASP A C   1 
ATOM   121 O  O   . ASP A 1 31 ? -28.238 9.268   -0.957  1.00 17.11 ? 64  ASP A O   1 
ATOM   122 C  CB  . ASP A 1 31 ? -31.407 9.635   -0.043  1.00 19.19 ? 64  ASP A CB  1 
ATOM   123 C  CG  . ASP A 1 31 ? -32.535 10.626  -0.076  1.00 25.21 ? 64  ASP A CG  1 
ATOM   124 O  OD1 . ASP A 1 31 ? -32.496 11.564  -0.918  1.00 27.62 ? 64  ASP A OD1 1 
ATOM   125 O  OD2 . ASP A 1 31 ? -33.434 10.474  0.767   1.00 27.51 ? 64  ASP A OD2 1 
ATOM   126 N  N   . ARG A 1 32 ? -29.521 7.418   -1.207  1.00 16.71 ? 65  ARG A N   1 
ATOM   127 C  CA  . ARG A 1 32 ? -28.372 6.474   -1.045  1.00 15.82 ? 65  ARG A CA  1 
ATOM   128 C  C   . ARG A 1 32 ? -27.390 6.632   -2.196  1.00 16.18 ? 65  ARG A C   1 
ATOM   129 O  O   . ARG A 1 32 ? -26.182 6.619   -1.951  1.00 16.59 ? 65  ARG A O   1 
ATOM   130 C  CB  . ARG A 1 32 ? -28.870 5.031   -0.898  1.00 16.97 ? 65  ARG A CB  1 
ATOM   131 C  CG  . ARG A 1 32 ? -29.573 4.812   0.395   1.00 19.41 ? 65  ARG A CG  1 
ATOM   132 C  CD  . ARG A 1 32 ? -30.183 3.423   0.507   1.00 32.16 ? 65  ARG A CD  1 
ATOM   133 N  NE  . ARG A 1 32 ? -30.885 3.365   1.796   1.00 36.13 ? 65  ARG A NE  1 
ATOM   134 C  CZ  . ARG A 1 32 ? -31.335 2.258   2.396   1.00 46.65 ? 65  ARG A CZ  1 
ATOM   135 N  NH1 . ARG A 1 32 ? -31.132 1.061   1.873   1.00 46.58 ? 65  ARG A NH1 1 
ATOM   136 N  NH2 . ARG A 1 32 ? -31.962 2.352   3.553   1.00 34.93 ? 65  ARG A NH2 1 
ATOM   137 N  N   . ALA A 1 33 ? -27.910 6.727   -3.437  1.00 15.07 ? 66  ALA A N   1 
ATOM   138 C  CA  . ALA A 1 33 ? -27.041 6.852   -4.654  1.00 15.45 ? 66  ALA A CA  1 
ATOM   139 C  C   . ALA A 1 33 ? -26.253 8.157   -4.599  1.00 15.37 ? 66  ALA A C   1 
ATOM   140 O  O   . ALA A 1 33 ? -25.029 8.154   -4.784  1.00 17.79 ? 66  ALA A O   1 
ATOM   141 C  CB  . ALA A 1 33 ? -27.915 6.799   -5.913  1.00 16.97 ? 66  ALA A CB  1 
ATOM   142 N  N   . ALA A 1 34 ? -26.921 9.242   -4.197  1.00 15.87 ? 67  ALA A N   1 
ATOM   143 C  CA  . ALA A 1 34 ? -26.252 10.526  -4.083  1.00 14.34 ? 67  ALA A CA  1 
ATOM   144 C  C   . ALA A 1 34 ? -25.282 10.609  -2.898  1.00 14.66 ? 67  ALA A C   1 
ATOM   145 O  O   . ALA A 1 34 ? -24.227 11.277  -2.985  1.00 16.61 ? 67  ALA A O   1 
ATOM   146 C  CB  . ALA A 1 34 ? -27.290 11.604  -3.944  1.00 16.80 ? 67  ALA A CB  1 
ATOM   147 N  N   . ALA A 1 35 ? -25.581 9.811   -1.873  1.00 17.15 ? 68  ALA A N   1 
ATOM   148 C  CA  . ALA A 1 35 ? -24.748 9.853   -0.673  1.00 14.34 ? 68  ALA A CA  1 
ATOM   149 C  C   . ALA A 1 35 ? -23.339 9.384   -0.963  1.00 16.36 ? 68  ALA A C   1 
ATOM   150 O  O   . ALA A 1 35 ? -22.399 9.880   -0.319  1.00 17.38 ? 68  ALA A O   1 
ATOM   151 C  CB  . ALA A 1 35 ? -25.371 8.991   0.426   1.00 16.18 ? 68  ALA A CB  1 
ATOM   152 N  N   . ALA A 1 36 ? -23.163 8.499   -1.944  1.00 18.37 ? 69  ALA A N   1 
ATOM   153 C  CA  . ALA A 1 36 ? -21.806 8.012   -2.289  1.00 19.31 ? 69  ALA A CA  1 
ATOM   154 C  C   . ALA A 1 36 ? -20.834 9.073   -2.683  1.00 20.69 ? 69  ALA A C   1 
ATOM   155 O  O   . ALA A 1 36 ? -19.612 8.887   -2.579  1.00 23.15 ? 69  ALA A O   1 
ATOM   156 C  CB  . ALA A 1 36 ? -21.867 6.926   -3.415  1.00 23.00 ? 69  ALA A CB  1 
ATOM   157 N  N   . VAL A 1 37 ? -21.352 10.188  -3.189  1.00 19.13 ? 70  VAL A N   1 
ATOM   158 C  CA  . VAL A 1 37 ? -20.515 11.288  -3.629  1.00 18.63 ? 70  VAL A CA  1 
ATOM   159 C  C   . VAL A 1 37 ? -20.786 12.614  -2.892  1.00 18.80 ? 70  VAL A C   1 
ATOM   160 O  O   . VAL A 1 37 ? -20.413 13.697  -3.358  1.00 21.18 ? 70  VAL A O   1 
ATOM   161 C  CB  . VAL A 1 37 ? -20.635 11.530  -5.118  1.00 23.09 ? 70  VAL A CB  1 
ATOM   162 C  CG1 . VAL A 1 37 ? -19.977 10.358  -5.877  1.00 25.87 ? 70  VAL A CG1 1 
ATOM   163 C  CG2 . VAL A 1 37 ? -22.120 11.682  -5.462  1.00 21.13 ? 70  VAL A CG2 1 
ATOM   164 N  N   . GLU A 1 38 ? -21.444 12.515  -1.733  1.00 16.30 ? 71  GLU A N   1 
ATOM   165 C  CA  . GLU A 1 38 ? -21.551 13.673  -0.864  1.00 17.70 ? 71  GLU A CA  1 
ATOM   166 C  C   . GLU A 1 38 ? -20.172 14.038  -0.327  1.00 17.69 ? 71  GLU A C   1 
ATOM   167 O  O   . GLU A 1 38 ? -19.302 13.176  -0.201  1.00 16.77 ? 71  GLU A O   1 
ATOM   168 C  CB  . GLU A 1 38 ? -22.509 13.410  0.296   1.00 17.24 ? 71  GLU A CB  1 
ATOM   169 C  CG  . GLU A 1 38 ? -24.015 13.592  -0.145  1.00 18.44 ? 71  GLU A CG  1 
ATOM   170 C  CD  . GLU A 1 38 ? -24.357 15.100  -0.353  1.00 19.84 ? 71  GLU A CD  1 
ATOM   171 O  OE1 . GLU A 1 38 ? -24.347 15.879  0.647   1.00 24.90 ? 71  GLU A OE1 1 
ATOM   172 O  OE2 . GLU A 1 38 ? -24.665 15.443  -1.503  1.00 23.86 ? 71  GLU A OE2 1 
ATOM   173 N  N   . PRO A 1 39 ? -19.944 15.335  -0.042  1.00 18.10 ? 72  PRO A N   1 
ATOM   174 C  CA  . PRO A 1 39 ? -18.594 15.782  0.366   1.00 18.84 ? 72  PRO A CA  1 
ATOM   175 C  C   . PRO A 1 39 ? -17.983 15.119  1.612   1.00 18.29 ? 72  PRO A C   1 
ATOM   176 O  O   . PRO A 1 39 ? -16.776 14.801  1.600   1.00 18.54 ? 72  PRO A O   1 
ATOM   177 C  CB  . PRO A 1 39 ? -18.742 17.318  0.557   1.00 22.73 ? 72  PRO A CB  1 
ATOM   178 C  CG  . PRO A 1 39 ? -20.190 17.617  0.387   1.00 23.03 ? 72  PRO A CG  1 
ATOM   179 C  CD  . PRO A 1 39 ? -20.892 16.437  -0.259  1.00 18.31 ? 72  PRO A CD  1 
ATOM   180 N  N   . ASP A 1 40 ? -18.798 14.874  2.654   1.00 16.80 ? 73  ASP A N   1 
ATOM   181 C  CA  . ASP A 1 40 ? -18.273 14.142  3.781   1.00 16.20 ? 73  ASP A CA  1 
ATOM   182 C  C   . ASP A 1 40 ? -17.827 12.743  3.434   1.00 16.10 ? 73  ASP A C   1 
ATOM   183 O  O   . ASP A 1 40 ? -16.809 12.268  3.940   1.00 18.16 ? 73  ASP A O   1 
ATOM   184 C  CB  . ASP A 1 40 ? -19.300 14.165  4.940   1.00 16.34 ? 73  ASP A CB  1 
ATOM   185 C  CG  . ASP A 1 40 ? -20.706 13.763  4.544   1.00 17.22 ? 73  ASP A CG  1 
ATOM   186 O  OD1 . ASP A 1 40 ? -21.110 13.836  3.350   1.00 18.23 ? 73  ASP A OD1 1 
ATOM   187 O  OD2 . ASP A 1 40 ? -21.424 13.347  5.509   1.00 19.22 ? 73  ASP A OD2 1 
ATOM   188 N  N   A VAL A 1 41 ? -18.563 12.093  2.540   0.50 15.02 ? 74  VAL A N   1 
ATOM   189 N  N   B VAL A 1 41 ? -18.547 12.089  2.529   0.50 17.07 ? 74  VAL A N   1 
ATOM   190 C  CA  A VAL A 1 41 ? -18.225 10.736  2.167   0.50 12.45 ? 74  VAL A CA  1 
ATOM   191 C  CA  B VAL A 1 41 ? -18.203 10.717  2.192   0.50 16.77 ? 74  VAL A CA  1 
ATOM   192 C  C   A VAL A 1 41 ? -16.945 10.785  1.324   0.50 14.67 ? 74  VAL A C   1 
ATOM   193 C  C   B VAL A 1 41 ? -17.008 10.679  1.227   0.50 17.09 ? 74  VAL A C   1 
ATOM   194 O  O   A VAL A 1 41 ? -15.972 10.056  1.569   0.50 14.68 ? 74  VAL A O   1 
ATOM   195 O  O   B VAL A 1 41 ? -16.162 9.758   1.285   0.50 16.40 ? 74  VAL A O   1 
ATOM   196 C  CB  A VAL A 1 41 ? -19.386 10.122  1.392   0.50 10.49 ? 74  VAL A CB  1 
ATOM   197 C  CB  B VAL A 1 41 ? -19.405 9.969   1.605   0.50 17.86 ? 74  VAL A CB  1 
ATOM   198 C  CG1 A VAL A 1 41 ? -19.034 8.692   0.859   0.50 8.88  ? 74  VAL A CG1 1 
ATOM   199 C  CG1 B VAL A 1 41 ? -20.604 9.999   2.562   0.50 21.72 ? 74  VAL A CG1 1 
ATOM   200 C  CG2 A VAL A 1 41 ? -20.646 9.995   2.278   0.50 16.33 ? 74  VAL A CG2 1 
ATOM   201 C  CG2 B VAL A 1 41 ? -19.782 10.525  0.294   0.50 25.08 ? 74  VAL A CG2 1 
ATOM   202 N  N   . VAL A 1 42 ? -16.937 11.678  0.347   1.00 14.85 ? 75  VAL A N   1 
ATOM   203 C  CA  . VAL A 1 42 ? -15.797 11.783  -0.583  1.00 17.11 ? 75  VAL A CA  1 
ATOM   204 C  C   . VAL A 1 42 ? -14.494 11.998  0.209   1.00 13.92 ? 75  VAL A C   1 
ATOM   205 O  O   . VAL A 1 42 ? -13.471 11.306  -0.038  1.00 15.92 ? 75  VAL A O   1 
ATOM   206 C  CB  . VAL A 1 42 ? -16.012 12.926  -1.572  1.00 18.00 ? 75  VAL A CB  1 
ATOM   207 C  CG1 . VAL A 1 42 ? -14.701 13.312  -2.309  1.00 20.84 ? 75  VAL A CG1 1 
ATOM   208 C  CG2 . VAL A 1 42 ? -17.041 12.446  -2.598  1.00 17.78 ? 75  VAL A CG2 1 
ATOM   209 N  N   . VAL A 1 43 ? -14.482 12.916  1.172   1.00 15.87 ? 76  VAL A N   1 
ATOM   210 C  CA  . VAL A 1 43 ? -13.279 13.224  1.924   1.00 17.06 ? 76  VAL A CA  1 
ATOM   211 C  C   . VAL A 1 43 ? -12.928 12.015  2.790   1.00 16.65 ? 76  VAL A C   1 
ATOM   212 O  O   . VAL A 1 43 ? -11.757 11.609  2.850   1.00 16.99 ? 76  VAL A O   1 
ATOM   213 C  CB  . VAL A 1 43 ? -13.542 14.490  2.694   1.00 17.84 ? 76  VAL A CB  1 
ATOM   214 C  CG1 . VAL A 1 43 ? -12.401 14.716  3.700   1.00 19.41 ? 76  VAL A CG1 1 
ATOM   215 C  CG2 . VAL A 1 43 ? -13.584 15.701  1.687   1.00 20.40 ? 76  VAL A CG2 1 
ATOM   216 N  N   . LYS A 1 44 ? -13.902 11.420  3.468   1.00 14.73 ? 77  LYS A N   1 
ATOM   217 C  CA  . LYS A 1 44 ? -13.546 10.226  4.288   1.00 18.72 ? 77  LYS A CA  1 
ATOM   218 C  C   . LYS A 1 44 ? -13.025 9.080   3.455   1.00 15.49 ? 77  LYS A C   1 
ATOM   219 O  O   . LYS A 1 44 ? -12.065 8.365   3.873   1.00 16.60 ? 77  LYS A O   1 
ATOM   220 C  CB  . LYS A 1 44 ? -14.711 9.812   5.181   1.00 18.96 ? 77  LYS A CB  1 
ATOM   221 C  CG  . LYS A 1 44 ? -14.725 10.740  6.427   1.00 22.40 ? 77  LYS A CG  1 
ATOM   222 C  CD  . LYS A 1 44 ? -15.704 10.326  7.475   1.00 32.59 ? 77  LYS A CD  1 
ATOM   223 C  CE  . LYS A 1 44 ? -15.813 11.422  8.486   1.00 30.69 ? 77  LYS A CE  1 
ATOM   224 N  NZ  . LYS A 1 44 ? -14.709 11.380  9.486   1.00 36.50 ? 77  LYS A NZ  1 
ATOM   225 N  N   A ARG A 1 45 ? -13.581 8.850   2.279   0.50 15.08 ? 78  ARG A N   1 
ATOM   226 N  N   B ARG A 1 45 ? -13.640 8.831   2.296   0.50 15.62 ? 78  ARG A N   1 
ATOM   227 C  CA  A ARG A 1 45 ? -13.100 7.766   1.437   0.50 15.43 ? 78  ARG A CA  1 
ATOM   228 C  CA  B ARG A 1 45 ? -13.164 7.790   1.386   0.50 16.50 ? 78  ARG A CA  1 
ATOM   229 C  C   A ARG A 1 45 ? -11.707 8.055   0.858   0.50 15.10 ? 78  ARG A C   1 
ATOM   230 C  C   B ARG A 1 45 ? -11.697 8.123   1.085   0.50 13.92 ? 78  ARG A C   1 
ATOM   231 O  O   A ARG A 1 45 ? -10.897 7.122   0.603   0.50 13.88 ? 78  ARG A O   1 
ATOM   232 O  O   B ARG A 1 45 ? -10.810 7.322   1.335   0.50 13.71 ? 78  ARG A O   1 
ATOM   233 C  CB  A ARG A 1 45 ? -14.078 7.538   0.330   0.50 15.38 ? 78  ARG A CB  1 
ATOM   234 C  CB  B ARG A 1 45 ? -14.012 7.719   0.108   0.50 17.82 ? 78  ARG A CB  1 
ATOM   235 C  CG  A ARG A 1 45 ? -13.507 6.678   -0.800  0.50 11.14 ? 78  ARG A CG  1 
ATOM   236 C  CG  B ARG A 1 45 ? -14.025 6.323   -0.555  0.50 15.24 ? 78  ARG A CG  1 
ATOM   237 C  CD  A ARG A 1 45 ? -14.403 6.704   -2.090  0.50 18.01 ? 78  ARG A CD  1 
ATOM   238 C  CD  B ARG A 1 45 ? -14.739 6.285   -1.902  0.50 23.48 ? 78  ARG A CD  1 
ATOM   239 N  NE  A ARG A 1 45 ? -15.800 6.346   -1.792  0.50 26.12 ? 78  ARG A NE  1 
ATOM   240 N  NE  B ARG A 1 45 ? -16.166 6.620   -1.791  0.50 29.26 ? 78  ARG A NE  1 
ATOM   241 C  CZ  A ARG A 1 45 ? -16.882 7.098   -2.041  0.50 22.50 ? 78  ARG A CZ  1 
ATOM   242 C  CZ  B ARG A 1 45 ? -17.163 5.757   -1.558  0.50 26.29 ? 78  ARG A CZ  1 
ATOM   243 N  NH1 A ARG A 1 45 ? -16.798 8.293   -2.628  0.50 23.89 ? 78  ARG A NH1 1 
ATOM   244 N  NH1 B ARG A 1 45 ? -18.416 6.219   -1.512  0.50 24.22 ? 78  ARG A NH1 1 
ATOM   245 N  NH2 A ARG A 1 45 ? -18.074 6.627   -1.720  0.50 21.74 ? 78  ARG A NH2 1 
ATOM   246 N  NH2 B ARG A 1 45 ? -16.953 4.437   -1.398  0.50 24.18 ? 78  ARG A NH2 1 
ATOM   247 N  N   . GLN A 1 46 ? -11.446 9.338   0.599   1.00 15.40 ? 79  GLN A N   1 
ATOM   248 C  CA  . GLN A 1 46 ? -10.099 9.741   0.186   1.00 14.36 ? 79  GLN A CA  1 
ATOM   249 C  C   . GLN A 1 46 ? -9.108  9.601   1.301   1.00 12.76 ? 79  GLN A C   1 
ATOM   250 O  O   . GLN A 1 46 ? -7.977  9.198   1.020   1.00 14.14 ? 79  GLN A O   1 
ATOM   251 C  CB  . GLN A 1 46 ? -10.069 11.157  -0.422  1.00 14.36 ? 79  GLN A CB  1 
ATOM   252 C  CG  . GLN A 1 46 ? -8.923  11.324  -1.432  1.00 17.36 ? 79  GLN A CG  1 
ATOM   253 C  CD  . GLN A 1 46 ? -9.042  10.382  -2.620  1.00 19.47 ? 79  GLN A CD  1 
ATOM   254 O  OE1 . GLN A 1 46 ? -10.159 10.106  -3.111  1.00 20.71 ? 79  GLN A OE1 1 
ATOM   255 N  NE2 . GLN A 1 46 ? -7.898  9.883   -3.118  1.00 20.92 ? 79  GLN A NE2 1 
ATOM   256 N  N   . GLU A 1 47 ? -9.498  9.943   2.512   1.00 14.22 ? 80  GLU A N   1 
ATOM   257 C  CA  . GLU A 1 47 ? -8.574  9.783   3.600   1.00 15.08 ? 80  GLU A CA  1 
ATOM   258 C  C   . GLU A 1 47 ? -8.245  8.333   3.824   1.00 16.94 ? 80  GLU A C   1 
ATOM   259 O  O   . GLU A 1 47 ? -7.096  8.018   4.165   1.00 17.00 ? 80  GLU A O   1 
ATOM   260 C  CB  . GLU A 1 47 ? -9.154  10.405  4.876   1.00 15.59 ? 80  GLU A CB  1 
ATOM   261 C  CG  . GLU A 1 47 ? -9.136  11.928  4.874   1.00 16.75 ? 80  GLU A CG  1 
ATOM   262 C  CD  . GLU A 1 47 ? -9.872  12.606  6.038   1.00 21.43 ? 80  GLU A CD  1 
ATOM   263 O  OE1 . GLU A 1 47 ? -10.792 12.002  6.648   1.00 26.41 ? 80  GLU A OE1 1 
ATOM   264 O  OE2 . GLU A 1 47 ? -9.595  13.796  6.261   1.00 23.43 ? 80  GLU A OE2 1 
ATOM   265 N  N   . ALA A 1 48 ? -9.225  7.439   3.606   1.00 15.90 ? 81  ALA A N   1 
ATOM   266 C  CA  . ALA A 1 48 ? -8.972  5.988   3.748   1.00 15.05 ? 81  ALA A CA  1 
ATOM   267 C  C   . ALA A 1 48 ? -8.019  5.520   2.640   1.00 14.48 ? 81  ALA A C   1 
ATOM   268 O  O   . ALA A 1 48 ? -7.060  4.771   2.895   1.00 18.95 ? 81  ALA A O   1 
ATOM   269 C  CB  . ALA A 1 48 ? -10.292 5.195   3.728   1.00 15.17 ? 81  ALA A CB  1 
ATOM   270 N  N   . LEU A 1 49 ? -8.204  6.020   1.435   1.00 17.13 ? 82  LEU A N   1 
ATOM   271 C  CA  . LEU A 1 49 ? -7.320  5.614   0.336   1.00 17.53 ? 82  LEU A CA  1 
ATOM   272 C  C   . LEU A 1 49 ? -5.902  6.131   0.573   1.00 18.03 ? 82  LEU A C   1 
ATOM   273 O  O   . LEU A 1 49 ? -4.903  5.424   0.285   1.00 17.73 ? 82  LEU A O   1 
ATOM   274 C  CB  . LEU A 1 49 ? -7.825  6.175   -1.000  1.00 17.62 ? 82  LEU A CB  1 
ATOM   275 C  CG  . LEU A 1 49 ? -9.099  5.530   -1.558  1.00 20.94 ? 82  LEU A CG  1 
ATOM   276 C  CD1 . LEU A 1 49 ? -9.732  6.377   -2.675  1.00 22.27 ? 82  LEU A CD1 1 
ATOM   277 C  CD2 . LEU A 1 49 ? -8.704  4.172   -2.100  1.00 24.85 ? 82  LEU A CD2 1 
ATOM   278 N  N   . ALA A 1 50 ? -5.805  7.359   1.111   1.00 15.98 ? 83  ALA A N   1 
ATOM   279 C  CA  . ALA A 1 50 ? -4.502  8.000   1.303   1.00 15.12 ? 83  ALA A CA  1 
ATOM   280 C  C   . ALA A 1 50 ? -3.771  7.307   2.470   1.00 16.03 ? 83  ALA A C   1 
ATOM   281 O  O   . ALA A 1 50 ? -2.542  7.101   2.397   1.00 15.79 ? 83  ALA A O   1 
ATOM   282 C  CB  . ALA A 1 50 ? -4.695  9.487   1.595   1.00 16.77 ? 83  ALA A CB  1 
ATOM   283 N  N   . ALA A 1 51 ? -4.513  6.912   3.497   1.00 15.53 ? 84  ALA A N   1 
ATOM   284 C  CA  . ALA A 1 51 ? -3.854  6.214   4.647   1.00 16.41 ? 84  ALA A CA  1 
ATOM   285 C  C   . ALA A 1 51 ? -3.313  4.869   4.194   1.00 16.75 ? 84  ALA A C   1 
ATOM   286 O  O   . ALA A 1 51 ? -2.211  4.445   4.597   1.00 17.99 ? 84  ALA A O   1 
ATOM   287 C  CB  . ALA A 1 51 ? -4.812  6.020   5.786   1.00 16.08 ? 84  ALA A CB  1 
ATOM   288 N  N   . ALA A 1 52 ? -4.074  4.211   3.318   1.00 16.75 ? 85  ALA A N   1 
ATOM   289 C  CA  . ALA A 1 52 ? -3.643  2.897   2.733   1.00 20.23 ? 85  ALA A CA  1 
ATOM   290 C  C   . ALA A 1 52 ? -2.419  3.068   1.854   1.00 20.58 ? 85  ALA A C   1 
ATOM   291 O  O   . ALA A 1 52 ? -1.496  2.239   1.879   1.00 21.18 ? 85  ALA A O   1 
ATOM   292 C  CB  . ALA A 1 52 ? -4.791  2.249   1.945   1.00 20.41 ? 85  ALA A CB  1 
ATOM   293 N  N   . ARG A 1 53 ? -2.357  4.178   1.138   1.00 18.40 ? 86  ARG A N   1 
ATOM   294 C  CA  . ARG A 1 53 ? -1.208  4.451   0.266   1.00 19.74 ? 86  ARG A CA  1 
ATOM   295 C  C   . ARG A 1 53 ? 0.022   4.716   1.118   1.00 20.59 ? 86  ARG A C   1 
ATOM   296 O  O   . ARG A 1 53 ? 1.099   4.196   0.833   1.00 20.30 ? 86  ARG A O   1 
ATOM   297 C  CB  . ARG A 1 53 ? -1.544  5.642   -0.614  1.00 17.90 ? 86  ARG A CB  1 
ATOM   298 C  CG  . ARG A 1 53 ? -0.335  6.069   -1.451  1.00 19.46 ? 86  ARG A CG  1 
ATOM   299 C  CD  . ARG A 1 53 ? -0.704  7.187   -2.412  1.00 20.95 ? 86  ARG A CD  1 
ATOM   300 N  NE  . ARG A 1 53 ? -0.913  8.430   -1.630  1.00 18.91 ? 86  ARG A NE  1 
ATOM   301 C  CZ  . ARG A 1 53 ? -2.086  9.069   -1.483  1.00 18.07 ? 86  ARG A CZ  1 
ATOM   302 N  NH1 . ARG A 1 53 ? -3.198  8.601   -2.109  1.00 19.48 ? 86  ARG A NH1 1 
ATOM   303 N  NH2 . ARG A 1 53 ? -2.125  10.189  -0.725  1.00 19.07 ? 86  ARG A NH2 1 
ATOM   304 N  N   . LEU A 1 54 ? -0.124  5.532   2.159   1.00 18.09 ? 87  LEU A N   1 
ATOM   305 C  CA  . LEU A 1 54 ? 0.998   5.818   3.108   1.00 18.95 ? 87  LEU A CA  1 
ATOM   306 C  C   . LEU A 1 54 ? 1.525   4.514   3.715   1.00 19.73 ? 87  LEU A C   1 
ATOM   307 O  O   . LEU A 1 54 ? 2.739   4.293   3.740   1.00 20.99 ? 87  LEU A O   1 
ATOM   308 C  CB  . LEU A 1 54 ? 0.572   6.807   4.206   1.00 17.39 ? 87  LEU A CB  1 
ATOM   309 C  CG  . LEU A 1 54 ? 0.331   8.222   3.677   1.00 17.70 ? 87  LEU A CG  1 
ATOM   310 C  CD1 . LEU A 1 54 ? -0.110  9.123   4.848   1.00 19.46 ? 87  LEU A CD1 1 
ATOM   311 C  CD2 . LEU A 1 54 ? 1.541   8.781   2.898   1.00 21.43 ? 87  LEU A CD2 1 
ATOM   312 N  N   . LYS A 1 55 ? 0.639   3.637   4.161   1.00 19.39 ? 88  LYS A N   1 
ATOM   313 C  CA  . LYS A 1 55 ? 1.078   2.358   4.749   1.00 19.88 ? 88  LYS A CA  1 
ATOM   314 C  C   . LYS A 1 55 ? 1.878   1.575   3.715   1.00 20.92 ? 88  LYS A C   1 
ATOM   315 O  O   . LYS A 1 55 ? 2.978   1.049   4.025   1.00 23.41 ? 88  LYS A O   1 
ATOM   316 C  CB  . LYS A 1 55 ? -0.163  1.571   5.151   1.00 23.98 ? 88  LYS A CB  1 
ATOM   317 C  CG  . LYS A 1 55 ? 0.183   0.214   5.821   1.00 28.30 ? 88  LYS A CG  1 
ATOM   318 C  CD  . LYS A 1 55 ? -1.088  -0.486  6.259   1.00 34.55 ? 88  LYS A CD  1 
ATOM   319 C  CE  . LYS A 1 55 ? -0.767  -1.815  6.906   1.00 38.01 ? 88  LYS A CE  1 
ATOM   320 N  NZ  . LYS A 1 55 ? -0.432  -2.840  5.890   1.00 43.29 ? 88  LYS A NZ  1 
HETATM 321 N  N   A MSE A 1 56 ? 1.342   1.453   2.497   0.25 21.67 ? 89  MSE A N   1 
HETATM 322 N  N   B MSE A 1 56 ? 1.322   1.477   2.507   0.25 21.08 ? 89  MSE A N   1 
HETATM 323 N  N   C MSE A 1 56 ? 1.346   1.485   2.497   0.50 22.98 ? 89  MSE A N   1 
HETATM 324 C  CA  A MSE A 1 56 ? 2.044   0.711   1.446   0.25 24.04 ? 89  MSE A CA  1 
HETATM 325 C  CA  B MSE A 1 56 ? 1.992   0.783   1.419   0.25 23.23 ? 89  MSE A CA  1 
HETATM 326 C  CA  C MSE A 1 56 ? 2.011   0.727   1.444   0.50 29.38 ? 89  MSE A CA  1 
HETATM 327 C  C   A MSE A 1 56 ? 3.405   1.340   1.136   0.25 23.12 ? 89  MSE A C   1 
HETATM 328 C  C   B MSE A 1 56 ? 3.386   1.349   1.201   0.25 22.36 ? 89  MSE A C   1 
HETATM 329 C  C   C MSE A 1 56 ? 3.356   1.345   1.017   0.50 25.63 ? 89  MSE A C   1 
HETATM 330 O  O   A MSE A 1 56 ? 4.397   0.619   0.977   0.25 23.02 ? 89  MSE A O   1 
HETATM 331 O  O   B MSE A 1 56 ? 4.370   0.599   1.159   0.25 22.78 ? 89  MSE A O   1 
HETATM 332 O  O   C MSE A 1 56 ? 4.288   0.618   0.649   0.50 23.98 ? 89  MSE A O   1 
HETATM 333 C  CB  A MSE A 1 56 ? 1.190   0.583   0.173   0.25 27.98 ? 89  MSE A CB  1 
HETATM 334 C  CB  B MSE A 1 56 ? 1.179   0.889   0.121   0.25 26.28 ? 89  MSE A CB  1 
HETATM 335 C  CB  C MSE A 1 56 ? 1.067   0.561   0.252   0.50 31.94 ? 89  MSE A CB  1 
HETATM 336 C  CG  A MSE A 1 56 ? 1.941   0.034   -1.058  0.25 33.17 ? 89  MSE A CG  1 
HETATM 337 C  CG  B MSE A 1 56 ? 1.860   0.197   -1.054  0.25 28.66 ? 89  MSE A CG  1 
HETATM 338 C  CG  C MSE A 1 56 ? 1.692   -0.121  -0.939  0.50 40.77 ? 89  MSE A CG  1 
HETATM 339 SE SE  A MSE A 1 56 ? 1.932   -1.921  -1.274  0.25 46.70 ? 89  MSE A SE  1 
HETATM 340 SE SE  B MSE A 1 56 ? 2.367   -1.612  -0.540  0.25 35.14 ? 89  MSE A SE  1 
HETATM 341 SE SE  C MSE A 1 56 ? 0.305   -0.744  -2.119  0.50 57.59 ? 89  MSE A SE  1 
HETATM 342 C  CE  A MSE A 1 56 ? 3.347   -2.439  -0.034  0.25 38.60 ? 89  MSE A CE  1 
HETATM 343 C  CE  B MSE A 1 56 ? 0.572   -2.299  -0.201  0.25 29.55 ? 89  MSE A CE  1 
HETATM 344 C  CE  C MSE A 1 56 ? 0.043   -2.563  -1.439  0.50 59.30 ? 89  MSE A CE  1 
ATOM   345 N  N   . GLN A 1 57 ? 3.460   2.668   1.053   1.00 21.83 ? 90  GLN A N   1 
ATOM   346 C  CA  . GLN A 1 57 ? 4.729   3.344   0.752   1.00 24.24 ? 90  GLN A CA  1 
ATOM   347 C  C   . GLN A 1 57 ? 5.753   3.050   1.859   1.00 24.65 ? 90  GLN A C   1 
ATOM   348 O  O   . GLN A 1 57 ? 6.923   2.821   1.568   1.00 24.58 ? 90  GLN A O   1 
ATOM   349 C  CB  . GLN A 1 57 ? 4.502   4.850   0.557   1.00 25.78 ? 90  GLN A CB  1 
ATOM   350 C  CG  . GLN A 1 57 ? 3.812   5.221   -0.800  1.00 31.12 ? 90  GLN A CG  1 
ATOM   351 C  CD  . GLN A 1 57 ? 3.455   6.701   -0.921  1.00 30.97 ? 90  GLN A CD  1 
ATOM   352 O  OE1 . GLN A 1 57 ? 3.172   7.376   0.083   1.00 35.48 ? 90  GLN A OE1 1 
ATOM   353 N  NE2 . GLN A 1 57 ? 3.432   7.205   -2.159  1.00 41.60 ? 90  GLN A NE2 1 
ATOM   354 N  N   . GLU A 1 58 ? 5.326   3.044   3.130   1.00 23.46 ? 91  GLU A N   1 
ATOM   355 C  CA  . GLU A 1 58 ? 6.209   2.675   4.257   1.00 23.86 ? 91  GLU A CA  1 
ATOM   356 C  C   . GLU A 1 58 ? 6.713   1.247   4.095   1.00 25.27 ? 91  GLU A C   1 
ATOM   357 O  O   . GLU A 1 58 ? 7.895   0.964   4.317   1.00 27.27 ? 91  GLU A O   1 
ATOM   358 C  CB  . GLU A 1 58 ? 5.441   2.779   5.581   1.00 25.33 ? 91  GLU A CB  1 
ATOM   359 C  CG  . GLU A 1 58 ? 5.171   4.172   6.060   1.00 29.76 ? 91  GLU A CG  1 
ATOM   360 C  CD  . GLU A 1 58 ? 3.903   4.313   6.866   1.00 38.68 ? 91  GLU A CD  1 
ATOM   361 O  OE1 . GLU A 1 58 ? 3.475   3.362   7.577   1.00 36.80 ? 91  GLU A OE1 1 
ATOM   362 O  OE2 . GLU A 1 58 ? 3.356   5.420   6.794   1.00 35.28 ? 91  GLU A OE2 1 
ATOM   363 N  N   . GLU A 1 59 ? 5.847   0.339   3.659   1.00 24.09 ? 92  GLU A N   1 
ATOM   364 C  CA  . GLU A 1 59 ? 6.276   -1.055  3.485   1.00 26.37 ? 92  GLU A CA  1 
ATOM   365 C  C   . GLU A 1 59 ? 7.219   -1.209  2.300   1.00 26.28 ? 92  GLU A C   1 
ATOM   366 O  O   . GLU A 1 59 ? 8.215   -1.905  2.428   1.00 27.19 ? 92  GLU A O   1 
ATOM   367 C  CB  . GLU A 1 59 ? 5.042   -1.924  3.333   1.00 28.32 ? 92  GLU A CB  1 
ATOM   368 C  CG  . GLU A 1 59 ? 4.272   -1.996  4.637   1.00 35.16 ? 92  GLU A CG  1 
ATOM   369 C  CD  . GLU A 1 59 ? 2.873   -2.572  4.494   1.00 45.83 ? 92  GLU A CD  1 
ATOM   370 O  OE1 . GLU A 1 59 ? 2.374   -2.730  3.346   1.00 44.23 ? 92  GLU A OE1 1 
ATOM   371 O  OE2 . GLU A 1 59 ? 2.282   -2.868  5.557   1.00 52.95 ? 92  GLU A OE2 1 
ATOM   372 N  N   . LEU A 1 60 ? 6.941   -0.534  1.190   1.00 24.22 ? 93  LEU A N   1 
ATOM   373 C  CA  . LEU A 1 60 ? 7.812   -0.569  0.013   1.00 25.69 ? 93  LEU A CA  1 
ATOM   374 C  C   . LEU A 1 60 ? 9.190   -0.040  0.377   1.00 27.85 ? 93  LEU A C   1 
ATOM   375 O  O   . LEU A 1 60 ? 10.208  -0.642  -0.003  1.00 28.16 ? 93  LEU A O   1 
ATOM   376 C  CB  . LEU A 1 60 ? 7.215   0.275   -1.123  1.00 27.27 ? 93  LEU A CB  1 
ATOM   377 C  CG  . LEU A 1 60 ? 5.990   -0.365  -1.806  1.00 31.06 ? 93  LEU A CG  1 
ATOM   378 C  CD1 . LEU A 1 60 ? 5.339   0.591   -2.793  1.00 35.97 ? 93  LEU A CD1 1 
ATOM   379 C  CD2 . LEU A 1 60 ? 6.358   -1.690  -2.512  1.00 35.47 ? 93  LEU A CD2 1 
ATOM   380 N  N   . ASN A 1 61 ? 9.232   1.072   1.115   1.00 27.49 ? 94  ASN A N   1 
ATOM   381 C  CA  . ASN A 1 61 ? 10.485  1.697   1.547   1.00 29.67 ? 94  ASN A CA  1 
ATOM   382 C  C   . ASN A 1 61 ? 11.286  0.760   2.451   1.00 29.14 ? 94  ASN A C   1 
ATOM   383 O  O   . ASN A 1 61 ? 12.505  0.629   2.290   1.00 30.31 ? 94  ASN A O   1 
ATOM   384 C  CB  . ASN A 1 61 ? 10.233  3.065   2.210   1.00 31.07 ? 94  ASN A CB  1 
ATOM   385 C  CG  . ASN A 1 61 ? 9.812   4.143   1.199   1.00 37.82 ? 94  ASN A CG  1 
ATOM   386 O  OD1 . ASN A 1 61 ? 9.137   5.126   1.557   1.00 44.75 ? 94  ASN A OD1 1 
ATOM   387 N  ND2 . ASN A 1 61 ? 10.197  3.965   -0.061  1.00 39.62 ? 94  ASN A ND2 1 
ATOM   388 N  N   . ALA A 1 62 ? 10.612  0.062   3.355   1.00 27.39 ? 95  ALA A N   1 
ATOM   389 C  CA  . ALA A 1 62 ? 11.324  -0.860  4.256   1.00 29.34 ? 95  ALA A CA  1 
ATOM   390 C  C   . ALA A 1 62 ? 11.853  -2.053  3.465   1.00 29.17 ? 95  ALA A C   1 
ATOM   391 O  O   . ALA A 1 62 ? 12.962  -2.583  3.758   1.00 30.18 ? 95  ALA A O   1 
ATOM   392 C  CB  . ALA A 1 62 ? 10.430  -1.308  5.399   1.00 30.53 ? 95  ALA A CB  1 
ATOM   393 N  N   . GLN A 1 63 ? 11.115  -2.476  2.446   1.00 26.89 ? 96  GLN A N   1 
ATOM   394 C  CA  . GLN A 1 63 ? 11.615  -3.569  1.610   1.00 27.96 ? 96  GLN A CA  1 
ATOM   395 C  C   . GLN A 1 63 ? 12.817  -3.148  0.809   1.00 26.97 ? 96  GLN A C   1 
ATOM   396 O  O   . GLN A 1 63 ? 13.799  -3.893  0.723   1.00 28.49 ? 96  GLN A O   1 
ATOM   397 C  CB  . GLN A 1 63 ? 10.523  -4.118  0.708   1.00 28.68 ? 96  GLN A CB  1 
ATOM   398 C  CG  . GLN A 1 63 ? 9.458   -4.875  1.479   1.00 29.85 ? 96  GLN A CG  1 
ATOM   399 C  CD  . GLN A 1 63 ? 8.398   -5.467  0.554   1.00 38.78 ? 96  GLN A CD  1 
ATOM   400 O  OE1 . GLN A 1 63 ? 8.699   -6.265  -0.331  1.00 45.48 ? 96  GLN A OE1 1 
ATOM   401 N  NE2 . GLN A 1 63 ? 7.139   -5.058  0.753   1.00 44.85 ? 96  GLN A NE2 1 
ATOM   402 N  N   . VAL A 1 64 ? 12.770  -1.970  0.213   1.00 27.38 ? 97  VAL A N   1 
ATOM   403 C  CA  . VAL A 1 64 ? 13.898  -1.421  -0.533  1.00 30.21 ? 97  VAL A CA  1 
ATOM   404 C  C   . VAL A 1 64 ? 15.155  -1.433  0.343   1.00 31.44 ? 97  VAL A C   1 
ATOM   405 O  O   . VAL A 1 64 ? 16.218  -1.910  -0.092  1.00 32.75 ? 97  VAL A O   1 
ATOM   406 C  CB  . VAL A 1 64 ? 13.594  0.003   -1.075  1.00 29.50 ? 97  VAL A CB  1 
ATOM   407 C  CG1 . VAL A 1 64 ? 14.896  0.692   -1.537  1.00 33.80 ? 97  VAL A CG1 1 
ATOM   408 C  CG2 . VAL A 1 64 ? 12.590  -0.052  -2.217  1.00 32.08 ? 97  VAL A CG2 1 
ATOM   409 N  N   . GLU A 1 65 ? 15.041  -0.964  1.582   1.00 31.51 ? 98  GLU A N   1 
ATOM   410 C  CA  . GLU A 1 65 ? 16.220  -0.890  2.464   1.00 37.27 ? 98  GLU A CA  1 
ATOM   411 C  C   . GLU A 1 65 ? 16.752  -2.281  2.827   1.00 39.15 ? 98  GLU A C   1 
ATOM   412 O  O   . GLU A 1 65 ? 17.960  -2.487  2.907   1.00 38.62 ? 98  GLU A O   1 
ATOM   413 C  CB  . GLU A 1 65 ? 15.936  -0.052  3.710   1.00 39.98 ? 98  GLU A CB  1 
ATOM   414 C  CG  . GLU A 1 65 ? 15.799  1.456   3.425   1.00 51.06 ? 98  GLU A CG  1 
ATOM   415 C  CD  . GLU A 1 65 ? 16.984  2.060   2.639   1.00 61.87 ? 98  GLU A CD  1 
ATOM   416 O  OE1 . GLU A 1 65 ? 18.169  1.743   2.936   1.00 66.90 ? 98  GLU A OE1 1 
ATOM   417 O  OE2 . GLU A 1 65 ? 16.725  2.866   1.718   1.00 63.62 ? 98  GLU A OE2 1 
ATOM   418 N  N   . LYS A 1 66 ? 15.842  -3.227  3.020   1.00 32.84 ? 99  LYS A N   1 
ATOM   419 C  CA  . LYS A 1 66 ? 16.182  -4.604  3.347   1.00 34.25 ? 99  LYS A CA  1 
ATOM   420 C  C   . LYS A 1 66 ? 16.927  -5.273  2.200   1.00 32.44 ? 99  LYS A C   1 
ATOM   421 O  O   . LYS A 1 66 ? 17.965  -5.930  2.423   1.00 34.39 ? 99  LYS A O   1 
ATOM   422 C  CB  . LYS A 1 66 ? 14.923  -5.382  3.712   1.00 38.06 ? 99  LYS A CB  1 
ATOM   423 C  CG  . LYS A 1 66 ? 15.157  -6.769  4.272   1.00 44.94 ? 99  LYS A CG  1 
ATOM   424 C  CD  . LYS A 1 66 ? 13.816  -7.385  4.674   1.00 53.08 ? 99  LYS A CD  1 
ATOM   425 N  N   . HIS A 1 67 ? 16.433  -5.100  0.972   1.00 32.09 ? 100 HIS A N   1 
ATOM   426 C  CA  . HIS A 1 67 ? 17.140  -5.629  -0.194  1.00 31.30 ? 100 HIS A CA  1 
ATOM   427 C  C   . HIS A 1 67 ? 18.501  -4.977  -0.429  1.00 31.89 ? 100 HIS A C   1 
ATOM   428 O  O   . HIS A 1 67 ? 19.447  -5.679  -0.797  1.00 31.16 ? 100 HIS A O   1 
ATOM   429 C  CB  . HIS A 1 67 ? 16.256  -5.585  -1.440  1.00 34.34 ? 100 HIS A CB  1 
ATOM   430 C  CG  . HIS A 1 67 ? 15.189  -6.634  -1.442  1.00 35.05 ? 100 HIS A CG  1 
ATOM   431 N  ND1 . HIS A 1 67 ? 13.912  -6.417  -0.982  1.00 39.23 ? 100 HIS A ND1 1 
ATOM   432 C  CD2 . HIS A 1 67 ? 15.241  -7.937  -1.798  1.00 32.14 ? 100 HIS A CD2 1 
ATOM   433 C  CE1 . HIS A 1 67 ? 13.214  -7.534  -1.076  1.00 38.14 ? 100 HIS A CE1 1 
ATOM   434 N  NE2 . HIS A 1 67 ? 14.000  -8.472  -1.573  1.00 43.75 ? 100 HIS A NE2 1 
ATOM   435 N  N   . LYS A 1 68 ? 18.609  -3.663  -0.190  1.00 33.41 ? 101 LYS A N   1 
ATOM   436 C  CA  . LYS A 1 68 ? 19.914  -2.982  -0.260  1.00 36.37 ? 101 LYS A CA  1 
ATOM   437 C  C   . LYS A 1 68 ? 20.918  -3.526  0.758   1.00 37.78 ? 101 LYS A C   1 
ATOM   438 O  O   . LYS A 1 68 ? 22.080  -3.790  0.427   1.00 39.14 ? 101 LYS A O   1 
ATOM   439 C  CB  . LYS A 1 68 ? 19.788  -1.472  -0.152  1.00 38.59 ? 101 LYS A CB  1 
ATOM   440 C  CG  . LYS A 1 68 ? 19.179  -0.843  -1.414  1.00 46.36 ? 101 LYS A CG  1 
ATOM   441 C  CD  . LYS A 1 68 ? 18.531  0.509   -1.162  1.00 51.18 ? 101 LYS A CD  1 
ATOM   442 C  CE  . LYS A 1 68 ? 19.424  1.689   -1.471  1.00 59.17 ? 101 LYS A CE  1 
ATOM   443 N  NZ  . LYS A 1 68 ? 18.676  2.961   -1.335  1.00 63.85 ? 101 LYS A NZ  1 
ATOM   444 N  N   . GLU A 1 69 ? 20.452  -3.749  1.984   1.00 37.49 ? 102 GLU A N   1 
ATOM   445 C  CA  . GLU A 1 69 ? 21.279  -4.342  3.026   1.00 38.14 ? 102 GLU A CA  1 
ATOM   446 C  C   . GLU A 1 69 ? 21.757  -5.746  2.623   1.00 38.45 ? 102 GLU A C   1 
ATOM   447 O  O   . GLU A 1 69 ? 22.926  -6.095  2.820   1.00 39.93 ? 102 GLU A O   1 
ATOM   448 C  CB  . GLU A 1 69 ? 20.505  -4.408  4.339   1.00 40.04 ? 102 GLU A CB  1 
ATOM   449 C  CG  . GLU A 1 69 ? 21.331  -4.863  5.545   1.00 49.89 ? 102 GLU A CG  1 
ATOM   450 N  N   . LYS A 1 70 ? 20.859  -6.547  2.040   1.00 36.39 ? 103 LYS A N   1 
ATOM   451 C  CA  . LYS A 1 70 ? 21.207  -7.892  1.586   1.00 34.84 ? 103 LYS A CA  1 
ATOM   452 C  C   . LYS A 1 70 ? 22.256  -7.866  0.480   1.00 34.19 ? 103 LYS A C   1 
ATOM   453 O  O   . LYS A 1 70 ? 23.169  -8.677  0.460   1.00 36.80 ? 103 LYS A O   1 
ATOM   454 C  CB  . LYS A 1 70 ? 19.944  -8.616  1.115   1.00 33.97 ? 103 LYS A CB  1 
ATOM   455 C  CG  . LYS A 1 70 ? 20.163  -10.059 0.694   1.00 40.00 ? 103 LYS A CG  1 
ATOM   456 C  CD  . LYS A 1 70 ? 20.528  -10.972 1.856   1.00 48.39 ? 103 LYS A CD  1 
ATOM   457 C  CE  . LYS A 1 70 ? 20.666  -12.412 1.385   1.00 48.27 ? 103 LYS A CE  1 
ATOM   458 N  NZ  . LYS A 1 70 ? 21.208  -13.288 2.458   1.00 54.84 ? 103 LYS A NZ  1 
ATOM   459 N  N   . LEU A 1 71 ? 22.100  -6.928  -0.448  1.00 33.02 ? 104 LEU A N   1 
ATOM   460 C  CA  . LEU A 1 71 ? 23.059  -6.798  -1.530  1.00 33.07 ? 104 LEU A CA  1 
ATOM   461 C  C   . LEU A 1 71 ? 24.433  -6.431  -0.997  1.00 32.36 ? 104 LEU A C   1 
ATOM   462 O  O   . LEU A 1 71 ? 25.434  -6.967  -1.462  1.00 36.13 ? 104 LEU A O   1 
ATOM   463 C  CB  . LEU A 1 71 ? 22.612  -5.756  -2.538  1.00 33.37 ? 104 LEU A CB  1 
ATOM   464 C  CG  . LEU A 1 71 ? 21.563  -6.219  -3.548  1.00 36.03 ? 104 LEU A CG  1 
ATOM   465 C  CD1 . LEU A 1 71 ? 21.092  -5.048  -4.340  1.00 37.79 ? 104 LEU A CD1 1 
ATOM   466 C  CD2 . LEU A 1 71 ? 22.134  -7.301  -4.480  1.00 38.14 ? 104 LEU A CD2 1 
ATOM   467 N  N   . LYS A 1 72 ? 24.470  -5.542  -0.008  1.00 40.11 ? 105 LYS A N   1 
ATOM   468 C  CA  . LYS A 1 72 ? 25.715  -5.168  0.671   1.00 42.98 ? 105 LYS A CA  1 
ATOM   469 C  C   . LYS A 1 72 ? 26.381  -6.405  1.261   1.00 40.70 ? 105 LYS A C   1 
ATOM   470 O  O   . LYS A 1 72 ? 27.585  -6.593  1.098   1.00 42.02 ? 105 LYS A O   1 
ATOM   471 C  CB  . LYS A 1 72 ? 25.448  -4.123  1.769   1.00 48.97 ? 105 LYS A CB  1 
ATOM   472 C  CG  . LYS A 1 72 ? 26.672  -3.333  2.199   1.00 57.69 ? 105 LYS A CG  1 
ATOM   473 C  CD  . LYS A 1 72 ? 26.387  -2.483  3.421   1.00 64.59 ? 105 LYS A CD  1 
ATOM   474 N  N   . GLN A 1 73 ? 25.595  -7.272  1.894   1.00 36.21 ? 106 GLN A N   1 
ATOM   475 C  CA  . GLN A 1 73 ? 26.127  -8.450  2.592   1.00 36.62 ? 106 GLN A CA  1 
ATOM   476 C  C   . GLN A 1 73 ? 26.636  -9.484  1.602   1.00 33.98 ? 106 GLN A C   1 
ATOM   477 O  O   . GLN A 1 73 ? 27.706  -10.074 1.811   1.00 33.75 ? 106 GLN A O   1 
ATOM   478 C  CB  . GLN A 1 73 ? 25.075  -9.060  3.535   1.00 39.87 ? 106 GLN A CB  1 
ATOM   479 C  CG  . GLN A 1 73 ? 24.698  -8.145  4.715   1.00 46.76 ? 106 GLN A CG  1 
ATOM   480 C  CD  . GLN A 1 73 ? 23.495  -8.648  5.529   1.00 53.95 ? 106 GLN A CD  1 
ATOM   481 O  OE1 . GLN A 1 73 ? 22.882  -9.671  5.201   1.00 56.05 ? 106 GLN A OE1 1 
ATOM   482 N  NE2 . GLN A 1 73 ? 23.157  -7.922  6.600   1.00 65.83 ? 106 GLN A NE2 1 
ATOM   483 N  N   . LEU A 1 74 ? 25.908  -9.664  0.506   1.00 30.49 ? 107 LEU A N   1 
ATOM   484 C  CA  . LEU A 1 74 ? 26.279  -10.627 -0.529  1.00 29.52 ? 107 LEU A CA  1 
ATOM   485 C  C   . LEU A 1 74 ? 27.571  -10.219 -1.207  1.00 31.83 ? 107 LEU A C   1 
ATOM   486 O  O   . LEU A 1 74 ? 28.411  -11.073 -1.509  1.00 31.56 ? 107 LEU A O   1 
ATOM   487 C  CB  . LEU A 1 74 ? 25.156  -10.736 -1.572  1.00 31.39 ? 107 LEU A CB  1 
ATOM   488 C  CG  . LEU A 1 74 ? 23.884  -11.443 -1.098  1.00 29.51 ? 107 LEU A CG  1 
ATOM   489 C  CD1 . LEU A 1 74 ? 22.729  -11.188 -2.102  1.00 33.73 ? 107 LEU A CD1 1 
ATOM   490 C  CD2 . LEU A 1 74 ? 24.096  -12.957 -0.889  1.00 33.51 ? 107 LEU A CD2 1 
ATOM   491 N  N   . GLU A 1 75 ? 27.746  -8.914  -1.438  1.00 31.80 ? 108 GLU A N   1 
ATOM   492 C  CA  . GLU A 1 75 ? 28.994  -8.407  -2.020  1.00 36.51 ? 108 GLU A CA  1 
ATOM   493 C  C   . GLU A 1 75 ? 30.179  -8.649  -1.078  1.00 36.23 ? 108 GLU A C   1 
ATOM   494 O  O   . GLU A 1 75 ? 31.300  -8.986  -1.521  1.00 35.89 ? 108 GLU A O   1 
ATOM   495 C  CB  . GLU A 1 75 ? 28.864  -6.920  -2.348  1.00 40.03 ? 108 GLU A CB  1 
ATOM   496 C  CG  . GLU A 1 75 ? 28.037  -6.653  -3.599  1.00 48.52 ? 108 GLU A CG  1 
ATOM   497 C  CD  . GLU A 1 75 ? 28.663  -7.239  -4.863  1.00 57.03 ? 108 GLU A CD  1 
ATOM   498 O  OE1 . GLU A 1 75 ? 29.871  -6.992  -5.110  1.00 63.41 ? 108 GLU A OE1 1 
ATOM   499 O  OE2 . GLU A 1 75 ? 27.943  -7.937  -5.612  1.00 57.32 ? 108 GLU A OE2 1 
ATOM   500 N  N   . GLU A 1 76 ? 29.935  -8.506  0.221   1.00 35.59 ? 109 GLU A N   1 
ATOM   501 C  CA  . GLU A 1 76 ? 30.972  -8.748  1.217   1.00 38.23 ? 109 GLU A CA  1 
ATOM   502 C  C   . GLU A 1 76 ? 31.351  -10.235 1.247   1.00 37.12 ? 109 GLU A C   1 
ATOM   503 O  O   . GLU A 1 76 ? 32.536  -10.571 1.400   1.00 37.52 ? 109 GLU A O   1 
ATOM   504 C  CB  . GLU A 1 76 ? 30.541  -8.256  2.606   1.00 40.70 ? 109 GLU A CB  1 
ATOM   505 C  CG  . GLU A 1 76 ? 31.679  -8.246  3.631   1.00 49.85 ? 109 GLU A CG  1 
ATOM   506 N  N   . GLU A 1 77 ? 30.365  -11.114 1.092   1.00 34.73 ? 110 GLU A N   1 
ATOM   507 C  CA  . GLU A 1 77 ? 30.645  -12.549 1.074   1.00 35.14 ? 110 GLU A CA  1 
ATOM   508 C  C   . GLU A 1 77 ? 31.449  -12.936 -0.162  1.00 33.30 ? 110 GLU A C   1 
ATOM   509 O  O   . GLU A 1 77 ? 32.399  -13.720 -0.068  1.00 32.46 ? 110 GLU A O   1 
ATOM   510 C  CB  . GLU A 1 77 ? 29.366  -13.384 1.175   1.00 38.25 ? 110 GLU A CB  1 
ATOM   511 C  CG  . GLU A 1 77 ? 29.629  -14.892 1.304   1.00 44.05 ? 110 GLU A CG  1 
ATOM   512 N  N   . LYS A 1 78 ? 31.113  -12.355 -1.309  1.00 31.98 ? 111 LYS A N   1 
ATOM   513 C  CA  . LYS A 1 78 ? 31.890  -12.563 -2.532  1.00 31.18 ? 111 LYS A CA  1 
ATOM   514 C  C   . LYS A 1 78 ? 33.357  -12.184 -2.338  1.00 30.77 ? 111 LYS A C   1 
ATOM   515 O  O   . LYS A 1 78 ? 34.254  -12.937 -2.726  1.00 31.38 ? 111 LYS A O   1 
ATOM   516 C  CB  . LYS A 1 78 ? 31.274  -11.761 -3.674  1.00 34.26 ? 111 LYS A CB  1 
ATOM   517 C  CG  . LYS A 1 78 ? 29.947  -12.382 -4.174  1.00 36.23 ? 111 LYS A CG  1 
ATOM   518 C  CD  . LYS A 1 78 ? 29.096  -11.439 -5.011  1.00 43.69 ? 111 LYS A CD  1 
ATOM   519 C  CE  . LYS A 1 78 ? 29.781  -11.074 -6.306  1.00 52.38 ? 111 LYS A CE  1 
ATOM   520 N  NZ  . LYS A 1 78 ? 28.868  -10.213 -7.103  1.00 59.99 ? 111 LYS A NZ  1 
ATOM   521 N  N   . ARG A 1 79 ? 33.608  -11.044 -1.695  1.00 34.37 ? 112 ARG A N   1 
ATOM   522 C  CA  . ARG A 1 79 ? 34.963  -10.551 -1.485  1.00 36.30 ? 112 ARG A CA  1 
ATOM   523 C  C   . ARG A 1 79 ? 35.725  -11.489 -0.533  1.00 34.82 ? 112 ARG A C   1 
ATOM   524 O  O   . ARG A 1 79 ? 36.902  -11.831 -0.766  1.00 33.57 ? 112 ARG A O   1 
ATOM   525 C  CB  . ARG A 1 79 ? 34.893  -9.124  -0.934  1.00 43.91 ? 112 ARG A CB  1 
ATOM   526 C  CG  . ARG A 1 79 ? 36.217  -8.529  -0.562  1.00 54.43 ? 112 ARG A CG  1 
ATOM   527 C  CD  . ARG A 1 79 ? 36.019  -7.143  0.034   1.00 68.79 ? 112 ARG A CD  1 
ATOM   528 N  NE  . ARG A 1 79 ? 37.175  -6.736  0.830   1.00 83.40 ? 112 ARG A NE  1 
ATOM   529 C  CZ  . ARG A 1 79 ? 37.273  -6.889  2.149   1.00 89.94 ? 112 ARG A CZ  1 
ATOM   530 N  NH1 . ARG A 1 79 ? 36.276  -7.435  2.839   1.00 89.22 ? 112 ARG A NH1 1 
ATOM   531 N  NH2 . ARG A 1 79 ? 38.372  -6.489  2.780   1.00 99.50 ? 112 ARG A NH2 1 
ATOM   532 N  N   . ARG A 1 80 ? 35.040  -11.903 0.536   1.00 36.28 ? 113 ARG A N   1 
ATOM   533 C  CA  . ARG A 1 80 ? 35.562  -12.858 1.512   1.00 39.21 ? 113 ARG A CA  1 
ATOM   534 C  C   . ARG A 1 80 ? 35.980  -14.191 0.869   1.00 34.68 ? 113 ARG A C   1 
ATOM   535 O  O   . ARG A 1 80 ? 37.064  -14.732 1.174   1.00 35.30 ? 113 ARG A O   1 
ATOM   536 C  CB  . ARG A 1 80 ? 34.502  -13.109 2.587   1.00 43.79 ? 113 ARG A CB  1 
ATOM   537 C  CG  . ARG A 1 80 ? 35.011  -13.649 3.910   1.00 57.88 ? 113 ARG A CG  1 
ATOM   538 C  CD  . ARG A 1 80 ? 33.904  -14.412 4.637   1.00 66.47 ? 113 ARG A CD  1 
ATOM   539 N  NE  . ARG A 1 80 ? 33.763  -15.750 4.058   1.00 72.28 ? 113 ARG A NE  1 
ATOM   540 C  CZ  . ARG A 1 80 ? 32.914  -16.686 4.476   1.00 81.28 ? 113 ARG A CZ  1 
ATOM   541 N  NH1 . ARG A 1 80 ? 32.091  -16.460 5.498   1.00 88.72 ? 113 ARG A NH1 1 
ATOM   542 N  NH2 . ARG A 1 80 ? 32.891  -17.863 3.864   1.00 82.97 ? 113 ARG A NH2 1 
ATOM   543 N  N   . GLN A 1 81 ? 35.140  -14.711 -0.034  1.00 32.18 ? 114 GLN A N   1 
ATOM   544 C  CA  . GLN A 1 81 ? 35.459  -15.968 -0.752  1.00 31.05 ? 114 GLN A CA  1 
ATOM   545 C  C   . GLN A 1 81 ? 36.792  -15.852 -1.502  1.00 29.16 ? 114 GLN A C   1 
ATOM   546 O  O   . GLN A 1 81 ? 37.600  -16.779 -1.493  1.00 30.89 ? 114 GLN A O   1 
ATOM   547 C  CB  . GLN A 1 81 ? 34.314  -16.400 -1.703  1.00 32.88 ? 114 GLN A CB  1 
ATOM   548 C  CG  . GLN A 1 81 ? 33.010  -16.908 -1.054  1.00 38.49 ? 114 GLN A CG  1 
ATOM   549 C  CD  . GLN A 1 81 ? 33.131  -18.280 -0.425  1.00 48.28 ? 114 GLN A CD  1 
ATOM   550 O  OE1 . GLN A 1 81 ? 33.697  -19.220 -1.009  1.00 52.36 ? 114 GLN A OE1 1 
ATOM   551 N  NE2 . GLN A 1 81 ? 32.580  -18.414 0.779   1.00 53.67 ? 114 GLN A NE2 1 
ATOM   552 N  N   . LYS A 1 82 ? 37.033  -14.698 -2.118  1.00 28.51 ? 115 LYS A N   1 
ATOM   553 C  CA  . LYS A 1 82 ? 38.279  -14.458 -2.864  1.00 29.69 ? 115 LYS A CA  1 
ATOM   554 C  C   . LYS A 1 82 ? 39.469  -14.357 -1.918  1.00 29.93 ? 115 LYS A C   1 
ATOM   555 O  O   . LYS A 1 82 ? 40.477  -15.032 -2.130  1.00 30.15 ? 115 LYS A O   1 
ATOM   556 C  CB  . LYS A 1 82 ? 38.148  -13.188 -3.727  1.00 32.16 ? 115 LYS A CB  1 
ATOM   557 C  CG  . LYS A 1 82 ? 37.089  -13.266 -4.798  1.00 39.65 ? 115 LYS A CG  1 
ATOM   558 C  CD  . LYS A 1 82 ? 37.290  -12.143 -5.800  1.00 51.17 ? 115 LYS A CD  1 
ATOM   559 C  CE  . LYS A 1 82 ? 35.988  -11.703 -6.437  1.00 56.23 ? 115 LYS A CE  1 
ATOM   560 N  NZ  . LYS A 1 82 ? 36.059  -10.246 -6.744  1.00 65.06 ? 115 LYS A NZ  1 
ATOM   561 N  N   . ILE A 1 83 ? 39.350  -13.544 -0.869  1.00 31.49 ? 116 ILE A N   1 
ATOM   562 C  CA  . ILE A 1 83 ? 40.449  -13.372 0.108   1.00 34.31 ? 116 ILE A CA  1 
ATOM   563 C  C   . ILE A 1 83 ? 40.849  -14.702 0.732   1.00 35.09 ? 116 ILE A C   1 
ATOM   564 O  O   . ILE A 1 83 ? 42.025  -15.024 0.842   1.00 38.71 ? 116 ILE A O   1 
ATOM   565 C  CB  . ILE A 1 83 ? 40.092  -12.335 1.205   1.00 39.45 ? 116 ILE A CB  1 
ATOM   566 C  CG1 . ILE A 1 83 ? 39.951  -10.954 0.565   1.00 42.37 ? 116 ILE A CG1 1 
ATOM   567 C  CG2 . ILE A 1 83 ? 41.151  -12.326 2.285   1.00 44.96 ? 116 ILE A CG2 1 
ATOM   568 C  CD1 . ILE A 1 83 ? 39.226  -9.936  1.448   1.00 49.45 ? 116 ILE A CD1 1 
ATOM   569 N  N   . GLU A 1 84 ? 39.836  -15.469 1.118   1.00 37.93 ? 117 GLU A N   1 
ATOM   570 C  CA  . GLU A 1 84 ? 40.017  -16.775 1.759   1.00 41.41 ? 117 GLU A CA  1 
ATOM   571 C  C   . GLU A 1 84 ? 40.840  -17.713 0.883   1.00 38.55 ? 117 GLU A C   1 
ATOM   572 O  O   . GLU A 1 84 ? 41.745  -18.418 1.365   1.00 44.38 ? 117 GLU A O   1 
ATOM   573 C  CB  . GLU A 1 84 ? 38.633  -17.375 2.016   1.00 44.61 ? 117 GLU A CB  1 
ATOM   574 C  CG  . GLU A 1 84 ? 38.578  -18.651 2.817   1.00 58.44 ? 117 GLU A CG  1 
ATOM   575 C  CD  . GLU A 1 84 ? 37.134  -19.035 3.128   1.00 62.52 ? 117 GLU A CD  1 
ATOM   576 O  OE1 . GLU A 1 84 ? 36.333  -18.150 3.525   1.00 67.66 ? 117 GLU A OE1 1 
ATOM   577 O  OE2 . GLU A 1 84 ? 36.798  -20.231 2.989   1.00 78.73 ? 117 GLU A OE2 1 
HETATM 578 N  N   A MSE A 1 85 ? 40.519  -17.727 -0.406  0.50 30.43 ? 118 MSE A N   1 
HETATM 579 N  N   B MSE A 1 85 ? 40.571  -17.680 -0.422  0.50 34.37 ? 118 MSE A N   1 
HETATM 580 C  CA  A MSE A 1 85 ? 41.275  -18.541 -1.323  0.50 29.07 ? 118 MSE A CA  1 
HETATM 581 C  CA  B MSE A 1 85 ? 41.243  -18.573 -1.360  0.50 35.53 ? 118 MSE A CA  1 
HETATM 582 C  C   A MSE A 1 85 ? 42.717  -18.133 -1.312  0.50 24.41 ? 118 MSE A C   1 
HETATM 583 C  C   B MSE A 1 85 ? 42.668  -18.152 -1.734  0.50 31.17 ? 118 MSE A C   1 
HETATM 584 O  O   A MSE A 1 85 ? 43.596  -18.973 -1.066  0.50 26.94 ? 118 MSE A O   1 
HETATM 585 O  O   B MSE A 1 85 ? 43.479  -18.997 -2.127  0.50 33.19 ? 118 MSE A O   1 
HETATM 586 C  CB  A MSE A 1 85 ? 40.753  -18.421 -2.730  0.50 25.13 ? 118 MSE A CB  1 
HETATM 587 C  CB  B MSE A 1 85 ? 40.352  -18.846 -2.578  0.50 36.75 ? 118 MSE A CB  1 
HETATM 588 C  CG  A MSE A 1 85 ? 41.517  -19.319 -3.655  0.50 24.71 ? 118 MSE A CG  1 
HETATM 589 C  CG  B MSE A 1 85 ? 40.424  -17.859 -3.733  0.50 37.48 ? 118 MSE A CG  1 
HETATM 590 SE SE  A MSE A 1 85 ? 40.988  -19.038 -5.493  0.50 28.70 ? 118 MSE A SE  1 
HETATM 591 SE SE  B MSE A 1 85 ? 41.495  -18.634 -5.165  0.50 56.82 ? 118 MSE A SE  1 
HETATM 592 C  CE  A MSE A 1 85 ? 41.783  -17.220 -5.730  0.50 24.83 ? 118 MSE A CE  1 
HETATM 593 C  CE  B MSE A 1 85 ? 40.298  -18.311 -6.660  0.50 36.23 ? 118 MSE A CE  1 
ATOM   594 N  N   . TRP A 1 86 ? 42.987  -16.862 -1.628  1.00 26.65 ? 119 TRP A N   1 
ATOM   595 C  CA  . TRP A 1 86 ? 44.383  -16.417 -1.702  1.00 28.17 ? 119 TRP A CA  1 
ATOM   596 C  C   . TRP A 1 86 ? 45.094  -16.685 -0.359  1.00 33.58 ? 119 TRP A C   1 
ATOM   597 O  O   . TRP A 1 86 ? 46.276  -17.030 -0.330  1.00 37.07 ? 119 TRP A O   1 
ATOM   598 C  CB  . TRP A 1 86 ? 44.486  -14.931 -2.118  1.00 29.77 ? 119 TRP A CB  1 
ATOM   599 C  CG  . TRP A 1 86 ? 44.146  -14.732 -3.585  1.00 28.03 ? 119 TRP A CG  1 
ATOM   600 C  CD1 . TRP A 1 86 ? 43.008  -14.182 -4.101  1.00 30.03 ? 119 TRP A CD1 1 
ATOM   601 C  CD2 . TRP A 1 86 ? 44.949  -15.129 -4.717  1.00 29.10 ? 119 TRP A CD2 1 
ATOM   602 N  NE1 . TRP A 1 86 ? 43.051  -14.220 -5.483  1.00 33.08 ? 119 TRP A NE1 1 
ATOM   603 C  CE2 . TRP A 1 86 ? 44.230  -14.786 -5.884  1.00 35.17 ? 119 TRP A CE2 1 
ATOM   604 C  CE3 . TRP A 1 86 ? 46.220  -15.703 -4.849  1.00 36.49 ? 119 TRP A CE3 1 
ATOM   605 C  CZ2 . TRP A 1 86 ? 44.722  -15.031 -7.181  1.00 34.72 ? 119 TRP A CZ2 1 
ATOM   606 C  CZ3 . TRP A 1 86 ? 46.726  -15.937 -6.145  1.00 40.62 ? 119 TRP A CZ3 1 
ATOM   607 C  CH2 . TRP A 1 86 ? 45.966  -15.605 -7.288  1.00 41.87 ? 119 TRP A CH2 1 
ATOM   608 N  N   . ASP A 1 87 ? 44.372  -16.572 0.753   1.00 38.91 ? 120 ASP A N   1 
ATOM   609 C  CA  . ASP A 1 87 ? 44.973  -16.823 2.069   1.00 48.46 ? 120 ASP A CA  1 
ATOM   610 C  C   . ASP A 1 87 ? 45.355  -18.282 2.264   1.00 53.32 ? 120 ASP A C   1 
ATOM   611 O  O   . ASP A 1 87 ? 46.279  -18.596 3.026   1.00 61.38 ? 120 ASP A O   1 
ATOM   612 C  CB  . ASP A 1 87 ? 44.033  -16.382 3.192   1.00 53.91 ? 120 ASP A CB  1 
ATOM   613 C  CG  . ASP A 1 87 ? 44.045  -14.872 3.420   1.00 57.55 ? 120 ASP A CG  1 
ATOM   614 O  OD1 . ASP A 1 87 ? 44.777  -14.154 2.712   1.00 61.28 ? 120 ASP A OD1 1 
ATOM   615 O  OD2 . ASP A 1 87 ? 43.338  -14.396 4.329   1.00 62.07 ? 120 ASP A OD2 1 
ATOM   616 N  N   . SER A 1 88 ? 44.648  -19.180 1.587   1.00 53.52 ? 121 SER A N   1 
ATOM   617 C  CA  . SER A 1 88 ? 44.823  -20.625 1.818   1.00 60.42 ? 121 SER A CA  1 
ATOM   618 C  C   . SER A 1 88 ? 45.985  -21.207 1.018   1.00 58.80 ? 121 SER A C   1 
ATOM   619 O  O   . SER A 1 88 ? 46.356  -22.376 1.196   1.00 65.84 ? 121 SER A O   1 
ATOM   620 C  CB  . SER A 1 88 ? 43.523  -21.373 1.479   1.00 62.87 ? 121 SER A CB  1 
ATOM   621 O  OG  . SER A 1 88 ? 43.363  -21.502 0.070   1.00 60.40 ? 121 SER A OG  1 
HETATM 622 N  N   A MSE A 1 89 ? 46.580  -20.388 0.152   0.50 55.16 ? 122 MSE A N   1 
HETATM 623 N  N   B MSE A 1 89 ? 46.538  -20.385 0.132   0.50 50.80 ? 122 MSE A N   1 
HETATM 624 C  CA  A MSE A 1 89 ? 47.622  -20.855 -0.767  0.50 57.61 ? 122 MSE A CA  1 
HETATM 625 C  CA  B MSE A 1 89 ? 47.551  -20.822 -0.816  0.50 48.40 ? 122 MSE A CA  1 
HETATM 626 C  C   A MSE A 1 89 ? 48.952  -21.183 -0.089  0.50 61.89 ? 122 MSE A C   1 
HETATM 627 C  C   B MSE A 1 89 ? 48.953  -20.675 -0.242  0.50 52.61 ? 122 MSE A C   1 
HETATM 628 O  O   A MSE A 1 89 ? 49.339  -20.603 0.926   0.50 63.33 ? 122 MSE A O   1 
HETATM 629 O  O   B MSE A 1 89 ? 49.198  -19.907 0.692   0.50 53.59 ? 122 MSE A O   1 
HETATM 630 O  OXT A MSE A 1 89 ? 49.671  -22.059 -0.563  0.50 65.02 ? 122 MSE A OXT 1 
HETATM 631 O  OXT B MSE A 1 89 ? 49.870  -21.344 -0.700  0.50 54.21 ? 122 MSE A OXT 1 
HETATM 632 C  CB  A MSE A 1 89 ? 47.834  -19.857 -1.912  0.50 52.94 ? 122 MSE A CB  1 
HETATM 633 C  CB  B MSE A 1 89 ? 47.401  -20.056 -2.141  0.50 43.97 ? 122 MSE A CB  1 
HETATM 634 C  CG  A MSE A 1 89 ? 46.768  -19.919 -3.001  0.50 53.47 ? 122 MSE A CG  1 
HETATM 635 C  CG  B MSE A 1 89 ? 46.186  -20.500 -2.981  0.50 38.38 ? 122 MSE A CG  1 
HETATM 636 SE SE  A MSE A 1 89 ? 47.394  -19.223 -4.719  0.50 57.58 ? 122 MSE A SE  1 
HETATM 637 SE SE  B MSE A 1 89 ? 45.556  -19.163 -4.313  0.50 37.47 ? 122 MSE A SE  1 
HETATM 638 C  CE  A MSE A 1 89 ? 45.710  -19.146 -5.681  0.50 54.59 ? 122 MSE A CE  1 
HETATM 639 C  CE  B MSE A 1 89 ? 46.843  -19.477 -5.713  0.50 31.14 ? 122 MSE A CE  1 
HETATM 640 CL CL  . CL  B 2 .  ? 15.829  -9.245  1.806   1.00 61.46 ? 1   CL  A CL  1 
HETATM 641 CL CL  . CL  C 2 .  ? -28.533 10.252  -7.648  1.00 29.51 ? 2   CL  A CL  1 
HETATM 642 C  C1  . GOL D 3 .  ? -17.282 19.327  -4.511  1.00 41.82 ? 3   GOL A C1  1 
HETATM 643 O  O1  . GOL D 3 .  ? -16.875 19.568  -5.813  1.00 25.36 ? 3   GOL A O1  1 
HETATM 644 C  C2  . GOL D 3 .  ? -18.001 18.010  -4.344  1.00 39.65 ? 3   GOL A C2  1 
HETATM 645 O  O2  . GOL D 3 .  ? -19.095 18.229  -3.474  1.00 42.27 ? 3   GOL A O2  1 
HETATM 646 C  C3  . GOL D 3 .  ? -16.929 17.062  -3.849  1.00 40.68 ? 3   GOL A C3  1 
HETATM 647 O  O3  . GOL D 3 .  ? -17.350 16.131  -2.888  1.00 36.91 ? 3   GOL A O3  1 
HETATM 648 O  O   A HOH E 4 .  ? -32.458 8.676   3.032   0.50 19.93 ? 123 HOH A O   1 
HETATM 649 O  O   B HOH E 4 .  ? -31.809 6.372   2.117   0.50 27.13 ? 123 HOH A O   1 
HETATM 650 O  O   . HOH E 4 .  ? -40.531 8.941   -5.912  1.00 28.41 ? 124 HOH A O   1 
HETATM 651 O  O   A HOH E 4 .  ? -25.693 17.517  -2.894  0.50 23.58 ? 125 HOH A O   1 
HETATM 652 O  O   B HOH E 4 .  ? -23.492 18.358  -2.220  0.50 34.75 ? 125 HOH A O   1 
HETATM 653 O  O   . HOH E 4 .  ? 40.521  -14.304 -7.372  1.00 38.29 ? 126 HOH A O   1 
HETATM 654 O  O   . HOH E 4 .  ? -29.220 -1.120  -3.740  1.00 32.18 ? 127 HOH A O   1 
HETATM 655 O  O   A HOH E 4 .  ? -24.145 4.850   -1.752  0.50 23.14 ? 128 HOH A O   1 
HETATM 656 O  O   B HOH E 4 .  ? -24.969 4.996   0.042   0.50 26.19 ? 128 HOH A O   1 
HETATM 657 O  O   . HOH E 4 .  ? 9.402   2.459   6.025   1.00 37.82 ? 129 HOH A O   1 
HETATM 658 O  O   . HOH E 4 .  ? 36.777  -19.204 -0.509  1.00 36.26 ? 130 HOH A O   1 
HETATM 659 O  O   . HOH E 4 .  ? -27.526 16.137  -4.755  1.00 42.01 ? 131 HOH A O   1 
HETATM 660 O  O   . HOH E 4 .  ? -30.112 -0.013  -0.813  1.00 40.24 ? 132 HOH A O   1 
HETATM 661 O  O   . HOH E 4 .  ? -38.695 4.219   1.798   1.00 32.05 ? 133 HOH A O   1 
HETATM 662 O  O   . HOH E 4 .  ? 14.015  3.165   1.257   1.00 45.16 ? 134 HOH A O   1 
HETATM 663 O  O   . HOH E 4 .  ? -32.692 1.369   -7.310  1.00 35.89 ? 135 HOH A O   1 
HETATM 664 O  O   . HOH E 4 .  ? -38.933 6.800   3.249   1.00 39.42 ? 136 HOH A O   1 
HETATM 665 O  O   . HOH E 4 .  ? 33.326  -21.938 -0.374  1.00 39.08 ? 137 HOH A O   1 
HETATM 666 O  O   . HOH E 4 .  ? 13.756  -2.489  6.320   1.00 47.00 ? 138 HOH A O   1 
HETATM 667 O  O   . HOH E 4 .  ? -12.574 9.725   9.592   1.00 48.69 ? 139 HOH A O   1 
HETATM 668 O  O   . HOH E 4 .  ? -4.360  -0.887  3.909   1.00 33.94 ? 140 HOH A O   1 
HETATM 669 O  O   . HOH E 4 .  ? -51.222 2.035   -5.438  1.00 52.98 ? 141 HOH A O   1 
HETATM 670 O  O   . HOH E 4 .  ? -28.578 1.143   2.752   1.00 41.95 ? 142 HOH A O   1 
HETATM 671 O  O   . HOH E 4 .  ? 48.299  -20.977 3.254   1.00 57.31 ? 143 HOH A O   1 
HETATM 672 O  O   . HOH E 4 .  ? 10.609  -7.934  0.303   1.00 52.05 ? 144 HOH A O   1 
HETATM 673 O  O   . HOH E 4 .  ? 28.375  -10.844 4.543   1.00 50.93 ? 145 HOH A O   1 
HETATM 674 O  O   . HOH E 4 .  ? -10.806 8.815   -5.431  1.00 48.35 ? 146 HOH A O   1 
HETATM 675 O  O   . HOH E 4 .  ? -37.384 12.561  -8.305  1.00 42.45 ? 147 HOH A O   1 
HETATM 676 O  O   . HOH E 4 .  ? -4.553  1.319   5.695   1.00 43.04 ? 148 HOH A O   1 
HETATM 677 O  O   . HOH E 4 .  ? 37.891  -22.263 1.037   1.00 55.40 ? 149 HOH A O   1 
HETATM 678 O  O   . HOH E 4 .  ? 23.784  -12.020 4.466   1.00 60.26 ? 150 HOH A O   1 
HETATM 679 O  O   . HOH E 4 .  ? 5.246   5.798   -3.836  1.00 43.80 ? 151 HOH A O   1 
HETATM 680 O  O   . HOH E 4 .  ? 4.914   7.979   1.612   1.00 43.59 ? 152 HOH A O   1 
HETATM 681 O  O   . HOH E 4 .  ? 40.613  -22.700 -0.103  1.00 50.87 ? 153 HOH A O   1 
HETATM 682 O  O   . HOH E 4 .  ? -42.604 3.918   3.133   1.00 49.34 ? 154 HOH A O   1 
HETATM 683 O  O   . HOH E 4 .  ? 44.242  -12.250 0.355   1.00 49.31 ? 155 HOH A O   1 
HETATM 684 O  O   . HOH E 4 .  ? 40.054  -7.842  4.526   1.00 58.35 ? 156 HOH A O   1 
HETATM 685 O  O   . HOH E 4 .  ? -42.129 11.145  -5.067  1.00 43.68 ? 157 HOH A O   1 
HETATM 686 O  O   . HOH E 4 .  ? -14.590 16.805  -3.894  1.00 32.30 ? 158 HOH A O   1 
HETATM 687 O  O   . HOH E 4 .  ? -24.280 13.932  -3.749  1.00 18.11 ? 159 HOH A O   1 
HETATM 688 O  O   . HOH E 4 .  ? -12.953 9.988   -2.519  1.00 22.84 ? 160 HOH A O   1 
HETATM 689 O  O   . HOH E 4 .  ? -23.971 6.000   -6.131  1.00 19.01 ? 161 HOH A O   1 
HETATM 690 O  O   . HOH E 4 .  ? -7.012  2.964   5.125   1.00 28.92 ? 162 HOH A O   1 
HETATM 691 O  O   . HOH E 4 .  ? -44.361 4.251   -7.684  1.00 25.07 ? 163 HOH A O   1 
HETATM 692 O  O   . HOH E 4 .  ? -14.892 9.777   -4.414  1.00 31.33 ? 164 HOH A O   1 
HETATM 693 O  O   . HOH E 4 .  ? -48.318 2.588   -0.510  1.00 35.01 ? 165 HOH A O   1 
HETATM 694 O  O   . HOH E 4 .  ? -2.036  -0.412  2.141   1.00 28.96 ? 166 HOH A O   1 
HETATM 695 O  O   . HOH E 4 .  ? -4.592  3.744   -1.734  1.00 30.43 ? 167 HOH A O   1 
HETATM 696 O  O   A HOH E 4 .  ? 2.345   9.903   -3.263  0.50 35.57 ? 168 HOH A O   1 
HETATM 697 O  O   B HOH E 4 .  ? 1.683   9.475   -0.791  0.50 25.12 ? 168 HOH A O   1 
HETATM 698 O  O   . HOH E 4 .  ? -41.142 2.928   1.093   1.00 31.91 ? 169 HOH A O   1 
HETATM 699 O  O   . HOH E 4 .  ? -34.096 4.342   -12.461 1.00 24.90 ? 170 HOH A O   1 
HETATM 700 O  O   . HOH E 4 .  ? -0.497  -2.558  2.961   1.00 46.57 ? 171 HOH A O   1 
HETATM 701 O  O   . HOH E 4 .  ? -44.552 8.565   -0.974  1.00 30.99 ? 172 HOH A O   1 
HETATM 702 O  O   . HOH E 4 .  ? -43.749 8.203   -9.525  1.00 38.22 ? 173 HOH A O   1 
HETATM 703 O  O   . HOH E 4 .  ? 23.170  -2.129  -1.423  1.00 51.24 ? 174 HOH A O   1 
HETATM 704 O  O   . HOH E 4 .  ? -33.187 2.166   0.728   1.00 47.61 ? 175 HOH A O   1 
HETATM 705 O  O   . HOH E 4 .  ? -10.663 15.482  7.862   1.00 35.14 ? 176 HOH A O   1 
HETATM 706 O  O   . HOH E 4 .  ? -46.390 9.846   -2.770  1.00 48.74 ? 177 HOH A O   1 
HETATM 707 O  O   A HOH E 4 .  ? 4.647   7.799   5.509   0.50 30.51 ? 178 HOH A O   1 
HETATM 708 O  O   B HOH E 4 .  ? 4.634   6.717   3.815   0.50 25.44 ? 178 HOH A O   1 
HETATM 709 O  O   . HOH E 4 .  ? 9.105   5.197   4.825   1.00 42.40 ? 179 HOH A O   1 
HETATM 710 O  O   . HOH E 4 .  ? -23.903 18.510  0.240   1.00 45.24 ? 180 HOH A O   1 
HETATM 711 O  O   . HOH E 4 .  ? -45.739 6.383   -8.746  1.00 29.74 ? 181 HOH A O   1 
HETATM 712 O  O   . HOH E 4 .  ? -3.767  6.506   -3.931  1.00 29.51 ? 182 HOH A O   1 
HETATM 713 O  O   . HOH E 4 .  ? 7.276   -4.524  4.380   1.00 46.11 ? 183 HOH A O   1 
HETATM 714 O  O   . HOH E 4 .  ? 18.591  -7.414  4.815   1.00 49.00 ? 184 HOH A O   1 
HETATM 715 O  O   . HOH E 4 .  ? -50.526 5.105   -2.787  1.00 44.67 ? 185 HOH A O   1 
HETATM 716 O  O   . HOH E 4 .  ? -40.526 0.101   1.721   1.00 51.08 ? 186 HOH A O   1 
HETATM 717 O  O   . HOH E 4 .  ? 13.060  3.585   -1.103  1.00 48.89 ? 187 HOH A O   1 
HETATM 718 O  O   . HOH E 4 .  ? 12.346  2.701   5.655   1.00 53.51 ? 188 HOH A O   1 
HETATM 719 O  O   . HOH E 4 .  ? -45.152 5.291   2.635   1.00 50.32 ? 189 HOH A O   1 
HETATM 720 O  O   . HOH E 4 .  ? -41.295 7.519   -8.165  1.00 27.22 ? 190 HOH A O   1 
# 
loop_
_atom_site_anisotrop.id 
_atom_site_anisotrop.type_symbol 
_atom_site_anisotrop.pdbx_label_atom_id 
_atom_site_anisotrop.pdbx_label_alt_id 
_atom_site_anisotrop.pdbx_label_comp_id 
_atom_site_anisotrop.pdbx_label_asym_id 
_atom_site_anisotrop.pdbx_label_seq_id 
_atom_site_anisotrop.pdbx_PDB_ins_code 
_atom_site_anisotrop.U[1][1] 
_atom_site_anisotrop.U[2][2] 
_atom_site_anisotrop.U[3][3] 
_atom_site_anisotrop.U[1][2] 
_atom_site_anisotrop.U[1][3] 
_atom_site_anisotrop.U[2][3] 
_atom_site_anisotrop.pdbx_auth_seq_id 
_atom_site_anisotrop.pdbx_auth_comp_id 
_atom_site_anisotrop.pdbx_auth_asym_id 
_atom_site_anisotrop.pdbx_auth_atom_id 
1   N  N   . GLY A 18 ? 0.3151 0.5584 0.4319 -0.0031 -0.0016 -0.1023 51  GLY A N   
2   C  CA  . GLY A 18 ? 0.3327 0.5395 0.4338 -0.0108 0.0020  -0.0841 51  GLY A CA  
3   C  C   . GLY A 18 ? 0.3271 0.5572 0.4278 -0.0285 0.0098  -0.0887 51  GLY A C   
4   O  O   . GLY A 18 ? 0.3307 0.6017 0.4441 -0.0432 0.0139  -0.1029 51  GLY A O   
5   N  N   . SER A 19 ? 0.2947 0.5032 0.3813 -0.0284 0.0125  -0.0781 52  SER A N   
6   C  CA  . SER A 19 ? 0.2723 0.5007 0.3540 -0.0431 0.0199  -0.0808 52  SER A CA  
7   C  C   . SER A 19 ? 0.2902 0.4924 0.3560 -0.0346 0.0195  -0.0726 52  SER A C   
8   O  O   . SER A 19 ? 0.2562 0.4217 0.3154 -0.0285 0.0149  -0.0617 52  SER A O   
9   C  CB  . SER A 19 ? 0.3210 0.5414 0.3988 -0.0763 0.0243  -0.0721 52  SER A CB  
10  O  OG  . SER A 19 ? 0.3014 0.4735 0.3618 -0.0795 0.0201  -0.0535 52  SER A OG  
11  N  N   . ALA A 20 ? 0.2817 0.5074 0.3418 -0.0362 0.0247  -0.0799 53  ALA A N   
12  C  CA  . ALA A 20 ? 0.2891 0.4914 0.3332 -0.0316 0.0238  -0.0750 53  ALA A CA  
13  C  C   . ALA A 20 ? 0.2713 0.4402 0.3067 -0.0475 0.0211  -0.0581 53  ALA A C   
14  O  O   . ALA A 20 ? 0.2549 0.3973 0.2842 -0.0408 0.0165  -0.0541 53  ALA A O   
15  C  CB  . ALA A 20 ? 0.3282 0.5667 0.3664 -0.0313 0.0295  -0.0869 53  ALA A CB  
16  N  N   . ARG A 21 ? 0.2775 0.4469 0.3098 -0.0681 0.0236  -0.0494 54  ARG A N   
17  C  CA  . ARG A 21 ? 0.2639 0.4004 0.2808 -0.0764 0.0191  -0.0340 54  ARG A CA  
18  C  C   . ARG A 21 ? 0.2152 0.3260 0.2392 -0.0651 0.0102  -0.0289 54  ARG A C   
19  O  O   . ARG A 21 ? 0.2308 0.3260 0.2484 -0.0601 0.0043  -0.0239 54  ARG A O   
20  C  CB  . ARG A 21 ? 0.3132 0.4408 0.3153 -0.0992 0.0240  -0.0241 54  ARG A CB  
21  C  CG  . ARG A 21 ? 0.3761 0.4624 0.3516 -0.1001 0.0170  -0.0077 54  ARG A CG  
22  C  CD  . ARG A 21 ? 0.4640 0.5308 0.4055 -0.1212 0.0244  0.0054  54  ARG A CD  
23  N  NE  . ARG A 21 ? 0.4993 0.5347 0.4100 -0.1104 0.0159  0.0178  54  ARG A NE  
24  C  CZ  . ARG A 21 ? 0.5437 0.5541 0.4143 -0.1187 0.0195  0.0317  54  ARG A CZ  
25  N  NH1 . ARG A 21 ? 0.5465 0.5562 0.4009 -0.1453 0.0346  0.0373  54  ARG A NH1 
26  N  NH2 . ARG A 21 ? 0.4680 0.4563 0.3119 -0.1002 0.0083  0.0394  54  ARG A NH2 
27  N  N   . LEU A 22 ? 0.2340 0.3474 0.2714 -0.0608 0.0092  -0.0324 55  LEU A N   
28  C  CA  . LEU A 22 ? 0.2075 0.3024 0.2504 -0.0487 0.0019  -0.0280 55  LEU A CA  
29  C  C   . LEU A 22 ? 0.1926 0.2851 0.2390 -0.0355 0.0021  -0.0309 55  LEU A C   
30  O  O   . LEU A 22 ? 0.2076 0.2884 0.2549 -0.0316 -0.0019 -0.0258 55  LEU A O   
31  C  CB  . LEU A 22 ? 0.2155 0.3150 0.2699 -0.0453 0.0002  -0.0324 55  LEU A CB  
32  C  CG  . LEU A 22 ? 0.2202 0.3059 0.2670 -0.0621 -0.0015 -0.0288 55  LEU A CG  
33  C  CD1 . LEU A 22 ? 0.2186 0.3184 0.2806 -0.0600 -0.0028 -0.0397 55  LEU A CD1 
34  C  CD2 . LEU A 22 ? 0.2636 0.3147 0.2940 -0.0579 -0.0103 -0.0168 55  LEU A CD2 
35  N  N   . ARG A 23 ? 0.2299 0.3328 0.2764 -0.0281 0.0071  -0.0399 56  ARG A N   
36  C  CA  . ARG A 23 ? 0.2339 0.3198 0.2746 -0.0180 0.0085  -0.0421 56  ARG A CA  
37  C  C   . ARG A 23 ? 0.2576 0.3351 0.2921 -0.0287 0.0071  -0.0407 56  ARG A C   
38  O  O   . ARG A 23 ? 0.2281 0.2911 0.2626 -0.0307 0.0069  -0.0390 56  ARG A O   
39  C  CB  . ARG A 23 ? 0.2751 0.3662 0.3081 -0.0028 0.0121  -0.0536 56  ARG A CB  
40  C  CG  . ARG A 23 ? 0.3013 0.4025 0.3390 0.0143  0.0118  -0.0574 56  ARG A CG  
41  C  CD  . ARG A 23 ? 0.3479 0.4488 0.3706 0.0381  0.0132  -0.0692 56  ARG A CD  
42  N  NE  . ARG A 23 ? 0.3989 0.5405 0.4260 0.0399  0.0140  -0.0832 56  ARG A NE  
43  C  CZ  . ARG A 23 ? 0.3702 0.5575 0.4129 0.0415  0.0138  -0.0935 56  ARG A CZ  
44  N  NH1 . ARG A 23 ? 0.3729 0.5659 0.4277 0.0424  0.0111  -0.0915 56  ARG A NH1 
45  N  NH2 . ARG A 23 ? 0.4444 0.6761 0.4916 0.0407  0.0166  -0.1079 56  ARG A NH2 
46  N  N   . ALA A 24 ? 0.2390 0.3293 0.2679 -0.0368 0.0068  -0.0425 57  ALA A N   
47  C  CA  . ALA A 24 ? 0.2510 0.3396 0.2726 -0.0443 0.0035  -0.0430 57  ALA A CA  
48  C  C   . ALA A 24 ? 0.2381 0.3244 0.2634 -0.0477 -0.0032 -0.0348 57  ALA A C   
49  O  O   . ALA A 24 ? 0.2363 0.3241 0.2641 -0.0504 -0.0064 -0.0387 57  ALA A O   
50  C  CB  . ALA A 24 ? 0.2767 0.3812 0.2869 -0.0493 0.0051  -0.0449 57  ALA A CB  
51  N  N   . LEU A 25 ? 0.1988 0.2829 0.2234 -0.0469 -0.0059 -0.0260 58  LEU A N   
52  C  CA  . LEU A 25 ? 0.1944 0.2751 0.2178 -0.0430 -0.0143 -0.0200 58  LEU A CA  
53  C  C   . LEU A 25 ? 0.1577 0.2438 0.1972 -0.0387 -0.0145 -0.0232 58  LEU A C   
54  O  O   . LEU A 25 ? 0.1811 0.2804 0.2241 -0.0380 -0.0197 -0.0260 58  LEU A O   
55  C  CB  . LEU A 25 ? 0.2059 0.2719 0.2206 -0.0419 -0.0172 -0.0115 58  LEU A CB  
56  C  CG  . LEU A 25 ? 0.2011 0.2581 0.2089 -0.0306 -0.0283 -0.0065 58  LEU A CG  
57  C  CD1 . LEU A 25 ? 0.2541 0.3167 0.2456 -0.0245 -0.0365 -0.0063 58  LEU A CD1 
58  C  CD2 . LEU A 25 ? 0.2542 0.2838 0.2489 -0.0295 -0.0316 0.0003  58  LEU A CD2 
59  N  N   A ARG A 26 ? 0.3425 0.3996 0.2849 -0.0439 -0.0122 -0.0310 59  ARG A N   
60  N  N   C ARG A 26 ? 0.2168 0.2738 0.1591 -0.0439 -0.0122 -0.0309 59  ARG A N   
61  C  CA  A ARG A 26 ? 0.3419 0.3898 0.2906 -0.0417 -0.0139 -0.0260 59  ARG A CA  
62  C  CA  C ARG A 26 ? 0.1977 0.2456 0.1465 -0.0417 -0.0140 -0.0260 59  ARG A CA  
63  C  C   A ARG A 26 ? 0.3395 0.3873 0.3034 -0.0371 -0.0207 -0.0272 59  ARG A C   
64  C  C   C ARG A 26 ? 0.1939 0.2417 0.1578 -0.0371 -0.0207 -0.0272 59  ARG A C   
65  O  O   A ARG A 26 ? 0.3400 0.3821 0.3041 -0.0371 -0.0207 -0.0208 59  ARG A O   
66  O  O   C ARG A 26 ? 0.2071 0.2494 0.1714 -0.0371 -0.0208 -0.0208 59  ARG A O   
67  C  CB  A ARG A 26 ? 0.3457 0.3977 0.2956 -0.0481 -0.0190 -0.0201 59  ARG A CB  
68  C  CB  C ARG A 26 ? 0.2444 0.2964 0.1941 -0.0482 -0.0189 -0.0201 59  ARG A CB  
69  C  CG  A ARG A 26 ? 0.3529 0.4120 0.3028 -0.0597 -0.0245 -0.0072 59  ARG A CG  
70  C  CG  C ARG A 26 ? 0.2524 0.3113 0.2024 -0.0594 -0.0243 -0.0074 59  ARG A CG  
71  C  CD  A ARG A 26 ? 0.3653 0.4457 0.3027 -0.0818 -0.0276 0.0042  59  ARG A CD  
72  C  CD  C ARG A 26 ? 0.3671 0.4479 0.3025 -0.0816 -0.0253 0.0021  59  ARG A CD  
73  N  NE  A ARG A 26 ? 0.3769 0.4744 0.3181 -0.1006 -0.0412 0.0250  59  ARG A NE  
74  N  NE  C ARG A 26 ? 0.4725 0.5753 0.4036 -0.1017 -0.0308 0.0150  59  ARG A NE  
75  C  CZ  A ARG A 26 ? 0.3833 0.4768 0.3574 -0.1054 -0.0696 0.0523  59  ARG A CZ  
76  C  CZ  C ARG A 26 ? 0.4768 0.6015 0.3958 -0.1126 -0.0137 -0.0021 59  ARG A CZ  
77  N  NH1 A ARG A 26 ? 0.3772 0.4509 0.3933 -0.0890 -0.0840 0.0514  59  ARG A NH1 
78  N  NH1 C ARG A 26 ? 0.4099 0.5662 0.3219 -0.1387 -0.0219 0.0137  59  ARG A NH1 
79  N  NH2 A ARG A 26 ? 0.3987 0.5132 0.3749 -0.1300 -0.0858 0.0787  59  ARG A NH2 
80  N  NH2 C ARG A 26 ? 0.3603 0.4820 0.2859 -0.1021 0.0081  -0.0342 59  ARG A NH2 
81  N  N   . GLN A 27 ? 0.2201 0.2791 0.2057 -0.0344 -0.0253 -0.0422 60  GLN A N   
82  C  CA  . GLN A 27 ? 0.2470 0.3094 0.2603 -0.0305 -0.0315 -0.0518 60  GLN A CA  
83  C  C   . GLN A 27 ? 0.2348 0.3040 0.2273 -0.0346 -0.0256 -0.0507 60  GLN A C   
84  O  O   . GLN A 27 ? 0.2354 0.2960 0.2360 -0.0316 -0.0298 -0.0451 60  GLN A O   
85  C  CB  . GLN A 27 ? 0.2556 0.3379 0.3213 -0.0278 -0.0359 -0.0839 60  GLN A CB  
86  C  CG  . GLN A 27 ? 0.2760 0.3458 0.3894 -0.0237 -0.0534 -0.0757 60  GLN A CG  
87  C  CD  . GLN A 27 ? 0.3050 0.3527 0.4399 -0.0270 -0.0770 -0.0384 60  GLN A CD  
88  O  OE1 . GLN A 27 ? 0.4136 0.4569 0.5376 -0.0380 -0.0881 -0.0079 60  GLN A OE1 
89  N  NE2 . GLN A 27 ? 0.3510 0.3936 0.5151 -0.0241 -0.0862 -0.0392 60  GLN A NE2 
90  N  N   . ARG A 28 ? 0.2213 0.3070 0.1889 -0.0458 -0.0202 -0.0479 61  ARG A N   
91  C  CA  . ARG A 28 ? 0.2402 0.3347 0.1957 -0.0565 -0.0231 -0.0340 61  ARG A CA  
92  C  C   . ARG A 28 ? 0.2269 0.2898 0.1883 -0.0479 -0.0261 -0.0128 61  ARG A C   
93  O  O   . ARG A 28 ? 0.2452 0.3065 0.2129 -0.0491 -0.0306 -0.0046 61  ARG A O   
94  C  CB  . ARG A 28 ? 0.2611 0.3882 0.1976 -0.0803 -0.0264 -0.0238 61  ARG A CB  
95  C  CG  . ARG A 28 ? 0.3444 0.5289 0.2736 -0.1007 -0.0186 -0.0555 61  ARG A CG  
96  C  CD  . ARG A 28 ? 0.3940 0.6196 0.3322 -0.1132 -0.0138 -0.0845 61  ARG A CD  
97  N  NE  . ARG A 28 ? 0.4598 0.6572 0.4404 -0.0858 -0.0111 -0.1109 61  ARG A NE  
98  C  CZ  . ARG A 28 ? 0.4375 0.6321 0.4622 -0.0713 -0.0082 -0.1429 61  ARG A CZ  
99  N  NH1 . ARG A 28 ? 0.4573 0.6748 0.4827 -0.0779 -0.0021 -0.1587 61  ARG A NH1 
100 N  NH2 . ARG A 28 ? 0.4034 0.5717 0.4810 -0.0519 -0.0165 -0.1540 61  ARG A NH2 
101 N  N   . GLN A 29 ? 0.2128 0.2590 0.1778 -0.0418 -0.0221 -0.0108 62  GLN A N   
102 C  CA  . GLN A 29 ? 0.2083 0.2407 0.1924 -0.0374 -0.0192 -0.0089 62  GLN A CA  
103 C  C   . GLN A 29 ? 0.1882 0.2201 0.1705 -0.0340 -0.0172 -0.0125 62  GLN A C   
104 O  O   . GLN A 29 ? 0.1959 0.2259 0.1944 -0.0331 -0.0165 -0.0118 62  GLN A O   
105 C  CB  . GLN A 29 ? 0.2218 0.2528 0.2139 -0.0382 -0.0110 -0.0191 62  GLN A CB  
106 C  CG  . GLN A 29 ? 0.2215 0.2481 0.2334 -0.0421 -0.0183 -0.0109 62  GLN A CG  
107 C  CD  . GLN A 29 ? 0.2566 0.2749 0.3217 -0.0431 -0.0308 0.0000  62  GLN A CD  
108 O  OE1 . GLN A 29 ? 0.3242 0.3462 0.3918 -0.0528 -0.0481 0.0265  62  GLN A OE1 
109 N  NE2 . GLN A 29 ? 0.2904 0.3062 0.4054 -0.0379 -0.0234 -0.0227 62  GLN A NE2 
110 N  N   . LEU A 30 ? 0.2238 0.2052 0.2077 -0.0422 -0.0342 -0.0094 63  LEU A N   
111 C  CA  . LEU A 30 ? 0.2260 0.2061 0.2011 -0.0379 -0.0332 -0.0116 63  LEU A CA  
112 C  C   . LEU A 30 ? 0.2410 0.2276 0.2158 -0.0383 -0.0286 -0.0104 63  LEU A C   
113 O  O   . LEU A 30 ? 0.2396 0.2241 0.2090 -0.0375 -0.0277 -0.0079 63  LEU A O   
114 C  CB  . LEU A 30 ? 0.2132 0.1935 0.1939 -0.0364 -0.0382 -0.0149 63  LEU A CB  
115 C  CG  . LEU A 30 ? 0.2403 0.2172 0.2188 -0.0342 -0.0444 -0.0173 63  LEU A CG  
116 C  CD1 . LEU A 30 ? 0.2776 0.2561 0.2644 -0.0321 -0.0504 -0.0192 63  LEU A CD1 
117 C  CD2 . LEU A 30 ? 0.2782 0.2572 0.2420 -0.0304 -0.0452 -0.0146 63  LEU A CD2 
118 N  N   . ASP A 31 ? 0.2143 0.2157 0.1959 -0.0394 -0.0262 -0.0128 64  ASP A N   
119 C  CA  . ASP A 31 ? 0.1966 0.2121 0.1789 -0.0376 -0.0234 -0.0165 64  ASP A CA  
120 C  C   . ASP A 31 ? 0.2402 0.2519 0.2134 -0.0386 -0.0203 -0.0085 64  ASP A C   
121 O  O   . ASP A 31 ? 0.2220 0.2344 0.1939 -0.0368 -0.0199 -0.0109 64  ASP A O   
122 C  CB  . ASP A 31 ? 0.2309 0.2791 0.2191 -0.0367 -0.0206 -0.0215 64  ASP A CB  
123 C  CG  . ASP A 31 ? 0.2991 0.3587 0.3002 -0.0313 -0.0254 -0.0365 64  ASP A CG  
124 O  OD1 . ASP A 31 ? 0.3350 0.3715 0.3428 -0.0278 -0.0336 -0.0424 64  ASP A OD1 
125 O  OD2 . ASP A 31 ? 0.3144 0.4102 0.3205 -0.0303 -0.0222 -0.0410 64  ASP A OD2 
126 N  N   . ARG A 32 ? 0.2188 0.2253 0.1906 -0.0413 -0.0208 0.0005  65  ARG A N   
127 C  CA  . ARG A 32 ? 0.2110 0.2110 0.1792 -0.0396 -0.0222 0.0063  65  ARG A CA  
128 C  C   . ARG A 32 ? 0.2207 0.2106 0.1834 -0.0338 -0.0233 -0.0007 65  ARG A C   
129 O  O   . ARG A 32 ? 0.2251 0.2204 0.1848 -0.0306 -0.0220 -0.0015 65  ARG A O   
130 C  CB  . ARG A 32 ? 0.2255 0.2166 0.2027 -0.0438 -0.0290 0.0177  65  ARG A CB  
131 C  CG  . ARG A 32 ? 0.2467 0.2617 0.2290 -0.0523 -0.0266 0.0327  65  ARG A CG  
132 C  CD  . ARG A 32 ? 0.4059 0.4113 0.4048 -0.0617 -0.0362 0.0515  65  ARG A CD  
133 N  NE  . ARG A 32 ? 0.4421 0.4862 0.4443 -0.0725 -0.0313 0.0713  65  ARG A NE  
134 C  CZ  . ARG A 32 ? 0.5675 0.6189 0.5861 -0.0860 -0.0388 0.0999  65  ARG A CZ  
135 N  NH1 . ARG A 32 ? 0.5732 0.5855 0.6112 -0.0894 -0.0554 0.1096  65  ARG A NH1 
136 N  NH2 . ARG A 32 ? 0.4022 0.5045 0.4204 -0.0960 -0.0316 0.1192  65  ARG A NH2 
137 N  N   . ALA A 33 ? 0.2093 0.1925 0.1709 -0.0325 -0.0257 -0.0054 66  ALA A N   
138 C  CA  . ALA A 33 ? 0.2144 0.2039 0.1688 -0.0271 -0.0259 -0.0103 66  ALA A CA  
139 C  C   . ALA A 33 ? 0.2101 0.2110 0.1629 -0.0312 -0.0211 -0.0050 66  ALA A C   
140 O  O   . ALA A 33 ? 0.2368 0.2519 0.1874 -0.0293 -0.0186 -0.0047 66  ALA A O   
141 C  CB  . ALA A 33 ? 0.2346 0.2236 0.1865 -0.0249 -0.0301 -0.0148 66  ALA A CB  
142 N  N   . ALA A 34 ? 0.2159 0.2118 0.1754 -0.0365 -0.0221 -0.0021 67  ALA A N   
143 C  CA  . ALA A 34 ? 0.1922 0.1922 0.1603 -0.0416 -0.0235 0.0027  67  ALA A CA  
144 C  C   . ALA A 34 ? 0.1924 0.1992 0.1654 -0.0414 -0.0217 -0.0015 67  ALA A C   
145 O  O   . ALA A 34 ? 0.2119 0.2265 0.1925 -0.0459 -0.0226 0.0028  67  ALA A O   
146 C  CB  . ALA A 34 ? 0.2228 0.2121 0.2034 -0.0437 -0.0306 0.0011  67  ALA A CB  
147 N  N   . ALA A 35 ? 0.2246 0.2333 0.1936 -0.0373 -0.0195 -0.0069 68  ALA A N   
148 C  CA  . ALA A 35 ? 0.1842 0.2051 0.1556 -0.0354 -0.0188 -0.0109 68  ALA A CA  
149 C  C   . ALA A 35 ? 0.2086 0.2363 0.1767 -0.0340 -0.0168 -0.0080 68  ALA A C   
150 O  O   . ALA A 35 ? 0.2156 0.2545 0.1903 -0.0345 -0.0177 -0.0114 68  ALA A O   
151 C  CB  . ALA A 35 ? 0.2063 0.2364 0.1723 -0.0328 -0.0171 -0.0101 68  ALA A CB  
152 N  N   . ALA A 36 ? 0.2371 0.2627 0.1981 -0.0306 -0.0156 -0.0057 69  ALA A N   
153 C  CA  . ALA A 36 ? 0.2442 0.2852 0.2043 -0.0257 -0.0144 -0.0078 69  ALA A CA  
154 C  C   . ALA A 36 ? 0.2527 0.3130 0.2204 -0.0326 -0.0119 -0.0037 69  ALA A C   
155 O  O   . ALA A 36 ? 0.2760 0.3563 0.2470 -0.0300 -0.0105 -0.0060 69  ALA A O   
156 C  CB  . ALA A 36 ? 0.2923 0.3348 0.2467 -0.0168 -0.0165 -0.0137 69  ALA A CB  
157 N  N   . VAL A 37 ? 0.2175 0.3220 0.1873 -0.0226 -0.0182 -0.0158 70  VAL A N   
158 C  CA  . VAL A 37 ? 0.2048 0.3347 0.1685 -0.0274 -0.0131 0.0038  70  VAL A CA  
159 C  C   . VAL A 37 ? 0.2116 0.3130 0.1899 -0.0323 -0.0118 0.0294  70  VAL A C   
160 O  O   . VAL A 37 ? 0.2295 0.3513 0.2241 -0.0384 -0.0122 0.0547  70  VAL A O   
161 C  CB  . VAL A 37 ? 0.2430 0.4367 0.1977 -0.0293 -0.0144 0.0125  70  VAL A CB  
162 C  CG1 . VAL A 37 ? 0.2671 0.5049 0.2112 -0.0203 -0.0162 -0.0243 70  VAL A CG1 
163 C  CG2 . VAL A 37 ? 0.2176 0.4103 0.1748 -0.0317 -0.0207 0.0212  70  VAL A CG2 
164 N  N   . GLU A 38 ? 0.1919 0.2534 0.1740 -0.0283 -0.0117 0.0229  71  GLU A N   
165 C  CA  . GLU A 38 ? 0.2107 0.2504 0.2115 -0.0277 -0.0125 0.0308  71  GLU A CA  
166 C  C   . GLU A 38 ? 0.2099 0.2445 0.2175 -0.0265 -0.0136 0.0254  71  GLU A C   
167 O  O   . GLU A 38 ? 0.2027 0.2402 0.1944 -0.0245 -0.0112 0.0137  71  GLU A O   
168 C  CB  . GLU A 38 ? 0.2131 0.2305 0.2112 -0.0199 -0.0103 0.0211  71  GLU A CB  
169 C  CG  . GLU A 38 ? 0.2246 0.2432 0.2326 -0.0217 -0.0109 0.0323  71  GLU A CG  
170 C  CD  . GLU A 38 ? 0.2312 0.2490 0.2735 -0.0250 -0.0161 0.0453  71  GLU A CD  
171 O  OE1 . GLU A 38 ? 0.2927 0.2975 0.3560 -0.0175 -0.0178 0.0327  71  GLU A OE1 
172 O  OE2 . GLU A 38 ? 0.2722 0.3082 0.3260 -0.0337 -0.0203 0.0665  71  GLU A OE2 
173 N  N   . PRO A 39 ? 0.2057 0.2333 0.2488 -0.0278 -0.0201 0.0328  72  PRO A N   
174 C  CA  . PRO A 39 ? 0.2099 0.2341 0.2719 -0.0276 -0.0251 0.0284  72  PRO A CA  
175 C  C   . PRO A 39 ? 0.2159 0.2248 0.2543 -0.0182 -0.0245 0.0013  72  PRO A C   
176 O  O   . PRO A 39 ? 0.2185 0.2317 0.2542 -0.0196 -0.0248 -0.0006 72  PRO A O   
177 C  CB  . PRO A 39 ? 0.2410 0.2565 0.3661 -0.0287 -0.0382 0.0361  72  PRO A CB  
178 C  CG  . PRO A 39 ? 0.2430 0.2555 0.3765 -0.0283 -0.0381 0.0414  72  PRO A CG  
179 C  CD  . PRO A 39 ? 0.1965 0.2217 0.2777 -0.0306 -0.0263 0.0473  72  PRO A CD  
180 N  N   . ASP A 40 ? 0.2051 0.2057 0.2277 -0.0084 -0.0231 -0.0151 73  ASP A N   
181 C  CA  . ASP A 40 ? 0.2047 0.2071 0.2036 0.0000  -0.0223 -0.0305 73  ASP A CA  
182 C  C   . ASP A 40 ? 0.2092 0.2154 0.1870 -0.0041 -0.0164 -0.0225 73  ASP A C   
183 O  O   . ASP A 40 ? 0.2363 0.2439 0.2097 -0.0022 -0.0187 -0.0278 73  ASP A O   
184 C  CB  . ASP A 40 ? 0.2068 0.2201 0.1940 0.0126  -0.0202 -0.0426 73  ASP A CB  
185 C  CG  . ASP A 40 ? 0.2192 0.2345 0.2005 0.0110  -0.0119 -0.0283 73  ASP A CG  
186 O  OD1 . ASP A 40 ? 0.2317 0.2378 0.2230 0.0010  -0.0111 -0.0142 73  ASP A OD1 
187 O  OD2 . ASP A 40 ? 0.2425 0.2777 0.2099 0.0211  -0.0063 -0.0291 73  ASP A OD2 
188 N  N   A VAL A 41 ? 0.1961 0.2049 0.1696 -0.0089 -0.0116 -0.0129 74  VAL A N   
189 N  N   B VAL A 41 ? 0.2219 0.2310 0.1956 -0.0090 -0.0116 -0.0129 74  VAL A N   
190 C  CA  A VAL A 41 ? 0.1628 0.1762 0.1340 -0.0105 -0.0106 -0.0143 74  VAL A CA  
191 C  CA  B VAL A 41 ? 0.2175 0.2310 0.1887 -0.0104 -0.0106 -0.0144 74  VAL A CA  
192 C  C   A VAL A 41 ? 0.1859 0.2101 0.1614 -0.0148 -0.0111 -0.0193 74  VAL A C   
193 C  C   B VAL A 41 ? 0.2162 0.2416 0.1918 -0.0149 -0.0109 -0.0196 74  VAL A C   
194 O  O   A VAL A 41 ? 0.1842 0.2090 0.1645 -0.0133 -0.0126 -0.0268 74  VAL A O   
195 O  O   B VAL A 41 ? 0.2044 0.2326 0.1861 -0.0135 -0.0123 -0.0286 74  VAL A O   
196 C  CB  A VAL A 41 ? 0.1352 0.1528 0.1106 -0.0125 -0.0101 -0.0113 74  VAL A CB  
197 C  CB  B VAL A 41 ? 0.2287 0.2448 0.2051 -0.0116 -0.0102 -0.0109 74  VAL A CB  
198 C  CG1 A VAL A 41 ? 0.1070 0.1313 0.0991 -0.0122 -0.0147 -0.0231 74  VAL A CG1 
199 C  CG1 B VAL A 41 ? 0.2788 0.2910 0.2554 -0.0067 -0.0078 0.0002  74  VAL A CG1 
200 C  CG2 A VAL A 41 ? 0.2102 0.2225 0.1878 -0.0081 -0.0081 -0.0008 74  VAL A CG2 
201 C  CG2 B VAL A 41 ? 0.3166 0.3455 0.2909 -0.0167 -0.0100 -0.0095 74  VAL A CG2 
202 N  N   . VAL A 42 ? 0.1817 0.2211 0.1614 -0.0200 -0.0098 -0.0101 75  VAL A N   
203 C  CA  . VAL A 42 ? 0.1989 0.2665 0.1846 -0.0235 -0.0075 -0.0070 75  VAL A CA  
204 C  C   . VAL A 42 ? 0.1589 0.2142 0.1559 -0.0225 -0.0103 -0.0102 75  VAL A C   
205 O  O   . VAL A 42 ? 0.1792 0.2479 0.1779 -0.0212 -0.0082 -0.0188 75  VAL A O   
206 C  CB  . VAL A 42 ? 0.1963 0.2923 0.1952 -0.0302 -0.0067 0.0186  75  VAL A CB  
207 C  CG1 . VAL A 42 ? 0.2140 0.3492 0.2286 -0.0340 -0.0035 0.0344  75  VAL A CG1 
208 C  CG2 . VAL A 42 ? 0.1896 0.3136 0.1722 -0.0304 -0.0047 0.0182  75  VAL A CG2 
209 N  N   . VAL A 43 ? 0.1869 0.2198 0.1961 -0.0213 -0.0170 -0.0086 76  VAL A N   
210 C  CA  . VAL A 43 ? 0.1998 0.2238 0.2245 -0.0196 -0.0237 -0.0148 76  VAL A CA  
211 C  C   . VAL A 43 ? 0.2038 0.2199 0.2090 -0.0140 -0.0239 -0.0289 76  VAL A C   
212 O  O   . VAL A 43 ? 0.2042 0.2238 0.2177 -0.0144 -0.0253 -0.0320 76  VAL A O   
213 C  CB  . VAL A 43 ? 0.2063 0.2150 0.2565 -0.0167 -0.0351 -0.0196 76  VAL A CB  
214 C  CG1 . VAL A 43 ? 0.2241 0.2245 0.2888 -0.0117 -0.0466 -0.0357 76  VAL A CG1 
215 C  CG2 . VAL A 43 ? 0.2195 0.2395 0.3160 -0.0254 -0.0388 0.0054  76  VAL A CG2 
216 N  N   . LYS A 44 ? 0.2062 0.1880 0.1653 0.0013  0.0216  -0.0123 77  LYS A N   
217 C  CA  . LYS A 44 ? 0.2648 0.2365 0.2100 -0.0046 0.0146  -0.0213 77  LYS A CA  
218 C  C   . LYS A 44 ? 0.2200 0.2015 0.1669 -0.0065 0.0115  -0.0226 77  LYS A C   
219 O  O   . LYS A 44 ? 0.2370 0.2094 0.1845 -0.0086 0.0074  -0.0246 77  LYS A O   
220 C  CB  . LYS A 44 ? 0.2729 0.2404 0.2070 -0.0067 0.0165  -0.0249 77  LYS A CB  
221 C  CG  . LYS A 44 ? 0.3241 0.2737 0.2533 -0.0103 0.0208  -0.0296 77  LYS A CG  
222 C  CD  . LYS A 44 ? 0.4593 0.4033 0.3757 -0.0147 0.0225  -0.0350 77  LYS A CD  
223 C  CE  . LYS A 44 ? 0.4416 0.3698 0.3547 -0.0208 0.0322  -0.0423 77  LYS A CE  
224 N  NZ  . LYS A 44 ? 0.5213 0.4435 0.4218 -0.0348 0.0259  -0.0491 77  LYS A NZ  
225 N  N   A ARG A 45 ? 0.2072 0.2090 0.1569 -0.0075 0.0150  -0.0207 78  ARG A N   
226 N  N   B ARG A 45 ? 0.2140 0.2162 0.1635 -0.0076 0.0152  -0.0208 78  ARG A N   
227 C  CA  A ARG A 45 ? 0.2087 0.2180 0.1595 -0.0134 0.0173  -0.0267 78  ARG A CA  
228 C  CA  B ARG A 45 ? 0.2219 0.2326 0.1724 -0.0136 0.0175  -0.0265 78  ARG A CA  
229 C  C   A ARG A 45 ? 0.2013 0.2092 0.1633 -0.0119 0.0161  -0.0256 78  ARG A C   
230 C  C   B ARG A 45 ? 0.1877 0.1922 0.1491 -0.0110 0.0153  -0.0251 78  ARG A C   
231 O  O   A ARG A 45 ? 0.1861 0.1881 0.1534 -0.0148 0.0196  -0.0312 78  ARG A O   
232 O  O   B ARG A 45 ? 0.1873 0.1801 0.1535 -0.0116 0.0156  -0.0285 78  ARG A O   
233 C  CB  A ARG A 45 ? 0.1997 0.2378 0.1470 -0.0209 0.0224  -0.0265 78  ARG A CB  
234 C  CB  B ARG A 45 ? 0.2284 0.2711 0.1776 -0.0208 0.0224  -0.0249 78  ARG A CB  
235 C  CG  A ARG A 45 ? 0.1418 0.1913 0.0903 -0.0316 0.0291  -0.0358 78  ARG A CG  
236 C  CG  B ARG A 45 ? 0.1956 0.2446 0.1387 -0.0337 0.0304  -0.0381 78  ARG A CG  
237 C  CD  A ARG A 45 ? 0.2166 0.3082 0.1596 -0.0451 0.0334  -0.0339 78  ARG A CD  
238 C  CD  B ARG A 45 ? 0.2883 0.3775 0.2264 -0.0479 0.0353  -0.0379 78  ARG A CD  
239 N  NE  A ARG A 45 ? 0.3187 0.4232 0.2506 -0.0503 0.0344  -0.0333 78  ARG A NE  
240 N  NE  B ARG A 45 ? 0.3556 0.4684 0.2879 -0.0492 0.0330  -0.0280 78  ARG A NE  
241 C  CZ  A ARG A 45 ? 0.2618 0.3980 0.1952 -0.0497 0.0314  -0.0174 78  ARG A CZ  
242 C  CZ  B ARG A 45 ? 0.3205 0.4387 0.2398 -0.0584 0.0370  -0.0353 78  ARG A CZ  
243 N  NH1 A ARG A 45 ? 0.2667 0.4260 0.2148 -0.0437 0.0280  0.0012  78  ARG A NH1 
244 N  NH1 B ARG A 45 ? 0.2859 0.4307 0.2036 -0.0583 0.0342  -0.0222 78  ARG A NH1 
245 N  NH2 A ARG A 45 ? 0.2518 0.3987 0.1755 -0.0551 0.0328  -0.0178 78  ARG A NH2 
246 N  NH2 B ARG A 45 ? 0.3030 0.4016 0.2141 -0.0679 0.0456  -0.0538 78  ARG A NH2 
247 N  N   . GLN A 46 ? 0.2012 0.2140 0.1698 -0.0074 0.0138  -0.0177 79  GLN A N   
248 C  CA  . GLN A 46 ? 0.1857 0.1960 0.1640 -0.0058 0.0117  -0.0160 79  GLN A CA  
249 C  C   . GLN A 46 ? 0.1722 0.1620 0.1509 -0.0044 0.0067  -0.0171 79  GLN A C   
250 O  O   . GLN A 46 ? 0.1869 0.1758 0.1745 -0.0046 0.0059  -0.0168 79  GLN A O   
251 C  CB  . GLN A 46 ? 0.1790 0.2002 0.1664 -0.0019 0.0123  -0.0060 79  GLN A CB  
252 C  CG  . GLN A 46 ? 0.2106 0.2415 0.2072 -0.0034 0.0114  -0.0047 79  GLN A CG  
253 C  CD  . GLN A 46 ? 0.2303 0.2838 0.2256 -0.0121 0.0158  -0.0100 79  GLN A CD  
254 O  OE1 . GLN A 46 ? 0.2408 0.3160 0.2302 -0.0183 0.0190  -0.0089 79  GLN A OE1 
255 N  NE2 . GLN A 46 ? 0.2477 0.2986 0.2485 -0.0152 0.0178  -0.0164 79  GLN A NE2 
256 N  N   . GLU A 47 ? 0.1973 0.1752 0.1678 -0.0048 0.0041  -0.0170 80  GLU A N   
257 C  CA  . GLU A 47 ? 0.2117 0.1802 0.1809 -0.0081 -0.0019 -0.0156 80  GLU A CA  
258 C  C   . GLU A 47 ? 0.2334 0.2021 0.2082 -0.0082 -0.0028 -0.0136 80  GLU A C   
259 O  O   . GLU A 47 ? 0.2302 0.2006 0.2152 -0.0086 -0.0067 -0.0062 80  GLU A O   
260 C  CB  . GLU A 47 ? 0.2256 0.1849 0.1818 -0.0134 -0.0024 -0.0185 80  GLU A CB  
261 C  CG  . GLU A 47 ? 0.2424 0.1952 0.1990 -0.0148 0.0033  -0.0208 80  GLU A CG  
262 C  CD  . GLU A 47 ? 0.3096 0.2499 0.2547 -0.0221 0.0099  -0.0280 80  GLU A CD  
263 O  OE1 . GLU A 47 ? 0.3761 0.3151 0.3122 -0.0234 0.0100  -0.0306 80  GLU A OE1 
264 O  OE2 . GLU A 47 ? 0.3377 0.2683 0.2843 -0.0271 0.0179  -0.0323 80  GLU A OE2 
265 N  N   . ALA A 48 ? 0.2215 0.1898 0.1927 -0.0079 0.0027  -0.0183 81  ALA A N   
266 C  CA  . ALA A 48 ? 0.2088 0.1729 0.1900 -0.0078 0.0072  -0.0167 81  ALA A CA  
267 C  C   . ALA A 48 ? 0.1950 0.1610 0.1942 -0.0060 0.0153  -0.0177 81  ALA A C   
268 O  O   . ALA A 48 ? 0.2465 0.2086 0.2649 -0.0030 0.0184  -0.0095 81  ALA A O   
269 C  CB  . ALA A 48 ? 0.2145 0.1763 0.1859 -0.0105 0.0138  -0.0242 81  ALA A CB  
270 N  N   . LEU A 49 ? 0.2172 0.1938 0.2400 -0.0058 0.0012  -0.0049 82  LEU A N   
271 C  CA  . LEU A 49 ? 0.2299 0.1989 0.2373 0.0017  -0.0027 -0.0109 82  LEU A CA  
272 C  C   . LEU A 49 ? 0.2397 0.2128 0.2326 0.0045  0.0054  -0.0041 82  LEU A C   
273 O  O   . LEU A 49 ? 0.2396 0.2076 0.2264 0.0089  0.0071  -0.0045 82  LEU A O   
274 C  CB  . LEU A 49 ? 0.2356 0.2034 0.2305 0.0089  -0.0116 -0.0202 82  LEU A CB  
275 C  CG  . LEU A 49 ? 0.2734 0.2368 0.2854 0.0101  -0.0254 -0.0342 82  LEU A CG  
276 C  CD1 . LEU A 49 ? 0.2947 0.2611 0.2905 0.0195  -0.0354 -0.0419 82  LEU A CD1 
277 C  CD2 . LEU A 49 ? 0.3235 0.2791 0.3414 0.0160  -0.0322 -0.0456 82  LEU A CD2 
278 N  N   . ALA A 50 ? 0.2103 0.1930 0.2040 0.0025  0.0095  0.0001  83  ALA A N   
279 C  CA  . ALA A 50 ? 0.1981 0.1858 0.1908 0.0054  0.0154  0.0036  83  ALA A CA  
280 C  C   . ALA A 50 ? 0.2073 0.1985 0.2034 0.0053  0.0172  0.0055  83  ALA A C   
281 O  O   . ALA A 50 ? 0.2046 0.1947 0.2006 0.0092  0.0197  0.0061  83  ALA A O   
282 C  CB  . ALA A 50 ? 0.2115 0.2093 0.2165 0.0038  0.0165  0.0037  83  ALA A CB  
283 N  N   . ALA A 51 ? 0.1984 0.1943 0.1976 0.0029  0.0168  0.0082  84  ALA A N   
284 C  CA  . ALA A 51 ? 0.2082 0.2098 0.2057 0.0072  0.0191  0.0137  84  ALA A CA  
285 C  C   . ALA A 51 ? 0.2168 0.2052 0.2144 0.0083  0.0196  0.0174  84  ALA A C   
286 O  O   . ALA A 51 ? 0.2330 0.2223 0.2284 0.0133  0.0200  0.0196  84  ALA A O   
287 C  CB  . ALA A 51 ? 0.2007 0.2116 0.1989 0.0081  0.0227  0.0208  84  ALA A CB  
288 N  N   . ALA A 52 ? 0.2185 0.1953 0.2226 0.0047  0.0175  0.0151  85  ALA A N   
289 C  CA  . ALA A 52 ? 0.2643 0.2285 0.2757 0.0065  0.0155  0.0135  85  ALA A CA  
290 C  C   . ALA A 52 ? 0.2737 0.2352 0.2729 0.0117  0.0150  0.0066  85  ALA A C   
291 O  O   . ALA A 52 ? 0.2819 0.2385 0.2843 0.0150  0.0158  0.0072  85  ALA A O   
292 C  CB  . ALA A 52 ? 0.2640 0.2192 0.2923 0.0038  0.0093  0.0058  85  ALA A CB  
293 N  N   . ARG A 53 ? 0.2485 0.2141 0.2366 0.0134  0.0159  0.0026  86  ARG A N   
294 C  CA  . ARG A 53 ? 0.2686 0.2334 0.2481 0.0201  0.0204  0.0005  86  ARG A CA  
295 C  C   . ARG A 53 ? 0.2744 0.2452 0.2629 0.0206  0.0249  0.0049  86  ARG A C   
296 O  O   . ARG A 53 ? 0.2708 0.2388 0.2616 0.0250  0.0278  0.0040  86  ARG A O   
297 C  CB  . ARG A 53 ? 0.2469 0.2158 0.2172 0.0233  0.0232  0.0014  86  ARG A CB  
298 C  CG  . ARG A 53 ? 0.2675 0.2382 0.2335 0.0319  0.0336  0.0056  86  ARG A CG  
299 C  CD  . ARG A 53 ? 0.2881 0.2628 0.2450 0.0382  0.0393  0.0121  86  ARG A CD  
300 N  NE  . ARG A 53 ? 0.2529 0.2344 0.2313 0.0304  0.0409  0.0178  86  ARG A NE  
301 C  CZ  . ARG A 53 ? 0.2412 0.2249 0.2204 0.0262  0.0349  0.0171  86  ARG A CZ  
302 N  NH1 . ARG A 53 ? 0.2670 0.2461 0.2271 0.0289  0.0265  0.0115  86  ARG A NH1 
303 N  NH2 . ARG A 53 ? 0.2431 0.2343 0.2470 0.0204  0.0361  0.0193  86  ARG A NH2 
304 N  N   . LEU A 54 ? 0.2368 0.2177 0.2328 0.0176  0.0237  0.0069  87  LEU A N   
305 C  CA  . LEU A 54 ? 0.2407 0.2307 0.2487 0.0209  0.0229  0.0058  87  LEU A CA  
306 C  C   . LEU A 54 ? 0.2528 0.2389 0.2581 0.0243  0.0204  0.0087  87  LEU A C   
307 O  O   . LEU A 54 ? 0.2657 0.2520 0.2798 0.0287  0.0204  0.0065  87  LEU A O   
308 C  CB  . LEU A 54 ? 0.2140 0.2185 0.2284 0.0209  0.0183  0.0022  87  LEU A CB  
309 C  CG  . LEU A 54 ? 0.2115 0.2205 0.2405 0.0182  0.0205  -0.0010 87  LEU A CG  
310 C  CD1 . LEU A 54 ? 0.2251 0.2502 0.2641 0.0195  0.0135  -0.0093 87  LEU A CD1 
311 C  CD2 . LEU A 54 ? 0.2518 0.2595 0.3029 0.0207  0.0273  -0.0005 87  LEU A CD2 
312 N  N   . LYS A 55 ? 0.2477 0.2009 0.2881 0.0380  0.0339  0.0164  88  LYS A N   
313 C  CA  . LYS A 55 ? 0.2697 0.2057 0.2798 0.0563  0.0353  0.0187  88  LYS A CA  
314 C  C   . LYS A 55 ? 0.2838 0.2258 0.2855 0.0564  0.0122  0.0034  88  LYS A C   
315 O  O   . LYS A 55 ? 0.3229 0.2712 0.2953 0.0728  0.0106  -0.0015 88  LYS A O   
316 C  CB  . LYS A 55 ? 0.3157 0.2173 0.3782 0.0588  0.0604  0.0467  88  LYS A CB  
317 C  CG  . LYS A 55 ? 0.3826 0.2578 0.4349 0.0865  0.0832  0.0667  88  LYS A CG  
318 C  CD  . LYS A 55 ? 0.4431 0.2784 0.5910 0.0919  0.1293  0.1052  88  LYS A CD  
319 C  CE  . LYS A 55 ? 0.4943 0.2981 0.6518 0.1271  0.1707  0.1402  88  LYS A CE  
320 N  NZ  . LYS A 55 ? 0.5394 0.3391 0.7663 0.1068  0.1417  0.1093  88  LYS A NZ  
321 N  N   A MSE A 56 ? 0.2869 0.2275 0.3088 0.0465  -0.0080 -0.0062 89  MSE A N   
322 N  N   B MSE A 56 ? 0.2792 0.2199 0.3017 0.0462  -0.0078 -0.0058 89  MSE A N   
323 N  N   C MSE A 56 ? 0.3034 0.2446 0.3250 0.0463  -0.0078 -0.0060 89  MSE A N   
324 C  CA  A MSE A 56 ? 0.3293 0.2650 0.3192 0.0571  -0.0254 -0.0282 89  MSE A CA  
325 C  CA  B MSE A 56 ? 0.3184 0.2552 0.3089 0.0564  -0.0260 -0.0278 89  MSE A CA  
326 C  CA  C MSE A 56 ? 0.3966 0.3322 0.3874 0.0568  -0.0257 -0.0281 89  MSE A CA  
327 C  C   A MSE A 56 ? 0.3234 0.2801 0.2748 0.0698  -0.0109 -0.0254 89  MSE A C   
328 C  C   B MSE A 56 ? 0.3132 0.2700 0.2663 0.0690  -0.0106 -0.0250 89  MSE A C   
329 C  C   C MSE A 56 ? 0.3561 0.3122 0.3054 0.0702  -0.0122 -0.0262 89  MSE A C   
330 O  O   A MSE A 56 ? 0.3299 0.2800 0.2646 0.0835  -0.0045 -0.0324 89  MSE A O   
331 O  O   B MSE A 56 ? 0.3253 0.2760 0.2644 0.0821  -0.0045 -0.0313 89  MSE A O   
332 O  O   C MSE A 56 ? 0.3458 0.2930 0.2723 0.0852  -0.0069 -0.0352 89  MSE A O   
333 C  CB  A MSE A 56 ? 0.3797 0.3135 0.3698 0.0588  -0.0624 -0.0513 89  MSE A CB  
334 C  CB  B MSE A 56 ? 0.3578 0.2980 0.3426 0.0593  -0.0609 -0.0463 89  MSE A CB  
335 C  CB  C MSE A 56 ? 0.4272 0.3603 0.4260 0.0567  -0.0629 -0.0507 89  MSE A CB  
336 C  CG  A MSE A 56 ? 0.4741 0.3972 0.3891 0.0852  -0.0772 -0.0812 89  MSE A CG  
337 C  CG  B MSE A 56 ? 0.4154 0.3423 0.3314 0.0845  -0.0774 -0.0777 89  MSE A CG  
338 C  CG  C MSE A 56 ? 0.5652 0.4854 0.4986 0.0801  -0.0825 -0.0847 89  MSE A CG  
339 SE SE  A MSE A 56 ? 0.6495 0.5252 0.5995 0.0862  -0.0972 -0.1360 89  MSE A SE  
340 SE SE  B MSE A 56 ? 0.4982 0.3825 0.4545 0.0811  -0.0679 -0.1036 89  MSE A SE  
341 SE SE  C MSE A 56 ? 0.7719 0.6881 0.7280 0.0864  -0.1591 -0.1447 89  MSE A SE  
342 C  CE  A MSE A 56 ? 0.5462 0.4129 0.5073 0.0890  -0.0382 -0.0961 89  MSE A CE  
343 C  CE  B MSE A 56 ? 0.3856 0.2541 0.4830 0.0540  -0.0978 -0.1243 89  MSE A CE  
344 C  CE  C MSE A 56 ? 0.7651 0.6338 0.8543 0.0620  -0.1568 -0.1829 89  MSE A CE  
345 N  N   . GLN A 57 ? 0.2947 0.2746 0.2600 0.0660  0.0025  -0.0122 90  GLN A N   
346 C  CA  . GLN A 57 ? 0.3130 0.3122 0.2960 0.0767  0.0282  -0.0059 90  GLN A CA  
347 C  C   . GLN A 57 ? 0.3017 0.3170 0.3180 0.0750  0.0228  -0.0213 90  GLN A C   
348 O  O   . GLN A 57 ? 0.2887 0.3150 0.3304 0.0877  0.0338  -0.0217 90  GLN A O   
349 C  CB  . GLN A 57 ? 0.3099 0.3268 0.3427 0.0719  0.0539  0.0133  90  GLN A CB  
350 C  CG  . GLN A 57 ? 0.3942 0.4064 0.3816 0.0962  0.0634  0.0432  90  GLN A CG  
351 C  CD  . GLN A 57 ? 0.3661 0.3933 0.4176 0.0965  0.0994  0.0770  90  GLN A CD  
352 O  OE1 . GLN A 57 ? 0.3971 0.4301 0.5209 0.0679  0.1042  0.0655  90  GLN A OE1 
353 N  NE2 . GLN A 57 ? 0.5116 0.5409 0.5281 0.1382  0.1303  0.1209  90  GLN A NE2 
354 N  N   . GLU A 58 ? 0.2870 0.3048 0.2995 0.0688  0.0064  -0.0313 91  GLU A N   
355 C  CA  . GLU A 58 ? 0.2851 0.3240 0.2974 0.0849  -0.0135 -0.0472 91  GLU A CA  
356 C  C   . GLU A 58 ? 0.3155 0.3420 0.3027 0.1041  -0.0140 -0.0333 91  GLU A C   
357 O  O   . GLU A 58 ? 0.3221 0.3763 0.3379 0.1204  -0.0252 -0.0389 91  GLU A O   
358 C  CB  . GLU A 58 ? 0.3228 0.3526 0.2869 0.0957  -0.0211 -0.0508 91  GLU A CB  
359 C  CG  . GLU A 58 ? 0.3666 0.4077 0.3563 0.0840  -0.0227 -0.0788 91  GLU A CG  
360 C  CD  . GLU A 58 ? 0.5087 0.5168 0.4441 0.0923  -0.0028 -0.0663 91  GLU A CD  
361 O  OE1 . GLU A 58 ? 0.5152 0.4988 0.3842 0.1220  0.0093  -0.0391 91  GLU A OE1 
362 O  OE2 . GLU A 58 ? 0.4545 0.4579 0.4281 0.0734  0.0123  -0.0773 91  GLU A OE2 
363 N  N   . GLU A 59 ? 0.3230 0.3096 0.2828 0.1020  -0.0021 -0.0188 92  GLU A N   
364 C  CA  . GLU A 59 ? 0.3598 0.3248 0.3172 0.1191  0.0061  -0.0104 92  GLU A CA  
365 C  C   . GLU A 59 ? 0.3561 0.3206 0.3219 0.1234  0.0158  -0.0210 92  GLU A C   
366 O  O   . GLU A 59 ? 0.3593 0.3294 0.3443 0.1425  0.0239  -0.0139 92  GLU A O   
367 C  CB  . GLU A 59 ? 0.3960 0.3159 0.3642 0.1119  0.0164  -0.0055 92  GLU A CB  
368 C  CG  . GLU A 59 ? 0.4849 0.3959 0.4550 0.1236  0.0330  0.0247  92  GLU A CG  
369 C  CD  . GLU A 59 ? 0.6119 0.4820 0.6475 0.1096  0.0513  0.0329  92  GLU A CD  
370 O  OE1 . GLU A 59 ? 0.5820 0.4411 0.6575 0.0856  0.0288  -0.0010 92  GLU A OE1 
371 O  OE2 . GLU A 59 ? 0.7034 0.5536 0.7549 0.1304  0.0888  0.0734  92  GLU A OE2 
372 N  N   . LEU A 60 ? 0.2995 0.3074 0.3133 0.0592  -0.0031 -0.0482 93  LEU A N   
373 C  CA  . LEU A 60 ? 0.3147 0.3384 0.3229 0.0725  -0.0041 -0.0382 93  LEU A CA  
374 C  C   . LEU A 60 ? 0.3446 0.3469 0.3666 0.0706  -0.0007 -0.0174 93  LEU A C   
375 O  O   . LEU A 60 ? 0.3487 0.3495 0.3718 0.0719  0.0028  -0.0136 93  LEU A O   
376 C  CB  . LEU A 60 ? 0.3257 0.3904 0.3198 0.1037  -0.0052 -0.0298 93  LEU A CB  
377 C  CG  . LEU A 60 ? 0.3527 0.4800 0.3475 0.1214  -0.0204 -0.0807 93  LEU A CG  
378 C  CD1 . LEU A 60 ? 0.4066 0.5946 0.3656 0.1773  -0.0264 -0.0683 93  LEU A CD1 
379 C  CD2 . LEU A 60 ? 0.3885 0.5552 0.4040 0.1254  -0.0246 -0.1245 93  LEU A CD2 
380 N  N   . ASN A 61 ? 0.3310 0.3267 0.3869 0.0677  -0.0025 -0.0193 94  ASN A N   
381 C  CA  . ASN A 61 ? 0.3372 0.3328 0.4575 0.0660  -0.0005 -0.0317 94  ASN A CA  
382 C  C   . ASN A 61 ? 0.3335 0.3428 0.4309 0.0724  -0.0204 -0.0555 94  ASN A C   
383 O  O   . ASN A 61 ? 0.3340 0.3504 0.4672 0.0751  -0.0204 -0.0664 94  ASN A O   
384 C  CB  . ASN A 61 ? 0.3250 0.3290 0.5263 0.0635  0.0002  -0.0568 94  ASN A CB  
385 C  CG  . ASN A 61 ? 0.4018 0.3824 0.6526 0.0703  0.0379  -0.0147 94  ASN A CG  
386 O  OD1 . ASN A 61 ? 0.4720 0.4510 0.7771 0.0701  0.0431  -0.0239 94  ASN A OD1 
387 N  ND2 . ASN A 61 ? 0.4356 0.4053 0.6645 0.0880  0.0690  0.0367  94  ASN A ND2 
388 N  N   . ALA A 62 ? 0.3293 0.3436 0.3678 0.0838  -0.0286 -0.0557 95  ALA A N   
389 C  CA  . ALA A 62 ? 0.3611 0.3927 0.3609 0.1144  -0.0363 -0.0572 95  ALA A CA  
390 C  C   . ALA A 62 ? 0.3737 0.3735 0.3613 0.1081  -0.0210 -0.0314 95  ALA A C   
391 O  O   . ALA A 62 ? 0.3835 0.3972 0.3662 0.1311  -0.0296 -0.0356 95  ALA A O   
392 C  CB  . ALA A 62 ? 0.3932 0.4338 0.3329 0.1440  -0.0255 -0.0394 95  ALA A CB  
393 N  N   . GLN A 63 ? 0.3514 0.3253 0.3451 0.0837  -0.0035 -0.0189 96  GLN A N   
394 C  CA  . GLN A 63 ? 0.3648 0.3265 0.3709 0.0786  0.0075  -0.0158 96  GLN A CA  
395 C  C   . GLN A 63 ? 0.3410 0.3185 0.3654 0.0766  -0.0024 -0.0228 96  GLN A C   
396 O  O   . GLN A 63 ? 0.3586 0.3340 0.3900 0.0832  -0.0028 -0.0245 96  GLN A O   
397 C  CB  . GLN A 63 ? 0.3637 0.3292 0.3968 0.0636  0.0209  -0.0329 96  GLN A CB  
398 C  CG  . GLN A 63 ? 0.3780 0.3172 0.4391 0.0608  0.0512  -0.0293 96  GLN A CG  
399 C  CD  . GLN A 63 ? 0.4571 0.4205 0.5959 0.0445  0.0622  -0.0806 96  GLN A CD  
400 O  OE1 . GLN A 63 ? 0.5162 0.5031 0.7088 0.0424  0.0626  -0.1182 96  GLN A OE1 
401 N  NE2 . GLN A 63 ? 0.5237 0.4984 0.6822 0.0373  0.0668  -0.0990 96  GLN A NE2 
402 N  N   . VAL A 64 ? 0.3358 0.3254 0.3790 0.0719  0.0001  -0.0202 97  VAL A N   
403 C  CA  . VAL A 64 ? 0.3553 0.3525 0.4401 0.0737  0.0141  -0.0137 97  VAL A CA  
404 C  C   . VAL A 64 ? 0.3529 0.3572 0.4843 0.0755  0.0004  -0.0429 97  VAL A C   
405 O  O   . VAL A 64 ? 0.3607 0.3704 0.5134 0.0769  0.0049  -0.0482 97  VAL A O   
406 C  CB  . VAL A 64 ? 0.3337 0.3296 0.4576 0.0788  0.0419  0.0117  97  VAL A CB  
407 C  CG1 . VAL A 64 ? 0.3598 0.3501 0.5743 0.0798  0.0795  0.0230  97  VAL A CG1 
408 C  CG2 . VAL A 64 ? 0.3791 0.3976 0.4421 0.1029  0.0526  0.0395  97  VAL A CG2 
409 N  N   . GLU A 65 ? 0.3425 0.3652 0.4896 0.0845  -0.0212 -0.0730 98  GLU A N   
410 C  CA  . GLU A 65 ? 0.3830 0.4512 0.5818 0.1054  -0.0462 -0.1266 98  GLU A CA  
411 C  C   . GLU A 65 ? 0.4280 0.5022 0.5575 0.1347  -0.0614 -0.1168 98  GLU A C   
412 O  O   . GLU A 65 ? 0.3970 0.5027 0.5677 0.1500  -0.0752 -0.1505 98  GLU A O   
413 C  CB  . GLU A 65 ? 0.3886 0.5109 0.6198 0.1268  -0.0732 -0.1805 98  GLU A CB  
414 C  CG  . GLU A 65 ? 0.4848 0.6061 0.8495 0.0990  -0.0523 -0.2098 98  GLU A CG  
415 C  CD  . GLU A 65 ? 0.5732 0.6870 1.0908 0.0778  -0.0168 -0.2309 98  GLU A CD  
416 O  OE1 . GLU A 65 ? 0.6019 0.7624 1.1776 0.0912  -0.0359 -0.2882 98  GLU A OE1 
417 O  OE2 . GLU A 65 ? 0.5890 0.6529 1.1752 0.0556  0.0384  -0.1853 98  GLU A OE2 
418 N  N   . LYS A 66 ? 0.2987 0.4505 0.4987 0.1725  -0.0015 -0.0303 99  LYS A N   
419 C  CA  . LYS A 66 ? 0.3240 0.4646 0.5128 0.1785  0.0045  -0.0128 99  LYS A CA  
420 C  C   . LYS A 66 ? 0.3024 0.4204 0.5099 0.1531  -0.0035 -0.0228 99  LYS A C   
421 O  O   . LYS A 66 ? 0.3346 0.4422 0.5300 0.1630  -0.0079 -0.0282 99  LYS A O   
422 C  CB  . LYS A 66 ? 0.3657 0.5065 0.5741 0.1790  0.0343  0.0278  99  LYS A CB  
423 C  CG  . LYS A 66 ? 0.4591 0.5777 0.6706 0.1966  0.0637  0.0608  99  LYS A CG  
424 C  CD  . LYS A 66 ? 0.5421 0.6571 0.8175 0.1971  0.1134  0.1070  99  LYS A CD  
425 N  N   . HIS A 67 ? 0.2927 0.4080 0.5186 0.1336  -0.0073 -0.0276 100 HIS A N   
426 C  CA  . HIS A 67 ? 0.2893 0.3860 0.5140 0.1280  -0.0152 -0.0392 100 HIS A CA  
427 C  C   . HIS A 67 ? 0.3019 0.3859 0.5239 0.1362  -0.0089 -0.0482 100 HIS A C   
428 O  O   . HIS A 67 ? 0.2988 0.3665 0.5189 0.1367  -0.0104 -0.0521 100 HIS A O   
429 C  CB  . HIS A 67 ? 0.3231 0.4318 0.5500 0.1326  -0.0267 -0.0504 100 HIS A CB  
430 C  CG  . HIS A 67 ? 0.3088 0.4325 0.5904 0.1182  -0.0398 -0.0633 100 HIS A CG  
431 N  ND1 . HIS A 67 ? 0.3370 0.4890 0.6646 0.1111  -0.0358 -0.0593 100 HIS A ND1 
432 C  CD2 . HIS A 67 ? 0.2606 0.3734 0.5872 0.1079  -0.0508 -0.0833 100 HIS A CD2 
433 C  CE1 . HIS A 67 ? 0.2901 0.4500 0.7089 0.0941  -0.0405 -0.0776 100 HIS A CE1 
434 N  NE2 . HIS A 67 ? 0.3686 0.5028 0.7908 0.0913  -0.0509 -0.0956 100 HIS A NE2 
435 N  N   . LYS A 68 ? 0.3119 0.4024 0.5552 0.1421  0.0026  -0.0539 101 LYS A N   
436 C  CA  . LYS A 68 ? 0.3344 0.4153 0.6321 0.1453  0.0170  -0.0708 101 LYS A CA  
437 C  C   . LYS A 68 ? 0.3400 0.4380 0.6575 0.1491  -0.0074 -0.1012 101 LYS A C   
438 O  O   . LYS A 68 ? 0.3467 0.4384 0.7022 0.1488  -0.0033 -0.1129 101 LYS A O   
439 C  CB  . LYS A 68 ? 0.3434 0.4241 0.6986 0.1491  0.0398  -0.0791 101 LYS A CB  
440 C  CG  . LYS A 68 ? 0.4566 0.5142 0.7907 0.1655  0.0795  -0.0405 101 LYS A CG  
441 C  CD  . LYS A 68 ? 0.5070 0.5632 0.8744 0.1724  0.1023  -0.0379 101 LYS A CD  
442 C  CE  . LYS A 68 ? 0.5807 0.6045 1.0628 0.1784  0.1597  -0.0368 101 LYS A CE  
443 N  NZ  . LYS A 68 ? 0.6333 0.6468 1.1458 0.1892  0.1892  -0.0287 101 LYS A NZ  
444 N  N   . GLU A 69 ? 0.3397 0.4626 0.6223 0.1655  -0.0296 -0.1104 102 GLU A N   
445 C  CA  . GLU A 69 ? 0.3442 0.4919 0.6129 0.1965  -0.0551 -0.1365 102 GLU A CA  
446 C  C   . GLU A 69 ? 0.3666 0.4921 0.6021 0.1934  -0.0493 -0.1109 102 GLU A C   
447 O  O   . GLU A 69 ? 0.3756 0.5137 0.6278 0.2096  -0.0638 -0.1358 102 GLU A O   
448 C  CB  . GLU A 69 ? 0.3811 0.5541 0.5862 0.2390  -0.0650 -0.1314 102 GLU A CB  
449 C  CG  . GLU A 69 ? 0.5070 0.7174 0.6711 0.3046  -0.0935 -0.1622 102 GLU A CG  
450 N  N   . LYS A 70 ? 0.3604 0.4567 0.5655 0.1742  -0.0309 -0.0701 103 LYS A N   
451 C  CA  . LYS A 70 ? 0.3547 0.4233 0.5457 0.1691  -0.0240 -0.0525 103 LYS A CA  
452 C  C   . LYS A 70 ? 0.3434 0.3983 0.5572 0.1570  -0.0258 -0.0672 103 LYS A C   
453 O  O   . LYS A 70 ? 0.3818 0.4274 0.5891 0.1661  -0.0281 -0.0689 103 LYS A O   
454 C  CB  . LYS A 70 ? 0.3479 0.3954 0.5473 0.1484  -0.0096 -0.0282 103 LYS A CB  
455 C  CG  . LYS A 70 ? 0.4312 0.4458 0.6429 0.1421  -0.0014 -0.0198 103 LYS A CG  
456 C  CD  . LYS A 70 ? 0.5486 0.5501 0.7398 0.1741  0.0233  0.0105  103 LYS A CD  
457 C  CE  . LYS A 70 ? 0.5506 0.5085 0.7749 0.1644  0.0413  0.0207  103 LYS A CE  
458 N  NZ  . LYS A 70 ? 0.6513 0.5902 0.8423 0.2106  0.0764  0.0608  103 LYS A NZ  
459 N  N   . LEU A 71 ? 0.3224 0.3736 0.5587 0.1462  -0.0158 -0.0696 104 LEU A N   
460 C  CA  . LEU A 71 ? 0.3221 0.3559 0.5785 0.1505  0.0015  -0.0684 104 LEU A CA  
461 C  C   . LEU A 71 ? 0.2841 0.3355 0.6099 0.1550  0.0026  -0.0935 104 LEU A C   
462 O  O   . LEU A 71 ? 0.3304 0.3720 0.6704 0.1608  0.0108  -0.0924 104 LEU A O   
463 C  CB  . LEU A 71 ? 0.3277 0.3515 0.5888 0.1598  0.0298  -0.0522 104 LEU A CB  
464 C  CG  . LEU A 71 ? 0.3864 0.4027 0.5801 0.1759  0.0214  -0.0421 104 LEU A CG  
465 C  CD1 . LEU A 71 ? 0.4133 0.4280 0.5945 0.2056  0.0515  -0.0222 104 LEU A CD1 
466 C  CD2 . LEU A 71 ? 0.4321 0.4292 0.5877 0.1958  0.0161  -0.0443 104 LEU A CD2 
467 N  N   . LYS A 72 ? 0.5102 0.3838 0.6301 0.0679  -0.0288 -0.1111 105 LYS A N   
468 C  CA  . LYS A 72 ? 0.5301 0.4165 0.6867 0.0496  -0.0451 -0.1463 105 LYS A CA  
469 C  C   . LYS A 72 ? 0.5045 0.4620 0.5800 0.0489  -0.0351 -0.1403 105 LYS A C   
470 O  O   . LYS A 72 ? 0.5096 0.4811 0.6058 0.0299  -0.0410 -0.1251 105 LYS A O   
471 C  CB  . LYS A 72 ? 0.5792 0.4730 0.8087 0.0680  -0.0753 -0.2523 105 LYS A CB  
472 C  CG  . LYS A 72 ? 0.6558 0.5434 0.9925 0.0463  -0.1123 -0.3067 105 LYS A CG  
473 C  CD  . LYS A 72 ? 0.7042 0.6386 1.1113 0.0785  -0.1521 -0.4583 105 LYS A CD  
474 N  N   . GLN A 73 ? 0.4531 0.4619 0.4609 0.0682  -0.0207 -0.1370 106 GLN A N   
475 C  CA  . GLN A 73 ? 0.4523 0.5274 0.4117 0.0702  -0.0204 -0.1044 106 GLN A CA  
476 C  C   . GLN A 73 ? 0.4227 0.4634 0.4052 0.0614  -0.0160 -0.0519 106 GLN A C   
477 O  O   . GLN A 73 ? 0.4059 0.4732 0.4034 0.0602  -0.0312 -0.0382 106 GLN A O   
478 C  CB  . GLN A 73 ? 0.4830 0.6390 0.3931 0.0861  -0.0010 -0.0824 106 GLN A CB  
479 C  CG  . GLN A 73 ? 0.5481 0.8068 0.4219 0.1089  -0.0034 -0.1619 106 GLN A CG  
480 C  CD  . GLN A 73 ? 0.6132 0.9966 0.4400 0.1240  0.0345  -0.1315 106 GLN A CD  
481 O  OE1 . GLN A 73 ? 0.6374 1.0066 0.4856 0.1086  0.0596  -0.0388 106 GLN A OE1 
482 N  NE2 . GLN A 73 ? 0.7299 1.2573 0.5139 0.1546  0.0381  -0.2186 106 GLN A NE2 
483 N  N   . LEU A 74 ? 0.3868 0.3866 0.3850 0.0626  -0.0025 -0.0399 107 LEU A N   
484 C  CA  . LEU A 74 ? 0.3642 0.3628 0.3944 0.0663  -0.0031 -0.0295 107 LEU A CA  
485 C  C   . LEU A 74 ? 0.3812 0.4030 0.4252 0.0570  -0.0010 -0.0372 107 LEU A C   
486 O  O   . LEU A 74 ? 0.3528 0.4112 0.4349 0.0656  -0.0056 -0.0479 107 LEU A O   
487 C  CB  . LEU A 74 ? 0.3902 0.3766 0.4258 0.0766  0.0016  -0.0381 107 LEU A CB  
488 C  CG  . LEU A 74 ? 0.3565 0.3376 0.4270 0.0808  0.0015  -0.0299 107 LEU A CG  
489 C  CD1 . LEU A 74 ? 0.4069 0.3875 0.4873 0.0930  -0.0037 -0.0527 107 LEU A CD1 
490 C  CD2 . LEU A 74 ? 0.3767 0.3598 0.5366 0.0813  -0.0132 -0.0143 107 LEU A CD2 
491 N  N   . GLU A 75 ? 0.3854 0.3932 0.4296 0.0391  0.0048  -0.0293 108 GLU A N   
492 C  CA  . GLU A 75 ? 0.4173 0.4655 0.5044 0.0172  0.0147  -0.0127 108 GLU A CA  
493 C  C   . GLU A 75 ? 0.3903 0.4676 0.5189 0.0099  -0.0030 -0.0388 108 GLU A C   
494 O  O   . GLU A 75 ? 0.3483 0.4917 0.5237 0.0046  0.0059  -0.0388 108 GLU A O   
495 C  CB  . GLU A 75 ? 0.4593 0.4699 0.5919 -0.0086 0.0160  0.0249  108 GLU A CB  
496 C  CG  . GLU A 75 ? 0.5745 0.5953 0.6738 0.0001  0.0301  0.0811  108 GLU A CG  
497 C  CD  . GLU A 75 ? 0.6525 0.7981 0.7162 0.0046  0.0606  0.1108  108 GLU A CD  
498 O  OE1 . GLU A 75 ? 0.6928 0.9088 0.8078 -0.0221 0.0830  0.1406  108 GLU A OE1 
499 O  OE2 . GLU A 75 ? 0.6616 0.8581 0.6583 0.0375  0.0609  0.0918  108 GLU A OE2 
500 N  N   . GLU A 76 ? 0.3938 0.4527 0.5056 0.0161  -0.0296 -0.0666 109 GLU A N   
501 C  CA  . GLU A 76 ? 0.4017 0.5133 0.5376 0.0183  -0.0603 -0.0914 109 GLU A CA  
502 C  C   . GLU A 76 ? 0.3761 0.5212 0.5132 0.0430  -0.0679 -0.0660 109 GLU A C   
503 O  O   . GLU A 76 ? 0.3438 0.5414 0.5404 0.0464  -0.0880 -0.0749 109 GLU A O   
504 C  CB  . GLU A 76 ? 0.4390 0.5738 0.5335 0.0303  -0.0896 -0.1353 109 GLU A CB  
505 C  CG  . GLU A 76 ? 0.5185 0.7392 0.6363 0.0358  -0.1356 -0.1749 109 GLU A CG  
506 N  N   . GLU A 77 ? 0.3057 0.5463 0.4676 0.1552  -0.0399 -0.1740 110 GLU A N   
507 C  CA  . GLU A 77 ? 0.3309 0.5618 0.4423 0.1445  0.0094  -0.1107 110 GLU A CA  
508 C  C   . GLU A 77 ? 0.3379 0.4807 0.4466 0.1104  0.0146  -0.0871 110 GLU A C   
509 O  O   . GLU A 77 ? 0.3350 0.4655 0.4327 0.1106  0.0379  -0.0582 110 GLU A O   
510 C  CB  . GLU A 77 ? 0.3573 0.6110 0.4850 0.1367  0.0480  -0.0834 110 GLU A CB  
511 C  CG  . GLU A 77 ? 0.4188 0.6617 0.5932 0.1292  0.1104  -0.0112 110 GLU A CG  
512 N  N   . LYS A 78 ? 0.3246 0.4424 0.4482 0.0931  -0.0063 -0.0932 111 LYS A N   
513 C  CA  . LYS A 78 ? 0.3203 0.4292 0.4351 0.0786  -0.0040 -0.0705 111 LYS A CA  
514 C  C   . LYS A 78 ? 0.3205 0.4035 0.4451 0.0824  -0.0108 -0.0484 111 LYS A C   
515 O  O   . LYS A 78 ? 0.3375 0.4166 0.4382 0.0746  0.0067  -0.0372 111 LYS A O   
516 C  CB  . LYS A 78 ? 0.3361 0.4971 0.4685 0.0853  -0.0234 -0.0488 111 LYS A CB  
517 C  CG  . LYS A 78 ? 0.3422 0.5696 0.4648 0.0826  -0.0183 -0.0941 111 LYS A CG  
518 C  CD  . LYS A 78 ? 0.4024 0.7186 0.5390 0.1080  -0.0407 -0.0643 111 LYS A CD  
519 C  CE  . LYS A 78 ? 0.4760 0.9100 0.6044 0.1347  -0.0420 0.0061  111 LYS A CE  
520 N  NZ  . LYS A 78 ? 0.5201 1.0857 0.6735 0.1772  -0.0553 0.0676  111 LYS A NZ  
521 N  N   . ARG A 79 ? 0.3460 0.4221 0.5379 0.0954  -0.0371 -0.0626 112 ARG A N   
522 C  CA  . ARG A 79 ? 0.3530 0.4185 0.6077 0.0970  -0.0473 -0.0649 112 ARG A CA  
523 C  C   . ARG A 79 ? 0.3472 0.4432 0.5327 0.1117  -0.0345 -0.0902 112 ARG A C   
524 O  O   . ARG A 79 ? 0.3372 0.4238 0.5146 0.1063  -0.0256 -0.0713 112 ARG A O   
525 C  CB  . ARG A 79 ? 0.3919 0.4628 0.8135 0.1095  -0.0814 -0.1170 112 ARG A CB  
526 C  CG  . ARG A 79 ? 0.4784 0.5565 1.0332 0.1104  -0.0965 -0.1583 112 ARG A CG  
527 C  CD  . ARG A 79 ? 0.5722 0.6686 1.3730 0.1235  -0.1331 -0.2546 112 ARG A CD  
528 N  NE  . ARG A 79 ? 0.6880 0.8475 1.6332 0.1346  -0.1585 -0.3691 112 ARG A NE  
529 C  CZ  . ARG A 79 ? 0.7307 1.0407 1.6461 0.1776  -0.1896 -0.5156 112 ARG A CZ  
530 N  NH1 . ARG A 79 ? 0.7460 1.1483 1.4958 0.2123  -0.1902 -0.5376 112 ARG A NH1 
531 N  NH2 . ARG A 79 ? 0.7695 1.1769 1.8342 0.1941  -0.2180 -0.6392 112 ARG A NH2 
532 N  N   . ARG A 80 ? 0.3585 0.5179 0.5021 0.1390  -0.0282 -0.1152 113 ARG A N   
533 C  CA  . ARG A 80 ? 0.3872 0.6267 0.4759 0.1738  -0.0030 -0.0944 113 ARG A CA  
534 C  C   . ARG A 80 ? 0.3612 0.5324 0.4240 0.1536  0.0415  -0.0230 113 ARG A C   
535 O  O   . ARG A 80 ? 0.3639 0.5602 0.4171 0.1724  0.0551  0.0030  113 ARG A O   
536 C  CB  . ARG A 80 ? 0.4144 0.7711 0.4785 0.2143  0.0119  -0.0892 113 ARG A CB  
537 C  CG  . ARG A 80 ? 0.5423 1.0868 0.5699 0.2845  0.0317  -0.0581 113 ARG A CG  
538 C  CD  . ARG A 80 ? 0.6192 1.2718 0.6347 0.3201  0.0824  0.0297  113 ARG A CD  
539 N  NE  . ARG A 80 ? 0.7171 1.2453 0.7840 0.2869  0.1474  0.1473  113 ARG A NE  
540 C  CZ  . ARG A 80 ? 0.7921 1.3676 0.9287 0.3028  0.2131  0.2589  113 ARG A CZ  
541 N  NH1 . ARG A 80 ? 0.8286 1.5970 0.9455 0.3581  0.2270  0.2919  113 ARG A NH1 
542 N  NH2 . ARG A 80 ? 0.8137 1.2610 1.0779 0.2662  0.2685  0.3320  113 ARG A NH2 
543 N  N   . GLN A 81 ? 0.3459 0.4516 0.4251 0.1204  0.0605  -0.0114 114 GLN A N   
544 C  CA  . GLN A 81 ? 0.3332 0.3928 0.4537 0.1013  0.0967  0.0070  114 GLN A CA  
545 C  C   . GLN A 81 ? 0.3215 0.3642 0.4224 0.0923  0.0824  -0.0042 114 GLN A C   
546 O  O   . GLN A 81 ? 0.3365 0.3682 0.4690 0.0985  0.1080  0.0125  114 GLN A O   
547 C  CB  . GLN A 81 ? 0.3426 0.3872 0.5195 0.0716  0.1053  -0.0347 114 GLN A CB  
548 C  CG  . GLN A 81 ? 0.3859 0.4415 0.6351 0.0729  0.1370  -0.0177 114 GLN A CG  
549 C  CD  . GLN A 81 ? 0.4675 0.5113 0.8558 0.0830  0.2014  0.0484  114 GLN A CD  
550 O  OE1 . GLN A 81 ? 0.4943 0.4982 0.9969 0.0692  0.2240  0.0264  114 GLN A OE1 
551 N  NE2 . GLN A 81 ? 0.5084 0.6116 0.9192 0.1154  0.2368  0.1384  114 GLN A NE2 
552 N  N   . LYS A 82 ? 0.3185 0.3683 0.3965 0.0821  0.0478  -0.0173 115 LYS A N   
553 C  CA  . LYS A 82 ? 0.3300 0.3898 0.4081 0.0756  0.0412  -0.0060 115 LYS A CA  
554 C  C   . LYS A 82 ? 0.3306 0.3927 0.4138 0.0931  0.0365  -0.0026 115 LYS A C   
555 O  O   . LYS A 82 ? 0.3343 0.3991 0.4121 0.0959  0.0511  0.0060  115 LYS A O   
556 C  CB  . LYS A 82 ? 0.3416 0.4304 0.4501 0.0684  0.0206  0.0237  115 LYS A CB  
557 C  CG  . LYS A 82 ? 0.4210 0.5747 0.5110 0.0691  0.0227  0.0268  115 LYS A CG  
558 C  CD  . LYS A 82 ? 0.5253 0.7592 0.6596 0.0809  0.0185  0.1104  115 LYS A CD  
559 C  CE  . LYS A 82 ? 0.5629 0.8763 0.6974 0.0983  0.0115  0.1335  115 LYS A CE  
560 N  NZ  . LYS A 82 ? 0.6285 0.9610 0.8824 0.1139  0.0121  0.2513  115 LYS A NZ  
561 N  N   . ILE A 83 ? 0.3327 0.4248 0.4390 0.1123  0.0126  -0.0294 116 ILE A N   
562 C  CA  . ILE A 83 ? 0.3393 0.5003 0.4640 0.1427  -0.0016 -0.0607 116 ILE A CA  
563 C  C   . ILE A 83 ? 0.3542 0.5588 0.4203 0.1779  0.0321  -0.0158 116 ILE A C   
564 O  O   . ILE A 83 ? 0.3903 0.6241 0.4564 0.1928  0.0351  -0.0097 116 ILE A O   
565 C  CB  . ILE A 83 ? 0.3527 0.6078 0.5384 0.1726  -0.0397 -0.1440 116 ILE A CB  
566 C  CG1 . ILE A 83 ? 0.3604 0.5564 0.6930 0.1387  -0.0673 -0.1787 116 ILE A CG1 
567 C  CG2 . ILE A 83 ? 0.3683 0.7714 0.5686 0.2221  -0.0584 -0.2050 116 ILE A CG2 
568 C  CD1 . ILE A 83 ? 0.3889 0.6590 0.8310 0.1629  -0.1053 -0.2846 116 ILE A CD1 
569 N  N   . GLU A 84 ? 0.3939 0.6059 0.4416 0.1932  0.0636  0.0299  117 GLU A N   
570 C  CA  . GLU A 84 ? 0.4187 0.6761 0.4787 0.2341  0.1136  0.1166  117 GLU A CA  
571 C  C   . GLU A 84 ? 0.3965 0.5636 0.5048 0.2114  0.1390  0.1368  117 GLU A C   
572 O  O   . GLU A 84 ? 0.4471 0.6610 0.5780 0.2509  0.1628  0.1915  117 GLU A O   
573 C  CB  . GLU A 84 ? 0.4469 0.6986 0.5493 0.2365  0.1535  0.1726  117 GLU A CB  
574 C  CG  . GLU A 84 ? 0.5724 0.8900 0.7581 0.2869  0.2226  0.3064  117 GLU A CG  
575 C  CD  . GLU A 84 ? 0.5945 0.9244 0.8566 0.2865  0.2645  0.3659  117 GLU A CD  
576 O  OE1 . GLU A 84 ? 0.6609 1.0645 0.8453 0.2935  0.2345  0.3220  117 GLU A OE1 
577 O  OE2 . GLU A 84 ? 0.7612 1.0313 1.1990 0.2796  0.3306  0.4519  117 GLU A OE2 
578 N  N   A MSE A 85 ? 0.2519 0.3992 0.5049 0.0813  0.0787  0.1176  118 MSE A N   
579 N  N   B MSE A 85 ? 0.3035 0.4506 0.5518 0.0808  0.0770  0.1147  118 MSE A N   
580 C  CA  A MSE A 85 ? 0.2470 0.3370 0.5204 0.0529  0.0780  0.0987  118 MSE A CA  
581 C  CA  B MSE A 85 ? 0.3285 0.4159 0.6055 0.0515  0.0779  0.0985  118 MSE A CA  
582 C  C   A MSE A 85 ? 0.2053 0.3165 0.4057 0.0571  0.0705  0.0590  118 MSE A C   
583 C  C   B MSE A 85 ? 0.2982 0.3869 0.4992 0.0393  0.0655  0.0466  118 MSE A C   
584 O  O   A MSE A 85 ? 0.2194 0.3495 0.4547 0.0792  0.0870  0.0679  118 MSE A O   
585 O  O   B MSE A 85 ? 0.3142 0.3933 0.5538 0.0317  0.0771  0.0269  118 MSE A O   
586 C  CB  A MSE A 85 ? 0.2161 0.2458 0.4928 0.0010  0.0437  0.0470  118 MSE A CB  
587 C  CB  B MSE A 85 ? 0.3440 0.3750 0.6773 0.0067  0.0544  0.0611  118 MSE A CB  
588 C  CG  A MSE A 85 ? 0.2039 0.2208 0.5142 -0.0254 0.0481  -0.0020 118 MSE A CG  
589 C  CG  B MSE A 85 ? 0.3979 0.4005 0.6258 -0.0302 0.0058  0.0124  118 MSE A CG  
590 SE SE  A MSE A 85 ? 0.2742 0.2902 0.5261 -0.0753 -0.0032 -0.0816 118 MSE A SE  
591 SE SE  B MSE A 85 ? 0.6488 0.6589 0.8513 -0.0716 0.0065  -0.0616 118 MSE A SE  
592 C  CE  A MSE A 85 ? 0.2986 0.2926 0.3521 -0.0935 -0.0165 -0.0461 118 MSE A CE  
593 C  CE  B MSE A 85 ? 0.3976 0.4260 0.5531 -0.0944 -0.0580 -0.1043 118 MSE A CE  
594 N  N   . TRP A 86 ? 0.2578 0.3614 0.3935 0.0351  0.0465  0.0132  119 TRP A N   
595 C  CA  . TRP A 86 ? 0.2787 0.4026 0.3891 0.0284  0.0498  -0.0397 119 TRP A CA  
596 C  C   . TRP A 86 ? 0.3061 0.5377 0.4321 0.0987  0.0553  -0.0453 119 TRP A C   
597 O  O   . TRP A 86 ? 0.3355 0.5961 0.4770 0.1100  0.0586  -0.0831 119 TRP A O   
598 C  CB  . TRP A 86 ? 0.3125 0.4075 0.4112 -0.0050 0.0359  -0.0718 119 TRP A CB  
599 C  CG  . TRP A 86 ? 0.3356 0.3468 0.3828 -0.0645 0.0301  -0.0455 119 TRP A CG  
600 C  CD1 . TRP A 86 ? 0.3817 0.3455 0.4138 -0.0759 -0.0026 -0.0047 119 TRP A CD1 
601 C  CD2 . TRP A 86 ? 0.3704 0.3691 0.3660 -0.1104 0.0541  -0.0622 119 TRP A CD2 
602 N  NE1 . TRP A 86 ? 0.4579 0.3903 0.4085 -0.1177 -0.0064 0.0173  119 TRP A NE1 
603 C  CE2 . TRP A 86 ? 0.4843 0.4464 0.4056 -0.1427 0.0345  -0.0209 119 TRP A CE2 
604 C  CE3 . TRP A 86 ? 0.4469 0.4824 0.4572 -0.1227 0.0887  -0.1166 119 TRP A CE3 
605 C  CZ2 . TRP A 86 ? 0.5001 0.4858 0.3333 -0.1857 0.0550  -0.0298 119 TRP A CZ2 
606 C  CZ3 . TRP A 86 ? 0.5154 0.5604 0.4676 -0.1754 0.1157  -0.1391 119 TRP A CZ3 
607 C  CH2 . TRP A 86 ? 0.5694 0.6008 0.4205 -0.2055 0.1019  -0.0940 119 TRP A CH2 
608 N  N   . ASP A 87 ? 0.3480 0.6626 0.4678 0.1524  0.0551  -0.0104 120 ASP A N   
609 C  CA  . ASP A 87 ? 0.4262 0.8900 0.5251 0.2364  0.0544  -0.0047 120 ASP A CA  
610 C  C   . ASP A 87 ? 0.4833 0.9410 0.6016 0.2720  0.0732  0.0861  120 ASP A C   
611 O  O   . ASP A 87 ? 0.5556 1.1178 0.6588 0.3410  0.0587  0.0889  120 ASP A O   
612 C  CB  . ASP A 87 ? 0.4612 1.0549 0.5323 0.2879  0.0602  0.0132  120 ASP A CB  
613 C  CG  . ASP A 87 ? 0.4716 1.1371 0.5780 0.2852  0.0295  -0.1159 120 ASP A CG  
614 O  OD1 . ASP A 87 ? 0.5239 1.1193 0.6852 0.2407  0.0108  -0.1957 120 ASP A OD1 
615 O  OD2 . ASP A 87 ? 0.4828 1.2860 0.5894 0.3275  0.0306  -0.1426 120 ASP A OD2 
616 N  N   . SER A 88 ? 0.5015 0.8467 0.6854 0.2318  0.0994  0.1530  121 SER A N   
617 C  CA  . SER A 88 ? 0.5642 0.8898 0.8417 0.2654  0.1248  0.2518  121 SER A CA  
618 C  C   . SER A 88 ? 0.5364 0.8062 0.8916 0.2431  0.1081  0.1864  121 SER A C   
619 O  O   . SER A 88 ? 0.5907 0.8436 1.0674 0.2770  0.1184  0.2499  121 SER A O   
620 C  CB  . SER A 88 ? 0.5848 0.8273 0.9767 0.2310  0.1656  0.3254  121 SER A CB  
621 O  OG  . SER A 88 ? 0.5639 0.7031 1.0280 0.1544  0.1511  0.2340  121 SER A OG  
622 N  N   A MSE A 89 ? 0.5135 0.7610 0.8212 0.1874  0.0882  0.0638  122 MSE A N   
623 N  N   B MSE A 89 ? 0.4591 0.7041 0.7668 0.1858  0.0887  0.0646  122 MSE A N   
624 C  CA  A MSE A 89 ? 0.5314 0.7453 0.9120 0.1511  0.0854  -0.0219 122 MSE A CA  
625 C  CA  B MSE A 89 ? 0.4173 0.6271 0.7946 0.1469  0.0862  -0.0222 122 MSE A CA  
626 C  C   A MSE A 89 ? 0.5462 0.8360 0.9692 0.2146  0.0652  -0.0444 122 MSE A C   
627 C  C   B MSE A 89 ? 0.4417 0.7344 0.8227 0.1953  0.0649  -0.0752 122 MSE A C   
628 O  O   A MSE A 89 ? 0.5537 0.9455 0.9069 0.2783  0.0417  -0.0410 122 MSE A O   
629 O  O   B MSE A 89 ? 0.4471 0.8338 0.7550 0.2467  0.0444  -0.0818 122 MSE A O   
630 O  OXT A MSE A 89 ? 0.5511 0.8196 1.0995 0.2088  0.0651  -0.0842 122 MSE A OXT 
631 O  OXT B MSE A 89 ? 0.4305 0.7171 0.9122 0.1881  0.0634  -0.1331 122 MSE A OXT 
632 C  CB  A MSE A 89 ? 0.5066 0.6906 0.8142 0.0707  0.0885  -0.1207 122 MSE A CB  
633 C  CB  B MSE A 89 ? 0.3977 0.5580 0.7150 0.0589  0.0917  -0.1058 122 MSE A CB  
634 C  CG  A MSE A 89 ? 0.5393 0.6586 0.8336 0.0103  0.0949  -0.1197 122 MSE A CG  
635 C  CG  B MSE A 89 ? 0.3358 0.4371 0.6852 0.0172  0.0965  -0.0900 122 MSE A CG  
636 SE SE  A MSE A 89 ? 0.6207 0.7375 0.8296 -0.0805 0.1104  -0.2195 122 MSE A SE  
637 SE SE  B MSE A 89 ? 0.3842 0.4562 0.5832 -0.0576 0.0835  -0.1287 122 MSE A SE  
638 C  CE  A MSE A 89 ? 0.6126 0.6955 0.7661 -0.1115 0.0862  -0.1894 122 MSE A CE  
639 C  CE  B MSE A 89 ? 0.2926 0.4065 0.4838 -0.1165 0.1083  -0.2417 122 MSE A CE  
# 
